data_1IK7
# 
_entry.id   1IK7 
# 
_audit_conform.dict_name       mmcif_pdbx.dic 
_audit_conform.dict_version    5.386 
_audit_conform.dict_location   http://mmcif.pdb.org/dictionaries/ascii/mmcif_pdbx.dic 
# 
loop_
_database_2.database_id 
_database_2.database_code 
_database_2.pdbx_database_accession 
_database_2.pdbx_DOI 
PDB   1IK7         pdb_00001ik7 10.2210/pdb1ik7/pdb 
RCSB  RCSB013358   ?            ?                   
WWPDB D_1000013358 ?            ?                   
# 
loop_
_pdbx_audit_revision_history.ordinal 
_pdbx_audit_revision_history.data_content_type 
_pdbx_audit_revision_history.major_revision 
_pdbx_audit_revision_history.minor_revision 
_pdbx_audit_revision_history.revision_date 
1 'Structure model' 1 0 2002-07-31 
2 'Structure model' 1 1 2008-04-27 
3 'Structure model' 1 2 2011-07-13 
4 'Structure model' 1 3 2024-02-07 
# 
_pdbx_audit_revision_details.ordinal             1 
_pdbx_audit_revision_details.revision_ordinal    1 
_pdbx_audit_revision_details.data_content_type   'Structure model' 
_pdbx_audit_revision_details.provider            repository 
_pdbx_audit_revision_details.type                'Initial release' 
_pdbx_audit_revision_details.description         ? 
_pdbx_audit_revision_details.details             ? 
# 
loop_
_pdbx_audit_revision_group.ordinal 
_pdbx_audit_revision_group.revision_ordinal 
_pdbx_audit_revision_group.data_content_type 
_pdbx_audit_revision_group.group 
1 2 'Structure model' 'Version format compliance' 
2 3 'Structure model' 'Version format compliance' 
3 4 'Structure model' 'Data collection'           
4 4 'Structure model' 'Database references'       
5 4 'Structure model' 'Derived calculations'      
# 
loop_
_pdbx_audit_revision_category.ordinal 
_pdbx_audit_revision_category.revision_ordinal 
_pdbx_audit_revision_category.data_content_type 
_pdbx_audit_revision_category.category 
1 4 'Structure model' chem_comp_atom     
2 4 'Structure model' chem_comp_bond     
3 4 'Structure model' database_2         
4 4 'Structure model' struct_ref_seq_dif 
5 4 'Structure model' struct_site        
# 
loop_
_pdbx_audit_revision_item.ordinal 
_pdbx_audit_revision_item.revision_ordinal 
_pdbx_audit_revision_item.data_content_type 
_pdbx_audit_revision_item.item 
1 4 'Structure model' '_database_2.pdbx_DOI'                
2 4 'Structure model' '_database_2.pdbx_database_accession' 
3 4 'Structure model' '_struct_ref_seq_dif.details'         
4 4 'Structure model' '_struct_site.pdbx_auth_asym_id'      
5 4 'Structure model' '_struct_site.pdbx_auth_comp_id'      
6 4 'Structure model' '_struct_site.pdbx_auth_seq_id'       
# 
_pdbx_database_status.status_code                     REL 
_pdbx_database_status.entry_id                        1IK7 
_pdbx_database_status.recvd_initial_deposition_date   2001-05-02 
_pdbx_database_status.deposit_site                    RCSB 
_pdbx_database_status.process_site                    RCSB 
_pdbx_database_status.status_code_sf                  REL 
_pdbx_database_status.SG_entry                        . 
_pdbx_database_status.pdb_format_compatible           Y 
_pdbx_database_status.status_code_mr                  ? 
_pdbx_database_status.status_code_cs                  ? 
_pdbx_database_status.status_code_nmr_data            ? 
_pdbx_database_status.methods_development_category    ? 
# 
_pdbx_database_related.db_name        PDB 
_pdbx_database_related.db_id          1D2Z 
_pdbx_database_related.details        '1D2Z IS The Crystal Structure of A Complex between The Death Domains of Pelle and Tube' 
_pdbx_database_related.content_type   unspecified 
# 
loop_
_audit_author.name 
_audit_author.pdbx_ordinal 
'Xiao, T.'      1 
'Gardner, K.H.' 2 
'Sprang, S.R.'  3 
# 
_citation.id                        primary 
_citation.title                     
;Cosolvent-induced transformation   
of a death domain tertiary structure
;
_citation.journal_abbrev            Proc.Natl.Acad.Sci.USA 
_citation.journal_volume            99 
_citation.page_first                11151 
_citation.page_last                 11156 
_citation.year                      2002 
_citation.journal_id_ASTM           PNASA6 
_citation.country                   US 
_citation.journal_id_ISSN           0027-8424 
_citation.journal_id_CSD            0040 
_citation.book_publisher            ? 
_citation.pdbx_database_id_PubMed   12177432 
_citation.pdbx_database_id_DOI      10.1073/pnas.172188399 
# 
loop_
_citation_author.citation_id 
_citation_author.name 
_citation_author.ordinal 
_citation_author.identifier_ORCID 
primary 'Xiao, T.'      1 ? 
primary 'Gardner, K.H.' 2 ? 
primary 'Sprang, S.R.'  3 ? 
# 
loop_
_entity.id 
_entity.type 
_entity.src_method 
_entity.pdbx_description 
_entity.formula_weight 
_entity.pdbx_number_of_molecules 
_entity.pdbx_ec 
_entity.pdbx_mutation 
_entity.pdbx_fragment 
_entity.details 
1 polymer     man 'PROBABLE SERINE/THREONINE-PROTEIN KINASE Pelle' 12446.343 2  2.7.1.37 ? 'Death Domain' ? 
2 non-polymer syn 2-AMINO-2-HYDROXYMETHYL-PROPANE-1,3-DIOL         122.143   4  ?        ? ?              ? 
3 non-polymer syn '(4S)-2-METHYL-2,4-PENTANEDIOL'                  118.174   1  ?        ? ?              ? 
4 water       nat water                                            18.015    19 ?        ? ?              ? 
# 
_entity_name_com.entity_id   1 
_entity_name_com.name        PELLE 
# 
_entity_poly.entity_id                      1 
_entity_poly.type                           'polypeptide(L)' 
_entity_poly.nstd_linkage                   no 
_entity_poly.nstd_monomer                   no 
_entity_poly.pdbx_seq_one_letter_code       
;GSHMSHLDNTMAIRLLPLPVRAQLCAHLDALDVWQQLATAVKLYPDQVEQISSQKQRGRSASNEFLNIWGGQYNHTVQTL
FALFKKLKLHNAMRLIKDYVSEDLHKYI
;
_entity_poly.pdbx_seq_one_letter_code_can   
;GSHMSHLDNTMAIRLLPLPVRAQLCAHLDALDVWQQLATAVKLYPDQVEQISSQKQRGRSASNEFLNIWGGQYNHTVQTL
FALFKKLKLHNAMRLIKDYVSEDLHKYI
;
_entity_poly.pdbx_strand_id                 A,B 
_entity_poly.pdbx_target_identifier         ? 
# 
loop_
_pdbx_entity_nonpoly.entity_id 
_pdbx_entity_nonpoly.name 
_pdbx_entity_nonpoly.comp_id 
2 2-AMINO-2-HYDROXYMETHYL-PROPANE-1,3-DIOL TRS 
3 '(4S)-2-METHYL-2,4-PENTANEDIOL'          MPD 
4 water                                    HOH 
# 
loop_
_entity_poly_seq.entity_id 
_entity_poly_seq.num 
_entity_poly_seq.mon_id 
_entity_poly_seq.hetero 
1 1   GLY n 
1 2   SER n 
1 3   HIS n 
1 4   MET n 
1 5   SER n 
1 6   HIS n 
1 7   LEU n 
1 8   ASP n 
1 9   ASN n 
1 10  THR n 
1 11  MET n 
1 12  ALA n 
1 13  ILE n 
1 14  ARG n 
1 15  LEU n 
1 16  LEU n 
1 17  PRO n 
1 18  LEU n 
1 19  PRO n 
1 20  VAL n 
1 21  ARG n 
1 22  ALA n 
1 23  GLN n 
1 24  LEU n 
1 25  CYS n 
1 26  ALA n 
1 27  HIS n 
1 28  LEU n 
1 29  ASP n 
1 30  ALA n 
1 31  LEU n 
1 32  ASP n 
1 33  VAL n 
1 34  TRP n 
1 35  GLN n 
1 36  GLN n 
1 37  LEU n 
1 38  ALA n 
1 39  THR n 
1 40  ALA n 
1 41  VAL n 
1 42  LYS n 
1 43  LEU n 
1 44  TYR n 
1 45  PRO n 
1 46  ASP n 
1 47  GLN n 
1 48  VAL n 
1 49  GLU n 
1 50  GLN n 
1 51  ILE n 
1 52  SER n 
1 53  SER n 
1 54  GLN n 
1 55  LYS n 
1 56  GLN n 
1 57  ARG n 
1 58  GLY n 
1 59  ARG n 
1 60  SER n 
1 61  ALA n 
1 62  SER n 
1 63  ASN n 
1 64  GLU n 
1 65  PHE n 
1 66  LEU n 
1 67  ASN n 
1 68  ILE n 
1 69  TRP n 
1 70  GLY n 
1 71  GLY n 
1 72  GLN n 
1 73  TYR n 
1 74  ASN n 
1 75  HIS n 
1 76  THR n 
1 77  VAL n 
1 78  GLN n 
1 79  THR n 
1 80  LEU n 
1 81  PHE n 
1 82  ALA n 
1 83  LEU n 
1 84  PHE n 
1 85  LYS n 
1 86  LYS n 
1 87  LEU n 
1 88  LYS n 
1 89  LEU n 
1 90  HIS n 
1 91  ASN n 
1 92  ALA n 
1 93  MET n 
1 94  ARG n 
1 95  LEU n 
1 96  ILE n 
1 97  LYS n 
1 98  ASP n 
1 99  TYR n 
1 100 VAL n 
1 101 SER n 
1 102 GLU n 
1 103 ASP n 
1 104 LEU n 
1 105 HIS n 
1 106 LYS n 
1 107 TYR n 
1 108 ILE n 
# 
_entity_src_gen.entity_id                          1 
_entity_src_gen.pdbx_src_id                        1 
_entity_src_gen.pdbx_alt_source_flag               sample 
_entity_src_gen.pdbx_seq_type                      ? 
_entity_src_gen.pdbx_beg_seq_num                   ? 
_entity_src_gen.pdbx_end_seq_num                   ? 
_entity_src_gen.gene_src_common_name               'fruit fly' 
_entity_src_gen.gene_src_genus                     Drosophila 
_entity_src_gen.pdbx_gene_src_gene                 pelle 
_entity_src_gen.gene_src_species                   ? 
_entity_src_gen.gene_src_strain                    ? 
_entity_src_gen.gene_src_tissue                    ? 
_entity_src_gen.gene_src_tissue_fraction           ? 
_entity_src_gen.gene_src_details                   ? 
_entity_src_gen.pdbx_gene_src_fragment             ? 
_entity_src_gen.pdbx_gene_src_scientific_name      'Drosophila melanogaster' 
_entity_src_gen.pdbx_gene_src_ncbi_taxonomy_id     7227 
_entity_src_gen.pdbx_gene_src_variant              ? 
_entity_src_gen.pdbx_gene_src_cell_line            ? 
_entity_src_gen.pdbx_gene_src_atcc                 ? 
_entity_src_gen.pdbx_gene_src_organ                ? 
_entity_src_gen.pdbx_gene_src_organelle            ? 
_entity_src_gen.pdbx_gene_src_cell                 ? 
_entity_src_gen.pdbx_gene_src_cellular_location    ? 
_entity_src_gen.host_org_common_name               ? 
_entity_src_gen.pdbx_host_org_scientific_name      'Escherichia coli BL21(DE3)' 
_entity_src_gen.pdbx_host_org_ncbi_taxonomy_id     469008 
_entity_src_gen.host_org_genus                     Escherichia 
_entity_src_gen.pdbx_host_org_gene                 ? 
_entity_src_gen.pdbx_host_org_organ                ? 
_entity_src_gen.host_org_species                   'Escherichia coli' 
_entity_src_gen.pdbx_host_org_tissue               ? 
_entity_src_gen.pdbx_host_org_tissue_fraction      ? 
_entity_src_gen.pdbx_host_org_strain               'BL21(DE3)' 
_entity_src_gen.pdbx_host_org_variant              ? 
_entity_src_gen.pdbx_host_org_cell_line            ? 
_entity_src_gen.pdbx_host_org_atcc                 ? 
_entity_src_gen.pdbx_host_org_culture_collection   ? 
_entity_src_gen.pdbx_host_org_cell                 ? 
_entity_src_gen.pdbx_host_org_organelle            ? 
_entity_src_gen.pdbx_host_org_cellular_location    CYTOPLASM 
_entity_src_gen.pdbx_host_org_vector_type          Plasmid 
_entity_src_gen.pdbx_host_org_vector               ? 
_entity_src_gen.host_org_details                   ? 
_entity_src_gen.expression_system_id               ? 
_entity_src_gen.plasmid_name                       pET15b 
_entity_src_gen.plasmid_details                    ? 
_entity_src_gen.pdbx_description                   ? 
# 
loop_
_chem_comp.id 
_chem_comp.type 
_chem_comp.mon_nstd_flag 
_chem_comp.name 
_chem_comp.pdbx_synonyms 
_chem_comp.formula 
_chem_comp.formula_weight 
ALA 'L-peptide linking' y ALANINE                                  ?             'C3 H7 N O2'     89.093  
ARG 'L-peptide linking' y ARGININE                                 ?             'C6 H15 N4 O2 1' 175.209 
ASN 'L-peptide linking' y ASPARAGINE                               ?             'C4 H8 N2 O3'    132.118 
ASP 'L-peptide linking' y 'ASPARTIC ACID'                          ?             'C4 H7 N O4'     133.103 
CYS 'L-peptide linking' y CYSTEINE                                 ?             'C3 H7 N O2 S'   121.158 
GLN 'L-peptide linking' y GLUTAMINE                                ?             'C5 H10 N2 O3'   146.144 
GLU 'L-peptide linking' y 'GLUTAMIC ACID'                          ?             'C5 H9 N O4'     147.129 
GLY 'peptide linking'   y GLYCINE                                  ?             'C2 H5 N O2'     75.067  
HIS 'L-peptide linking' y HISTIDINE                                ?             'C6 H10 N3 O2 1' 156.162 
HOH non-polymer         . WATER                                    ?             'H2 O'           18.015  
ILE 'L-peptide linking' y ISOLEUCINE                               ?             'C6 H13 N O2'    131.173 
LEU 'L-peptide linking' y LEUCINE                                  ?             'C6 H13 N O2'    131.173 
LYS 'L-peptide linking' y LYSINE                                   ?             'C6 H15 N2 O2 1' 147.195 
MET 'L-peptide linking' y METHIONINE                               ?             'C5 H11 N O2 S'  149.211 
MPD non-polymer         . '(4S)-2-METHYL-2,4-PENTANEDIOL'          ?             'C6 H14 O2'      118.174 
PHE 'L-peptide linking' y PHENYLALANINE                            ?             'C9 H11 N O2'    165.189 
PRO 'L-peptide linking' y PROLINE                                  ?             'C5 H9 N O2'     115.130 
SER 'L-peptide linking' y SERINE                                   ?             'C3 H7 N O3'     105.093 
THR 'L-peptide linking' y THREONINE                                ?             'C4 H9 N O3'     119.119 
TRP 'L-peptide linking' y TRYPTOPHAN                               ?             'C11 H12 N2 O2'  204.225 
TRS non-polymer         . 2-AMINO-2-HYDROXYMETHYL-PROPANE-1,3-DIOL 'TRIS BUFFER' 'C4 H12 N O3 1'  122.143 
TYR 'L-peptide linking' y TYROSINE                                 ?             'C9 H11 N O3'    181.189 
VAL 'L-peptide linking' y VALINE                                   ?             'C5 H11 N O2'    117.146 
# 
loop_
_pdbx_poly_seq_scheme.asym_id 
_pdbx_poly_seq_scheme.entity_id 
_pdbx_poly_seq_scheme.seq_id 
_pdbx_poly_seq_scheme.mon_id 
_pdbx_poly_seq_scheme.ndb_seq_num 
_pdbx_poly_seq_scheme.pdb_seq_num 
_pdbx_poly_seq_scheme.auth_seq_num 
_pdbx_poly_seq_scheme.pdb_mon_id 
_pdbx_poly_seq_scheme.auth_mon_id 
_pdbx_poly_seq_scheme.pdb_strand_id 
_pdbx_poly_seq_scheme.pdb_ins_code 
_pdbx_poly_seq_scheme.hetero 
A 1 1   GLY 1   22  ?   ?   ?   A . n 
A 1 2   SER 2   23  ?   ?   ?   A . n 
A 1 3   HIS 3   24  ?   ?   ?   A . n 
A 1 4   MET 4   25  ?   ?   ?   A . n 
A 1 5   SER 5   26  ?   ?   ?   A . n 
A 1 6   HIS 6   27  ?   ?   ?   A . n 
A 1 7   LEU 7   28  ?   ?   ?   A . n 
A 1 8   ASP 8   29  ?   ?   ?   A . n 
A 1 9   ASN 9   30  ?   ?   ?   A . n 
A 1 10  THR 10  31  ?   ?   ?   A . n 
A 1 11  MET 11  32  ?   ?   ?   A . n 
A 1 12  ALA 12  33  ?   ?   ?   A . n 
A 1 13  ILE 13  34  ?   ?   ?   A . n 
A 1 14  ARG 14  35  ?   ?   ?   A . n 
A 1 15  LEU 15  36  ?   ?   ?   A . n 
A 1 16  LEU 16  37  ?   ?   ?   A . n 
A 1 17  PRO 17  38  ?   ?   ?   A . n 
A 1 18  LEU 18  39  ?   ?   ?   A . n 
A 1 19  PRO 19  40  ?   ?   ?   A . n 
A 1 20  VAL 20  41  ?   ?   ?   A . n 
A 1 21  ARG 21  42  ?   ?   ?   A . n 
A 1 22  ALA 22  43  ?   ?   ?   A . n 
A 1 23  GLN 23  44  ?   ?   ?   A . n 
A 1 24  LEU 24  45  ?   ?   ?   A . n 
A 1 25  CYS 25  46  ?   ?   ?   A . n 
A 1 26  ALA 26  47  ?   ?   ?   A . n 
A 1 27  HIS 27  48  ?   ?   ?   A . n 
A 1 28  LEU 28  49  ?   ?   ?   A . n 
A 1 29  ASP 29  50  ?   ?   ?   A . n 
A 1 30  ALA 30  51  ?   ?   ?   A . n 
A 1 31  LEU 31  52  ?   ?   ?   A . n 
A 1 32  ASP 32  53  ?   ?   ?   A . n 
A 1 33  VAL 33  54  ?   ?   ?   A . n 
A 1 34  TRP 34  55  ?   ?   ?   A . n 
A 1 35  GLN 35  56  ?   ?   ?   A . n 
A 1 36  GLN 36  57  ?   ?   ?   A . n 
A 1 37  LEU 37  58  ?   ?   ?   A . n 
A 1 38  ALA 38  59  ?   ?   ?   A . n 
A 1 39  THR 39  60  ?   ?   ?   A . n 
A 1 40  ALA 40  61  ?   ?   ?   A . n 
A 1 41  VAL 41  62  ?   ?   ?   A . n 
A 1 42  LYS 42  63  ?   ?   ?   A . n 
A 1 43  LEU 43  64  ?   ?   ?   A . n 
A 1 44  TYR 44  65  ?   ?   ?   A . n 
A 1 45  PRO 45  66  ?   ?   ?   A . n 
A 1 46  ASP 46  67  ?   ?   ?   A . n 
A 1 47  GLN 47  68  ?   ?   ?   A . n 
A 1 48  VAL 48  69  ?   ?   ?   A . n 
A 1 49  GLU 49  70  ?   ?   ?   A . n 
A 1 50  GLN 50  71  ?   ?   ?   A . n 
A 1 51  ILE 51  72  ?   ?   ?   A . n 
A 1 52  SER 52  73  ?   ?   ?   A . n 
A 1 53  SER 53  74  ?   ?   ?   A . n 
A 1 54  GLN 54  75  ?   ?   ?   A . n 
A 1 55  LYS 55  76  ?   ?   ?   A . n 
A 1 56  GLN 56  77  ?   ?   ?   A . n 
A 1 57  ARG 57  78  78  ARG ARG A . n 
A 1 58  GLY 58  79  79  GLY GLY A . n 
A 1 59  ARG 59  80  80  ARG ARG A . n 
A 1 60  SER 60  81  81  SER SER A . n 
A 1 61  ALA 61  82  82  ALA ALA A . n 
A 1 62  SER 62  83  83  SER SER A . n 
A 1 63  ASN 63  84  84  ASN ASN A . n 
A 1 64  GLU 64  85  85  GLU GLU A . n 
A 1 65  PHE 65  86  86  PHE PHE A . n 
A 1 66  LEU 66  87  87  LEU LEU A . n 
A 1 67  ASN 67  88  88  ASN ASN A . n 
A 1 68  ILE 68  89  89  ILE ILE A . n 
A 1 69  TRP 69  90  90  TRP TRP A . n 
A 1 70  GLY 70  91  91  GLY GLY A . n 
A 1 71  GLY 71  92  92  GLY GLY A . n 
A 1 72  GLN 72  93  93  GLN GLN A . n 
A 1 73  TYR 73  94  94  TYR TYR A . n 
A 1 74  ASN 74  95  95  ASN ASN A . n 
A 1 75  HIS 75  96  96  HIS HIS A . n 
A 1 76  THR 76  97  97  THR THR A . n 
A 1 77  VAL 77  98  98  VAL VAL A . n 
A 1 78  GLN 78  99  99  GLN GLN A . n 
A 1 79  THR 79  100 100 THR THR A . n 
A 1 80  LEU 80  101 101 LEU LEU A . n 
A 1 81  PHE 81  102 102 PHE PHE A . n 
A 1 82  ALA 82  103 103 ALA ALA A . n 
A 1 83  LEU 83  104 104 LEU LEU A . n 
A 1 84  PHE 84  105 105 PHE PHE A . n 
A 1 85  LYS 85  106 106 LYS LYS A . n 
A 1 86  LYS 86  107 107 LYS LYS A . n 
A 1 87  LEU 87  108 108 LEU LEU A . n 
A 1 88  LYS 88  109 109 LYS LYS A . n 
A 1 89  LEU 89  110 110 LEU LEU A . n 
A 1 90  HIS 90  111 111 HIS HIS A . n 
A 1 91  ASN 91  112 112 ASN ASN A . n 
A 1 92  ALA 92  113 113 ALA ALA A . n 
A 1 93  MET 93  114 114 MET MET A . n 
A 1 94  ARG 94  115 115 ARG ARG A . n 
A 1 95  LEU 95  116 116 LEU LEU A . n 
A 1 96  ILE 96  117 117 ILE ILE A . n 
A 1 97  LYS 97  118 118 LYS LYS A . n 
A 1 98  ASP 98  119 119 ASP ASP A . n 
A 1 99  TYR 99  120 120 TYR TYR A . n 
A 1 100 VAL 100 121 121 VAL VAL A . n 
A 1 101 SER 101 122 122 SER SER A . n 
A 1 102 GLU 102 123 123 GLU GLU A . n 
A 1 103 ASP 103 124 124 ASP ASP A . n 
A 1 104 LEU 104 125 125 LEU LEU A . n 
A 1 105 HIS 105 126 126 HIS HIS A . n 
A 1 106 LYS 106 127 127 LYS LYS A . n 
A 1 107 TYR 107 128 128 TYR TYR A . n 
A 1 108 ILE 108 129 129 ILE ILE A . n 
B 1 1   GLY 1   22  ?   ?   ?   B . n 
B 1 2   SER 2   23  ?   ?   ?   B . n 
B 1 3   HIS 3   24  ?   ?   ?   B . n 
B 1 4   MET 4   25  ?   ?   ?   B . n 
B 1 5   SER 5   26  ?   ?   ?   B . n 
B 1 6   HIS 6   27  ?   ?   ?   B . n 
B 1 7   LEU 7   28  ?   ?   ?   B . n 
B 1 8   ASP 8   29  ?   ?   ?   B . n 
B 1 9   ASN 9   30  ?   ?   ?   B . n 
B 1 10  THR 10  31  ?   ?   ?   B . n 
B 1 11  MET 11  32  ?   ?   ?   B . n 
B 1 12  ALA 12  33  ?   ?   ?   B . n 
B 1 13  ILE 13  34  ?   ?   ?   B . n 
B 1 14  ARG 14  35  ?   ?   ?   B . n 
B 1 15  LEU 15  36  ?   ?   ?   B . n 
B 1 16  LEU 16  37  ?   ?   ?   B . n 
B 1 17  PRO 17  38  ?   ?   ?   B . n 
B 1 18  LEU 18  39  ?   ?   ?   B . n 
B 1 19  PRO 19  40  ?   ?   ?   B . n 
B 1 20  VAL 20  41  ?   ?   ?   B . n 
B 1 21  ARG 21  42  ?   ?   ?   B . n 
B 1 22  ALA 22  43  ?   ?   ?   B . n 
B 1 23  GLN 23  44  ?   ?   ?   B . n 
B 1 24  LEU 24  45  ?   ?   ?   B . n 
B 1 25  CYS 25  46  ?   ?   ?   B . n 
B 1 26  ALA 26  47  ?   ?   ?   B . n 
B 1 27  HIS 27  48  ?   ?   ?   B . n 
B 1 28  LEU 28  49  ?   ?   ?   B . n 
B 1 29  ASP 29  50  ?   ?   ?   B . n 
B 1 30  ALA 30  51  ?   ?   ?   B . n 
B 1 31  LEU 31  52  ?   ?   ?   B . n 
B 1 32  ASP 32  53  ?   ?   ?   B . n 
B 1 33  VAL 33  54  ?   ?   ?   B . n 
B 1 34  TRP 34  55  ?   ?   ?   B . n 
B 1 35  GLN 35  56  ?   ?   ?   B . n 
B 1 36  GLN 36  57  ?   ?   ?   B . n 
B 1 37  LEU 37  58  ?   ?   ?   B . n 
B 1 38  ALA 38  59  ?   ?   ?   B . n 
B 1 39  THR 39  60  ?   ?   ?   B . n 
B 1 40  ALA 40  61  ?   ?   ?   B . n 
B 1 41  VAL 41  62  ?   ?   ?   B . n 
B 1 42  LYS 42  63  ?   ?   ?   B . n 
B 1 43  LEU 43  64  ?   ?   ?   B . n 
B 1 44  TYR 44  65  ?   ?   ?   B . n 
B 1 45  PRO 45  66  ?   ?   ?   B . n 
B 1 46  ASP 46  67  ?   ?   ?   B . n 
B 1 47  GLN 47  68  ?   ?   ?   B . n 
B 1 48  VAL 48  69  ?   ?   ?   B . n 
B 1 49  GLU 49  70  ?   ?   ?   B . n 
B 1 50  GLN 50  71  ?   ?   ?   B . n 
B 1 51  ILE 51  72  ?   ?   ?   B . n 
B 1 52  SER 52  73  ?   ?   ?   B . n 
B 1 53  SER 53  74  ?   ?   ?   B . n 
B 1 54  GLN 54  75  ?   ?   ?   B . n 
B 1 55  LYS 55  76  ?   ?   ?   B . n 
B 1 56  GLN 56  77  ?   ?   ?   B . n 
B 1 57  ARG 57  78  ?   ?   ?   B . n 
B 1 58  GLY 58  79  ?   ?   ?   B . n 
B 1 59  ARG 59  80  ?   ?   ?   B . n 
B 1 60  SER 60  81  81  SER SER B . n 
B 1 61  ALA 61  82  82  ALA ALA B . n 
B 1 62  SER 62  83  83  SER SER B . n 
B 1 63  ASN 63  84  84  ASN ASN B . n 
B 1 64  GLU 64  85  85  GLU GLU B . n 
B 1 65  PHE 65  86  86  PHE PHE B . n 
B 1 66  LEU 66  87  87  LEU LEU B . n 
B 1 67  ASN 67  88  88  ASN ASN B . n 
B 1 68  ILE 68  89  89  ILE ILE B . n 
B 1 69  TRP 69  90  90  TRP TRP B . n 
B 1 70  GLY 70  91  91  GLY GLY B . n 
B 1 71  GLY 71  92  92  GLY GLY B . n 
B 1 72  GLN 72  93  93  GLN GLN B . n 
B 1 73  TYR 73  94  94  TYR TYR B . n 
B 1 74  ASN 74  95  95  ASN ASN B . n 
B 1 75  HIS 75  96  96  HIS HIS B . n 
B 1 76  THR 76  97  97  THR THR B . n 
B 1 77  VAL 77  98  98  VAL VAL B . n 
B 1 78  GLN 78  99  99  GLN GLN B . n 
B 1 79  THR 79  100 100 THR THR B . n 
B 1 80  LEU 80  101 101 LEU LEU B . n 
B 1 81  PHE 81  102 102 PHE PHE B . n 
B 1 82  ALA 82  103 103 ALA ALA B . n 
B 1 83  LEU 83  104 104 LEU LEU B . n 
B 1 84  PHE 84  105 105 PHE PHE B . n 
B 1 85  LYS 85  106 106 LYS LYS B . n 
B 1 86  LYS 86  107 107 LYS LYS B . n 
B 1 87  LEU 87  108 108 LEU LEU B . n 
B 1 88  LYS 88  109 109 LYS LYS B . n 
B 1 89  LEU 89  110 110 LEU LEU B . n 
B 1 90  HIS 90  111 111 HIS HIS B . n 
B 1 91  ASN 91  112 112 ASN ASN B . n 
B 1 92  ALA 92  113 113 ALA ALA B . n 
B 1 93  MET 93  114 114 MET MET B . n 
B 1 94  ARG 94  115 115 ARG ARG B . n 
B 1 95  LEU 95  116 116 LEU LEU B . n 
B 1 96  ILE 96  117 117 ILE ILE B . n 
B 1 97  LYS 97  118 118 LYS LYS B . n 
B 1 98  ASP 98  119 119 ASP ASP B . n 
B 1 99  TYR 99  120 120 TYR TYR B . n 
B 1 100 VAL 100 121 121 VAL VAL B . n 
B 1 101 SER 101 122 122 SER SER B . n 
B 1 102 GLU 102 123 123 GLU GLU B . n 
B 1 103 ASP 103 124 124 ASP ASP B . n 
B 1 104 LEU 104 125 125 LEU LEU B . n 
B 1 105 HIS 105 126 126 HIS HIS B . n 
B 1 106 LYS 106 127 127 LYS LYS B . n 
B 1 107 TYR 107 128 128 TYR TYR B . n 
B 1 108 ILE 108 129 129 ILE ILE B . n 
# 
loop_
_pdbx_nonpoly_scheme.asym_id 
_pdbx_nonpoly_scheme.entity_id 
_pdbx_nonpoly_scheme.mon_id 
_pdbx_nonpoly_scheme.ndb_seq_num 
_pdbx_nonpoly_scheme.pdb_seq_num 
_pdbx_nonpoly_scheme.auth_seq_num 
_pdbx_nonpoly_scheme.pdb_mon_id 
_pdbx_nonpoly_scheme.auth_mon_id 
_pdbx_nonpoly_scheme.pdb_strand_id 
_pdbx_nonpoly_scheme.pdb_ins_code 
C 2 TRS 1  203 3  TRS TRS A . 
D 2 TRS 1  204 4  TRS TRS A . 
E 3 MPD 1  205 1  MPD MPD A . 
F 2 TRS 1  201 1  TRS TRS B . 
G 2 TRS 1  202 2  TRS TRS B . 
H 4 HOH 1  1   1  HOH HOH A . 
H 4 HOH 2  4   4  HOH HOH A . 
H 4 HOH 3  5   5  HOH HOH A . 
H 4 HOH 4  6   6  HOH HOH A . 
H 4 HOH 5  12  12 HOH HOH A . 
H 4 HOH 6  13  13 HOH HOH A . 
H 4 HOH 7  15  15 HOH HOH A . 
H 4 HOH 8  17  17 HOH HOH A . 
H 4 HOH 9  18  18 HOH HOH A . 
H 4 HOH 10 19  19 HOH HOH A . 
I 4 HOH 1  2   2  HOH HOH B . 
I 4 HOH 2  3   3  HOH HOH B . 
I 4 HOH 3  7   7  HOH HOH B . 
I 4 HOH 4  8   8  HOH HOH B . 
I 4 HOH 5  9   9  HOH HOH B . 
I 4 HOH 6  10  10 HOH HOH B . 
I 4 HOH 7  11  11 HOH HOH B . 
I 4 HOH 8  14  14 HOH HOH B . 
I 4 HOH 9  16  16 HOH HOH B . 
# 
loop_
_software.name 
_software.classification 
_software.version 
_software.citation_id 
_software.pdbx_ordinal 
DENZO     'data reduction' .   ? 1 
SCALEPACK 'data scaling'   .   ? 2 
MLPHARE   phasing          .   ? 3 
CNS       refinement       1.0 ? 4 
# 
_cell.entry_id           1IK7 
_cell.length_a           70.106 
_cell.length_b           95.542 
_cell.length_c           103.196 
_cell.angle_alpha        90.00 
_cell.angle_beta         90.00 
_cell.angle_gamma        90.00 
_cell.Z_PDB              16 
_cell.pdbx_unique_axis   ? 
# 
_symmetry.entry_id                         1IK7 
_symmetry.space_group_name_H-M             'I 21 21 21' 
_symmetry.pdbx_full_space_group_name_H-M   ? 
_symmetry.cell_setting                     ? 
_symmetry.Int_Tables_number                24 
# 
_exptl.entry_id          1IK7 
_exptl.method            'X-RAY DIFFRACTION' 
_exptl.crystals_number   3 
# 
_exptl_crystal.id                    1 
_exptl_crystal.density_meas          ? 
_exptl_crystal.density_Matthews      3.47 
_exptl_crystal.density_percent_sol   64.55 
_exptl_crystal.description           ? 
# 
_exptl_crystal_grow.crystal_id      1 
_exptl_crystal_grow.method          'VAPOR DIFFUSION, HANGING DROP' 
_exptl_crystal_grow.temp            277.0 
_exptl_crystal_grow.temp_details    ? 
_exptl_crystal_grow.pH              8.0 
_exptl_crystal_grow.pdbx_details    
'45% 2-methyl-2,4-pentanediol, Tris, 0.4 M sodium chloride, pH 8.0, VAPOR DIFFUSION, HANGING DROP, temperature 277.0K' 
_exptl_crystal_grow.pdbx_pH_range   . 
# 
loop_
_diffrn.id 
_diffrn.ambient_temp 
_diffrn.ambient_temp_details 
_diffrn.crystal_id 
1 100 ? 1 
2 100 ? 1 
3 100 ? 1 
# 
loop_
_diffrn_detector.diffrn_id 
_diffrn_detector.detector 
_diffrn_detector.type 
_diffrn_detector.pdbx_collection_date 
_diffrn_detector.details 
1 CCD 'ADSC QUANTUM 4' 2000-02-10 mirrors 
2 CCD 'ADSC QUANTUM 4' 2000-02-10 mirrors 
3 CCD 'ADSC QUANTUM 4' 2000-02-10 mirrors 
# 
loop_
_diffrn_radiation.diffrn_id 
_diffrn_radiation.wavelength_id 
_diffrn_radiation.pdbx_monochromatic_or_laue_m_l 
_diffrn_radiation.monochromator 
_diffrn_radiation.pdbx_diffrn_protocol 
_diffrn_radiation.pdbx_scattering_type 
1 1 M 'YALE MIRRORS' 'SINGLE WAVELENGTH' x-ray 
2 1 M 'YALE MIRRORS' 'SINGLE WAVELENGTH' x-ray 
3 1 M crystal        MAD                 x-ray 
# 
loop_
_diffrn_radiation_wavelength.id 
_diffrn_radiation_wavelength.wavelength 
_diffrn_radiation_wavelength.wt 
1 0.9470 1.0 
2 0.9795 1.0 
3 0.9791 1.0 
4 0.9789 1.0 
5 0.9778 1.0 
# 
loop_
_diffrn_source.diffrn_id 
_diffrn_source.source 
_diffrn_source.type 
_diffrn_source.pdbx_synchrotron_site 
_diffrn_source.pdbx_synchrotron_beamline 
_diffrn_source.pdbx_wavelength 
_diffrn_source.pdbx_wavelength_list 
1 SYNCHROTRON 'CHESS BEAMLINE F1' CHESS F1 ? 0.9470                           
2 SYNCHROTRON 'CHESS BEAMLINE F1' CHESS F1 ? 0.9470                           
3 SYNCHROTRON 'CHESS BEAMLINE F2' CHESS F2 ? '0.9795, 0.9791, 0.9789, 0.9778' 
# 
_reflns.entry_id                     1IK7 
_reflns.observed_criterion_sigma_I   3.0 
_reflns.observed_criterion_sigma_F   1.0 
_reflns.d_resolution_low             25.0 
_reflns.d_resolution_high            2.3 
_reflns.number_obs                   15711 
_reflns.number_all                   15711 
_reflns.percent_possible_obs         99.4 
_reflns.pdbx_Rmerge_I_obs            0.0630000 
_reflns.pdbx_Rsym_value              0.0630000 
_reflns.pdbx_netI_over_sigmaI        19.6 
_reflns.B_iso_Wilson_estimate        47.7 
_reflns.pdbx_redundancy              5.6 
_reflns.R_free_details               ? 
_reflns.limit_h_max                  ? 
_reflns.limit_h_min                  ? 
_reflns.limit_k_max                  ? 
_reflns.limit_k_min                  ? 
_reflns.limit_l_max                  ? 
_reflns.limit_l_min                  ? 
_reflns.observed_criterion_F_max     ? 
_reflns.observed_criterion_F_min     ? 
_reflns.pdbx_diffrn_id               1,2,3 
_reflns.pdbx_ordinal                 1 
# 
_reflns_shell.d_res_high             2.3 
_reflns_shell.d_res_low              2.35 
_reflns_shell.percent_possible_all   99.8 
_reflns_shell.Rmerge_I_obs           0.2560000 
_reflns_shell.pdbx_Rsym_value        0.2560000 
_reflns_shell.meanI_over_sigI_obs    3.0 
_reflns_shell.pdbx_redundancy        4.0 
_reflns_shell.percent_possible_obs   ? 
_reflns_shell.number_unique_all      1022 
_reflns_shell.pdbx_diffrn_id         ? 
_reflns_shell.pdbx_ordinal           1 
# 
_refine.entry_id                                 1IK7 
_refine.ls_number_reflns_obs                     15265 
_refine.ls_number_reflns_all                     15711 
_refine.pdbx_ls_sigma_I                          0.0 
_refine.pdbx_ls_sigma_F                          0.0 
_refine.pdbx_data_cutoff_high_absF               361892.85 
_refine.pdbx_data_cutoff_low_absF                0.00 
_refine.ls_d_res_low                             24.79 
_refine.ls_d_res_high                            2.30 
_refine.ls_percent_reflns_obs                    97.0 
_refine.ls_R_factor_obs                          0.2390000 
_refine.ls_R_factor_all                          0.2680000 
_refine.ls_R_factor_R_work                       0.2390000 
_refine.ls_R_factor_R_free                       0.2580000 
_refine.ls_R_factor_R_free_error                 0.007 
_refine.ls_R_factor_R_free_error_details         ? 
_refine.ls_percent_reflns_R_free                 10.2 
_refine.ls_number_reflns_R_free                  1550 
_refine.ls_number_parameters                     ? 
_refine.ls_number_restraints                     ? 
_refine.occupancy_min                            ? 
_refine.occupancy_max                            ? 
_refine.B_iso_mean                               55.9 
_refine.aniso_B[1][1]                            18.55 
_refine.aniso_B[2][2]                            -9.90 
_refine.aniso_B[3][3]                            -8.66 
_refine.aniso_B[1][2]                            0.00 
_refine.aniso_B[1][3]                            0.00 
_refine.aniso_B[2][3]                            0.00 
_refine.solvent_model_details                    'FLAT MODEL' 
_refine.solvent_model_param_ksol                 0.358 
_refine.solvent_model_param_bsol                 54.12 
_refine.pdbx_ls_cross_valid_method               THROUGHOUT 
_refine.details                                  'maximum likelihood refinement target using amplitudes' 
_refine.pdbx_starting_model                      ? 
_refine.pdbx_method_to_determine_struct          MIR 
_refine.pdbx_isotropic_thermal_model             RESTRAINED 
_refine.pdbx_stereochemistry_target_values       'Engh & Huber' 
_refine.pdbx_stereochem_target_val_spec_case     ? 
_refine.pdbx_R_Free_selection_details            RANDOM 
_refine.pdbx_overall_ESU_R_Free                  ? 
_refine.overall_SU_B                             ? 
_refine.ls_redundancy_reflns_obs                 ? 
_refine.B_iso_min                                ? 
_refine.B_iso_max                                ? 
_refine.correlation_coeff_Fo_to_Fc               ? 
_refine.overall_SU_R_Cruickshank_DPI             ? 
_refine.overall_SU_R_free                        ? 
_refine.overall_SU_ML                            ? 
_refine.pdbx_overall_ESU_R                       ? 
_refine.pdbx_data_cutoff_high_rms_absF           ? 
_refine.correlation_coeff_Fo_to_Fc_free          ? 
_refine.pdbx_solvent_vdw_probe_radii             ? 
_refine.pdbx_solvent_ion_probe_radii             ? 
_refine.pdbx_solvent_shrinkage_radii             ? 
_refine.pdbx_refine_id                           'X-RAY DIFFRACTION' 
_refine.pdbx_diffrn_id                           1 
_refine.pdbx_TLS_residual_ADP_flag               ? 
_refine.pdbx_overall_phase_error                 ? 
_refine.pdbx_overall_SU_R_free_Cruickshank_DPI   ? 
_refine.pdbx_overall_SU_R_Blow_DPI               ? 
_refine.pdbx_overall_SU_R_free_Blow_DPI          ? 
# 
_refine_analyze.entry_id                        1IK7 
_refine_analyze.Luzzati_coordinate_error_obs    0.29 
_refine_analyze.Luzzati_sigma_a_obs             0.22 
_refine_analyze.Luzzati_d_res_low_obs           5.00 
_refine_analyze.Luzzati_coordinate_error_free   0.33 
_refine_analyze.Luzzati_sigma_a_free            0.26 
_refine_analyze.Luzzati_d_res_low_free          ? 
_refine_analyze.number_disordered_residues      ? 
_refine_analyze.occupancy_sum_hydrogen          ? 
_refine_analyze.occupancy_sum_non_hydrogen      ? 
_refine_analyze.pdbx_Luzzati_d_res_high_obs     ? 
_refine_analyze.pdbx_refine_id                  'X-RAY DIFFRACTION' 
# 
_refine_hist.pdbx_refine_id                   'X-RAY DIFFRACTION' 
_refine_hist.cycle_id                         LAST 
_refine_hist.pdbx_number_atoms_protein        848 
_refine_hist.pdbx_number_atoms_nucleic_acid   0 
_refine_hist.pdbx_number_atoms_ligand         32 
_refine_hist.number_atoms_solvent             27 
_refine_hist.number_atoms_total               907 
_refine_hist.d_res_high                       2.30 
_refine_hist.d_res_low                        24.79 
# 
loop_
_refine_ls_restr.type 
_refine_ls_restr.dev_ideal 
_refine_ls_restr.dev_ideal_target 
_refine_ls_restr.weight 
_refine_ls_restr.number 
_refine_ls_restr.pdbx_refine_id 
_refine_ls_restr.pdbx_restraint_function 
c_bond_d           0.006 ?    ? ? 'X-RAY DIFFRACTION' ? 
c_angle_deg        0.8   ?    ? ? 'X-RAY DIFFRACTION' ? 
c_dihedral_angle_d 17.0  ?    ? ? 'X-RAY DIFFRACTION' ? 
c_improper_angle_d 0.96  ?    ? ? 'X-RAY DIFFRACTION' ? 
c_mcbond_it        1.44  1.50 ? ? 'X-RAY DIFFRACTION' ? 
c_mcangle_it       2.46  2.00 ? ? 'X-RAY DIFFRACTION' ? 
c_scbond_it        2.08  2.00 ? ? 'X-RAY DIFFRACTION' ? 
c_scangle_it       3.39  2.50 ? ? 'X-RAY DIFFRACTION' ? 
# 
_refine_ls_shell.pdbx_total_number_of_bins_used   6 
_refine_ls_shell.d_res_high                       2.30 
_refine_ls_shell.d_res_low                        2.44 
_refine_ls_shell.number_reflns_R_work             2181 
_refine_ls_shell.R_factor_R_work                  0.2640000 
_refine_ls_shell.percent_reflns_obs               94.0 
_refine_ls_shell.R_factor_R_free                  0.3080000 
_refine_ls_shell.R_factor_R_free_error            0.020 
_refine_ls_shell.percent_reflns_R_free            9.9 
_refine_ls_shell.number_reflns_R_free             240 
_refine_ls_shell.number_reflns_obs                1800 
_refine_ls_shell.redundancy_reflns_obs            ? 
_refine_ls_shell.number_reflns_all                ? 
_refine_ls_shell.pdbx_refine_id                   'X-RAY DIFFRACTION' 
_refine_ls_shell.R_factor_all                     ? 
# 
loop_
_pdbx_xplor_file.serial_no 
_pdbx_xplor_file.param_file 
_pdbx_xplor_file.topol_file 
_pdbx_xplor_file.pdbx_refine_id 
1 PROTEIN.PARAM PROTEIN.TOP 'X-RAY DIFFRACTION' 
2 WATER.PARAM   WATER.TOP   'X-RAY DIFFRACTION' 
3 MPD.PARAM     MPD.TOP     'X-RAY DIFFRACTION' 
4 TRS.PARAM     TRS.TOP     'X-RAY DIFFRACTION' 
# 
_struct.entry_id                  1IK7 
_struct.title                     'Crystal Structure of the Uncomplexed Pelle Death Domain' 
_struct.pdbx_model_details        ? 
_struct.pdbx_CASP_flag            ? 
_struct.pdbx_model_type_details   ? 
# 
_struct_keywords.entry_id        1IK7 
_struct_keywords.pdbx_keywords   TRANSFERASE 
_struct_keywords.text            'siNgle helix, MPD crystallization, structural transition, TRANSFERASE' 
# 
loop_
_struct_asym.id 
_struct_asym.pdbx_blank_PDB_chainid_flag 
_struct_asym.pdbx_modified 
_struct_asym.entity_id 
_struct_asym.details 
A N N 1 ? 
B N N 1 ? 
C N N 2 ? 
D N N 2 ? 
E N N 3 ? 
F N N 2 ? 
G N N 2 ? 
H N N 4 ? 
I N N 4 ? 
# 
_struct_ref.id                         1 
_struct_ref.db_name                    UNP 
_struct_ref.db_code                    KPEL_DROME 
_struct_ref.entity_id                  1 
_struct_ref.pdbx_seq_one_letter_code   
;SHLDNTMAIRLLPLPVRAQLCAHLDALDVWQQLATAVKLYPDQVEQISSQKQRGRSASNEFLNIWGGQYNHTVQTLFALF
KKLKLHNAMRLIKDYVSEDLHKYI
;
_struct_ref.pdbx_align_begin           26 
_struct_ref.pdbx_db_accession          Q05652 
_struct_ref.pdbx_db_isoform            ? 
# 
loop_
_struct_ref_seq.align_id 
_struct_ref_seq.ref_id 
_struct_ref_seq.pdbx_PDB_id_code 
_struct_ref_seq.pdbx_strand_id 
_struct_ref_seq.seq_align_beg 
_struct_ref_seq.pdbx_seq_align_beg_ins_code 
_struct_ref_seq.seq_align_end 
_struct_ref_seq.pdbx_seq_align_end_ins_code 
_struct_ref_seq.pdbx_db_accession 
_struct_ref_seq.db_align_beg 
_struct_ref_seq.pdbx_db_align_beg_ins_code 
_struct_ref_seq.db_align_end 
_struct_ref_seq.pdbx_db_align_end_ins_code 
_struct_ref_seq.pdbx_auth_seq_align_beg 
_struct_ref_seq.pdbx_auth_seq_align_end 
1 1 1IK7 A 5 ? 108 ? Q05652 26 ? 129 ? 26 129 
2 1 1IK7 B 5 ? 108 ? Q05652 26 ? 129 ? 26 129 
# 
loop_
_struct_ref_seq_dif.align_id 
_struct_ref_seq_dif.pdbx_pdb_id_code 
_struct_ref_seq_dif.mon_id 
_struct_ref_seq_dif.pdbx_pdb_strand_id 
_struct_ref_seq_dif.seq_num 
_struct_ref_seq_dif.pdbx_pdb_ins_code 
_struct_ref_seq_dif.pdbx_seq_db_name 
_struct_ref_seq_dif.pdbx_seq_db_accession_code 
_struct_ref_seq_dif.db_mon_id 
_struct_ref_seq_dif.pdbx_seq_db_seq_num 
_struct_ref_seq_dif.details 
_struct_ref_seq_dif.pdbx_auth_seq_num 
_struct_ref_seq_dif.pdbx_ordinal 
1 1IK7 GLY A 1 ? UNP Q05652 ? ? 'cloning artifact' 22 1 
1 1IK7 SER A 2 ? UNP Q05652 ? ? 'cloning artifact' 23 2 
1 1IK7 HIS A 3 ? UNP Q05652 ? ? 'cloning artifact' 24 3 
1 1IK7 MET A 4 ? UNP Q05652 ? ? 'cloning artifact' 25 4 
2 1IK7 GLY B 1 ? UNP Q05652 ? ? 'cloning artifact' 22 5 
2 1IK7 SER B 2 ? UNP Q05652 ? ? 'cloning artifact' 23 6 
2 1IK7 HIS B 3 ? UNP Q05652 ? ? 'cloning artifact' 24 7 
2 1IK7 MET B 4 ? UNP Q05652 ? ? 'cloning artifact' 25 8 
# 
loop_
_pdbx_struct_assembly.id 
_pdbx_struct_assembly.details 
_pdbx_struct_assembly.method_details 
_pdbx_struct_assembly.oligomeric_details 
_pdbx_struct_assembly.oligomeric_count 
1 author_defined_assembly ? monomeric 1 
2 author_defined_assembly ? monomeric 1 
# 
loop_
_pdbx_struct_assembly_gen.assembly_id 
_pdbx_struct_assembly_gen.oper_expression 
_pdbx_struct_assembly_gen.asym_id_list 
1 1 A,C,D,E,H 
2 1 B,F,G,I   
# 
_pdbx_struct_oper_list.id                   1 
_pdbx_struct_oper_list.type                 'identity operation' 
_pdbx_struct_oper_list.name                 1_555 
_pdbx_struct_oper_list.symmetry_operation   x,y,z 
_pdbx_struct_oper_list.matrix[1][1]         1.0000000000 
_pdbx_struct_oper_list.matrix[1][2]         0.0000000000 
_pdbx_struct_oper_list.matrix[1][3]         0.0000000000 
_pdbx_struct_oper_list.vector[1]            0.0000000000 
_pdbx_struct_oper_list.matrix[2][1]         0.0000000000 
_pdbx_struct_oper_list.matrix[2][2]         1.0000000000 
_pdbx_struct_oper_list.matrix[2][3]         0.0000000000 
_pdbx_struct_oper_list.vector[2]            0.0000000000 
_pdbx_struct_oper_list.matrix[3][1]         0.0000000000 
_pdbx_struct_oper_list.matrix[3][2]         0.0000000000 
_pdbx_struct_oper_list.matrix[3][3]         1.0000000000 
_pdbx_struct_oper_list.vector[3]            0.0000000000 
# 
loop_
_struct_biol.id 
_struct_biol.pdbx_parent_biol_id 
_struct_biol.details 
1 ? ? 
2 ? ? 
# 
loop_
_struct_conf.conf_type_id 
_struct_conf.id 
_struct_conf.pdbx_PDB_helix_id 
_struct_conf.beg_label_comp_id 
_struct_conf.beg_label_asym_id 
_struct_conf.beg_label_seq_id 
_struct_conf.pdbx_beg_PDB_ins_code 
_struct_conf.end_label_comp_id 
_struct_conf.end_label_asym_id 
_struct_conf.end_label_seq_id 
_struct_conf.pdbx_end_PDB_ins_code 
_struct_conf.beg_auth_comp_id 
_struct_conf.beg_auth_asym_id 
_struct_conf.beg_auth_seq_id 
_struct_conf.end_auth_comp_id 
_struct_conf.end_auth_asym_id 
_struct_conf.end_auth_seq_id 
_struct_conf.pdbx_PDB_helix_class 
_struct_conf.details 
_struct_conf.pdbx_PDB_helix_length 
HELX_P HELX_P1 1 GLY A 58  ? HIS A 105 ? GLY A 79  HIS A 126 1 ? 48 
HELX_P HELX_P2 2 LYS A 106 ? ILE A 108 ? LYS A 127 ILE A 129 5 ? 3  
HELX_P HELX_P3 3 SER B 60  ? HIS B 105 ? SER B 81  HIS B 126 1 ? 46 
HELX_P HELX_P4 4 LYS B 106 ? ILE B 108 ? LYS B 127 ILE B 129 5 ? 3  
# 
_struct_conf_type.id          HELX_P 
_struct_conf_type.criteria    ? 
_struct_conf_type.reference   ? 
# 
loop_
_struct_site.id 
_struct_site.pdbx_evidence_code 
_struct_site.pdbx_auth_asym_id 
_struct_site.pdbx_auth_comp_id 
_struct_site.pdbx_auth_seq_id 
_struct_site.pdbx_auth_ins_code 
_struct_site.pdbx_num_residues 
_struct_site.details 
AC1 Software B TRS 201 ? 5 'BINDING SITE FOR RESIDUE TRS B 201' 
AC2 Software B TRS 202 ? 3 'BINDING SITE FOR RESIDUE TRS B 202' 
AC3 Software A TRS 203 ? 5 'BINDING SITE FOR RESIDUE TRS A 203' 
AC4 Software A TRS 204 ? 3 'BINDING SITE FOR RESIDUE TRS A 204' 
AC5 Software A MPD 205 ? 1 'BINDING SITE FOR RESIDUE MPD A 205' 
# 
loop_
_struct_site_gen.id 
_struct_site_gen.site_id 
_struct_site_gen.pdbx_num_res 
_struct_site_gen.label_comp_id 
_struct_site_gen.label_asym_id 
_struct_site_gen.label_seq_id 
_struct_site_gen.pdbx_auth_ins_code 
_struct_site_gen.auth_comp_id 
_struct_site_gen.auth_asym_id 
_struct_site_gen.auth_seq_id 
_struct_site_gen.label_atom_id 
_struct_site_gen.label_alt_id 
_struct_site_gen.symmetry 
_struct_site_gen.details 
1  AC1 5 PHE A 65  ? PHE A 86  . ? 1_555 ? 
2  AC1 5 LYS A 106 ? LYS A 127 . ? 2_565 ? 
3  AC1 5 HOH I .   ? HOH B 11  . ? 1_555 ? 
4  AC1 5 LYS B 86  ? LYS B 107 . ? 1_555 ? 
5  AC1 5 HIS B 90  ? HIS B 111 . ? 1_555 ? 
6  AC2 3 LYS A 106 ? LYS A 127 . ? 5_445 ? 
7  AC2 3 GLU B 102 ? GLU B 123 . ? 1_555 ? 
8  AC2 3 ASP B 103 ? ASP B 124 . ? 1_555 ? 
9  AC3 5 HOH H .   ? HOH A 6   . ? 1_555 ? 
10 AC3 5 HOH H .   ? HOH A 13  . ? 1_555 ? 
11 AC3 5 HIS A 90  ? HIS A 111 . ? 1_555 ? 
12 AC3 5 PHE B 65  ? PHE B 86  . ? 1_555 ? 
13 AC3 5 LYS B 106 ? LYS B 127 . ? 3_555 ? 
14 AC4 3 GLU A 102 ? GLU A 123 . ? 1_555 ? 
15 AC4 3 ASP A 103 ? ASP A 124 . ? 1_555 ? 
16 AC4 3 LYS B 106 ? LYS B 127 . ? 5_554 ? 
17 AC5 1 ILE A 108 ? ILE A 129 . ? 1_555 ? 
# 
loop_
_pdbx_unobs_or_zero_occ_residues.id 
_pdbx_unobs_or_zero_occ_residues.PDB_model_num 
_pdbx_unobs_or_zero_occ_residues.polymer_flag 
_pdbx_unobs_or_zero_occ_residues.occupancy_flag 
_pdbx_unobs_or_zero_occ_residues.auth_asym_id 
_pdbx_unobs_or_zero_occ_residues.auth_comp_id 
_pdbx_unobs_or_zero_occ_residues.auth_seq_id 
_pdbx_unobs_or_zero_occ_residues.PDB_ins_code 
_pdbx_unobs_or_zero_occ_residues.label_asym_id 
_pdbx_unobs_or_zero_occ_residues.label_comp_id 
_pdbx_unobs_or_zero_occ_residues.label_seq_id 
1   1 Y 1 A GLY 22 ? A GLY 1  
2   1 Y 1 A SER 23 ? A SER 2  
3   1 Y 1 A HIS 24 ? A HIS 3  
4   1 Y 1 A MET 25 ? A MET 4  
5   1 Y 1 A SER 26 ? A SER 5  
6   1 Y 1 A HIS 27 ? A HIS 6  
7   1 Y 1 A LEU 28 ? A LEU 7  
8   1 Y 1 A ASP 29 ? A ASP 8  
9   1 Y 1 A ASN 30 ? A ASN 9  
10  1 Y 1 A THR 31 ? A THR 10 
11  1 Y 1 A MET 32 ? A MET 11 
12  1 Y 1 A ALA 33 ? A ALA 12 
13  1 Y 1 A ILE 34 ? A ILE 13 
14  1 Y 1 A ARG 35 ? A ARG 14 
15  1 Y 1 A LEU 36 ? A LEU 15 
16  1 Y 1 A LEU 37 ? A LEU 16 
17  1 Y 1 A PRO 38 ? A PRO 17 
18  1 Y 1 A LEU 39 ? A LEU 18 
19  1 Y 1 A PRO 40 ? A PRO 19 
20  1 Y 1 A VAL 41 ? A VAL 20 
21  1 Y 1 A ARG 42 ? A ARG 21 
22  1 Y 1 A ALA 43 ? A ALA 22 
23  1 Y 1 A GLN 44 ? A GLN 23 
24  1 Y 1 A LEU 45 ? A LEU 24 
25  1 Y 1 A CYS 46 ? A CYS 25 
26  1 Y 1 A ALA 47 ? A ALA 26 
27  1 Y 1 A HIS 48 ? A HIS 27 
28  1 Y 1 A LEU 49 ? A LEU 28 
29  1 Y 1 A ASP 50 ? A ASP 29 
30  1 Y 1 A ALA 51 ? A ALA 30 
31  1 Y 1 A LEU 52 ? A LEU 31 
32  1 Y 1 A ASP 53 ? A ASP 32 
33  1 Y 1 A VAL 54 ? A VAL 33 
34  1 Y 1 A TRP 55 ? A TRP 34 
35  1 Y 1 A GLN 56 ? A GLN 35 
36  1 Y 1 A GLN 57 ? A GLN 36 
37  1 Y 1 A LEU 58 ? A LEU 37 
38  1 Y 1 A ALA 59 ? A ALA 38 
39  1 Y 1 A THR 60 ? A THR 39 
40  1 Y 1 A ALA 61 ? A ALA 40 
41  1 Y 1 A VAL 62 ? A VAL 41 
42  1 Y 1 A LYS 63 ? A LYS 42 
43  1 Y 1 A LEU 64 ? A LEU 43 
44  1 Y 1 A TYR 65 ? A TYR 44 
45  1 Y 1 A PRO 66 ? A PRO 45 
46  1 Y 1 A ASP 67 ? A ASP 46 
47  1 Y 1 A GLN 68 ? A GLN 47 
48  1 Y 1 A VAL 69 ? A VAL 48 
49  1 Y 1 A GLU 70 ? A GLU 49 
50  1 Y 1 A GLN 71 ? A GLN 50 
51  1 Y 1 A ILE 72 ? A ILE 51 
52  1 Y 1 A SER 73 ? A SER 52 
53  1 Y 1 A SER 74 ? A SER 53 
54  1 Y 1 A GLN 75 ? A GLN 54 
55  1 Y 1 A LYS 76 ? A LYS 55 
56  1 Y 1 A GLN 77 ? A GLN 56 
57  1 Y 1 B GLY 22 ? B GLY 1  
58  1 Y 1 B SER 23 ? B SER 2  
59  1 Y 1 B HIS 24 ? B HIS 3  
60  1 Y 1 B MET 25 ? B MET 4  
61  1 Y 1 B SER 26 ? B SER 5  
62  1 Y 1 B HIS 27 ? B HIS 6  
63  1 Y 1 B LEU 28 ? B LEU 7  
64  1 Y 1 B ASP 29 ? B ASP 8  
65  1 Y 1 B ASN 30 ? B ASN 9  
66  1 Y 1 B THR 31 ? B THR 10 
67  1 Y 1 B MET 32 ? B MET 11 
68  1 Y 1 B ALA 33 ? B ALA 12 
69  1 Y 1 B ILE 34 ? B ILE 13 
70  1 Y 1 B ARG 35 ? B ARG 14 
71  1 Y 1 B LEU 36 ? B LEU 15 
72  1 Y 1 B LEU 37 ? B LEU 16 
73  1 Y 1 B PRO 38 ? B PRO 17 
74  1 Y 1 B LEU 39 ? B LEU 18 
75  1 Y 1 B PRO 40 ? B PRO 19 
76  1 Y 1 B VAL 41 ? B VAL 20 
77  1 Y 1 B ARG 42 ? B ARG 21 
78  1 Y 1 B ALA 43 ? B ALA 22 
79  1 Y 1 B GLN 44 ? B GLN 23 
80  1 Y 1 B LEU 45 ? B LEU 24 
81  1 Y 1 B CYS 46 ? B CYS 25 
82  1 Y 1 B ALA 47 ? B ALA 26 
83  1 Y 1 B HIS 48 ? B HIS 27 
84  1 Y 1 B LEU 49 ? B LEU 28 
85  1 Y 1 B ASP 50 ? B ASP 29 
86  1 Y 1 B ALA 51 ? B ALA 30 
87  1 Y 1 B LEU 52 ? B LEU 31 
88  1 Y 1 B ASP 53 ? B ASP 32 
89  1 Y 1 B VAL 54 ? B VAL 33 
90  1 Y 1 B TRP 55 ? B TRP 34 
91  1 Y 1 B GLN 56 ? B GLN 35 
92  1 Y 1 B GLN 57 ? B GLN 36 
93  1 Y 1 B LEU 58 ? B LEU 37 
94  1 Y 1 B ALA 59 ? B ALA 38 
95  1 Y 1 B THR 60 ? B THR 39 
96  1 Y 1 B ALA 61 ? B ALA 40 
97  1 Y 1 B VAL 62 ? B VAL 41 
98  1 Y 1 B LYS 63 ? B LYS 42 
99  1 Y 1 B LEU 64 ? B LEU 43 
100 1 Y 1 B TYR 65 ? B TYR 44 
101 1 Y 1 B PRO 66 ? B PRO 45 
102 1 Y 1 B ASP 67 ? B ASP 46 
103 1 Y 1 B GLN 68 ? B GLN 47 
104 1 Y 1 B VAL 69 ? B VAL 48 
105 1 Y 1 B GLU 70 ? B GLU 49 
106 1 Y 1 B GLN 71 ? B GLN 50 
107 1 Y 1 B ILE 72 ? B ILE 51 
108 1 Y 1 B SER 73 ? B SER 52 
109 1 Y 1 B SER 74 ? B SER 53 
110 1 Y 1 B GLN 75 ? B GLN 54 
111 1 Y 1 B LYS 76 ? B LYS 55 
112 1 Y 1 B GLN 77 ? B GLN 56 
113 1 Y 1 B ARG 78 ? B ARG 57 
114 1 Y 1 B GLY 79 ? B GLY 58 
115 1 Y 1 B ARG 80 ? B ARG 59 
# 
loop_
_chem_comp_atom.comp_id 
_chem_comp_atom.atom_id 
_chem_comp_atom.type_symbol 
_chem_comp_atom.pdbx_aromatic_flag 
_chem_comp_atom.pdbx_stereo_config 
_chem_comp_atom.pdbx_ordinal 
ALA N    N N N 1   
ALA CA   C N S 2   
ALA C    C N N 3   
ALA O    O N N 4   
ALA CB   C N N 5   
ALA OXT  O N N 6   
ALA H    H N N 7   
ALA H2   H N N 8   
ALA HA   H N N 9   
ALA HB1  H N N 10  
ALA HB2  H N N 11  
ALA HB3  H N N 12  
ALA HXT  H N N 13  
ARG N    N N N 14  
ARG CA   C N S 15  
ARG C    C N N 16  
ARG O    O N N 17  
ARG CB   C N N 18  
ARG CG   C N N 19  
ARG CD   C N N 20  
ARG NE   N N N 21  
ARG CZ   C N N 22  
ARG NH1  N N N 23  
ARG NH2  N N N 24  
ARG OXT  O N N 25  
ARG H    H N N 26  
ARG H2   H N N 27  
ARG HA   H N N 28  
ARG HB2  H N N 29  
ARG HB3  H N N 30  
ARG HG2  H N N 31  
ARG HG3  H N N 32  
ARG HD2  H N N 33  
ARG HD3  H N N 34  
ARG HE   H N N 35  
ARG HH11 H N N 36  
ARG HH12 H N N 37  
ARG HH21 H N N 38  
ARG HH22 H N N 39  
ARG HXT  H N N 40  
ASN N    N N N 41  
ASN CA   C N S 42  
ASN C    C N N 43  
ASN O    O N N 44  
ASN CB   C N N 45  
ASN CG   C N N 46  
ASN OD1  O N N 47  
ASN ND2  N N N 48  
ASN OXT  O N N 49  
ASN H    H N N 50  
ASN H2   H N N 51  
ASN HA   H N N 52  
ASN HB2  H N N 53  
ASN HB3  H N N 54  
ASN HD21 H N N 55  
ASN HD22 H N N 56  
ASN HXT  H N N 57  
ASP N    N N N 58  
ASP CA   C N S 59  
ASP C    C N N 60  
ASP O    O N N 61  
ASP CB   C N N 62  
ASP CG   C N N 63  
ASP OD1  O N N 64  
ASP OD2  O N N 65  
ASP OXT  O N N 66  
ASP H    H N N 67  
ASP H2   H N N 68  
ASP HA   H N N 69  
ASP HB2  H N N 70  
ASP HB3  H N N 71  
ASP HD2  H N N 72  
ASP HXT  H N N 73  
CYS N    N N N 74  
CYS CA   C N R 75  
CYS C    C N N 76  
CYS O    O N N 77  
CYS CB   C N N 78  
CYS SG   S N N 79  
CYS OXT  O N N 80  
CYS H    H N N 81  
CYS H2   H N N 82  
CYS HA   H N N 83  
CYS HB2  H N N 84  
CYS HB3  H N N 85  
CYS HG   H N N 86  
CYS HXT  H N N 87  
GLN N    N N N 88  
GLN CA   C N S 89  
GLN C    C N N 90  
GLN O    O N N 91  
GLN CB   C N N 92  
GLN CG   C N N 93  
GLN CD   C N N 94  
GLN OE1  O N N 95  
GLN NE2  N N N 96  
GLN OXT  O N N 97  
GLN H    H N N 98  
GLN H2   H N N 99  
GLN HA   H N N 100 
GLN HB2  H N N 101 
GLN HB3  H N N 102 
GLN HG2  H N N 103 
GLN HG3  H N N 104 
GLN HE21 H N N 105 
GLN HE22 H N N 106 
GLN HXT  H N N 107 
GLU N    N N N 108 
GLU CA   C N S 109 
GLU C    C N N 110 
GLU O    O N N 111 
GLU CB   C N N 112 
GLU CG   C N N 113 
GLU CD   C N N 114 
GLU OE1  O N N 115 
GLU OE2  O N N 116 
GLU OXT  O N N 117 
GLU H    H N N 118 
GLU H2   H N N 119 
GLU HA   H N N 120 
GLU HB2  H N N 121 
GLU HB3  H N N 122 
GLU HG2  H N N 123 
GLU HG3  H N N 124 
GLU HE2  H N N 125 
GLU HXT  H N N 126 
GLY N    N N N 127 
GLY CA   C N N 128 
GLY C    C N N 129 
GLY O    O N N 130 
GLY OXT  O N N 131 
GLY H    H N N 132 
GLY H2   H N N 133 
GLY HA2  H N N 134 
GLY HA3  H N N 135 
GLY HXT  H N N 136 
HIS N    N N N 137 
HIS CA   C N S 138 
HIS C    C N N 139 
HIS O    O N N 140 
HIS CB   C N N 141 
HIS CG   C Y N 142 
HIS ND1  N Y N 143 
HIS CD2  C Y N 144 
HIS CE1  C Y N 145 
HIS NE2  N Y N 146 
HIS OXT  O N N 147 
HIS H    H N N 148 
HIS H2   H N N 149 
HIS HA   H N N 150 
HIS HB2  H N N 151 
HIS HB3  H N N 152 
HIS HD1  H N N 153 
HIS HD2  H N N 154 
HIS HE1  H N N 155 
HIS HE2  H N N 156 
HIS HXT  H N N 157 
HOH O    O N N 158 
HOH H1   H N N 159 
HOH H2   H N N 160 
ILE N    N N N 161 
ILE CA   C N S 162 
ILE C    C N N 163 
ILE O    O N N 164 
ILE CB   C N S 165 
ILE CG1  C N N 166 
ILE CG2  C N N 167 
ILE CD1  C N N 168 
ILE OXT  O N N 169 
ILE H    H N N 170 
ILE H2   H N N 171 
ILE HA   H N N 172 
ILE HB   H N N 173 
ILE HG12 H N N 174 
ILE HG13 H N N 175 
ILE HG21 H N N 176 
ILE HG22 H N N 177 
ILE HG23 H N N 178 
ILE HD11 H N N 179 
ILE HD12 H N N 180 
ILE HD13 H N N 181 
ILE HXT  H N N 182 
LEU N    N N N 183 
LEU CA   C N S 184 
LEU C    C N N 185 
LEU O    O N N 186 
LEU CB   C N N 187 
LEU CG   C N N 188 
LEU CD1  C N N 189 
LEU CD2  C N N 190 
LEU OXT  O N N 191 
LEU H    H N N 192 
LEU H2   H N N 193 
LEU HA   H N N 194 
LEU HB2  H N N 195 
LEU HB3  H N N 196 
LEU HG   H N N 197 
LEU HD11 H N N 198 
LEU HD12 H N N 199 
LEU HD13 H N N 200 
LEU HD21 H N N 201 
LEU HD22 H N N 202 
LEU HD23 H N N 203 
LEU HXT  H N N 204 
LYS N    N N N 205 
LYS CA   C N S 206 
LYS C    C N N 207 
LYS O    O N N 208 
LYS CB   C N N 209 
LYS CG   C N N 210 
LYS CD   C N N 211 
LYS CE   C N N 212 
LYS NZ   N N N 213 
LYS OXT  O N N 214 
LYS H    H N N 215 
LYS H2   H N N 216 
LYS HA   H N N 217 
LYS HB2  H N N 218 
LYS HB3  H N N 219 
LYS HG2  H N N 220 
LYS HG3  H N N 221 
LYS HD2  H N N 222 
LYS HD3  H N N 223 
LYS HE2  H N N 224 
LYS HE3  H N N 225 
LYS HZ1  H N N 226 
LYS HZ2  H N N 227 
LYS HZ3  H N N 228 
LYS HXT  H N N 229 
MET N    N N N 230 
MET CA   C N S 231 
MET C    C N N 232 
MET O    O N N 233 
MET CB   C N N 234 
MET CG   C N N 235 
MET SD   S N N 236 
MET CE   C N N 237 
MET OXT  O N N 238 
MET H    H N N 239 
MET H2   H N N 240 
MET HA   H N N 241 
MET HB2  H N N 242 
MET HB3  H N N 243 
MET HG2  H N N 244 
MET HG3  H N N 245 
MET HE1  H N N 246 
MET HE2  H N N 247 
MET HE3  H N N 248 
MET HXT  H N N 249 
MPD C1   C N N 250 
MPD C2   C N N 251 
MPD O2   O N N 252 
MPD CM   C N N 253 
MPD C3   C N N 254 
MPD C4   C N S 255 
MPD O4   O N N 256 
MPD C5   C N N 257 
MPD H11  H N N 258 
MPD H12  H N N 259 
MPD H13  H N N 260 
MPD HO2  H N N 261 
MPD HM1  H N N 262 
MPD HM2  H N N 263 
MPD HM3  H N N 264 
MPD H31  H N N 265 
MPD H32  H N N 266 
MPD H4   H N N 267 
MPD HO4  H N N 268 
MPD H51  H N N 269 
MPD H52  H N N 270 
MPD H53  H N N 271 
PHE N    N N N 272 
PHE CA   C N S 273 
PHE C    C N N 274 
PHE O    O N N 275 
PHE CB   C N N 276 
PHE CG   C Y N 277 
PHE CD1  C Y N 278 
PHE CD2  C Y N 279 
PHE CE1  C Y N 280 
PHE CE2  C Y N 281 
PHE CZ   C Y N 282 
PHE OXT  O N N 283 
PHE H    H N N 284 
PHE H2   H N N 285 
PHE HA   H N N 286 
PHE HB2  H N N 287 
PHE HB3  H N N 288 
PHE HD1  H N N 289 
PHE HD2  H N N 290 
PHE HE1  H N N 291 
PHE HE2  H N N 292 
PHE HZ   H N N 293 
PHE HXT  H N N 294 
PRO N    N N N 295 
PRO CA   C N S 296 
PRO C    C N N 297 
PRO O    O N N 298 
PRO CB   C N N 299 
PRO CG   C N N 300 
PRO CD   C N N 301 
PRO OXT  O N N 302 
PRO H    H N N 303 
PRO HA   H N N 304 
PRO HB2  H N N 305 
PRO HB3  H N N 306 
PRO HG2  H N N 307 
PRO HG3  H N N 308 
PRO HD2  H N N 309 
PRO HD3  H N N 310 
PRO HXT  H N N 311 
SER N    N N N 312 
SER CA   C N S 313 
SER C    C N N 314 
SER O    O N N 315 
SER CB   C N N 316 
SER OG   O N N 317 
SER OXT  O N N 318 
SER H    H N N 319 
SER H2   H N N 320 
SER HA   H N N 321 
SER HB2  H N N 322 
SER HB3  H N N 323 
SER HG   H N N 324 
SER HXT  H N N 325 
THR N    N N N 326 
THR CA   C N S 327 
THR C    C N N 328 
THR O    O N N 329 
THR CB   C N R 330 
THR OG1  O N N 331 
THR CG2  C N N 332 
THR OXT  O N N 333 
THR H    H N N 334 
THR H2   H N N 335 
THR HA   H N N 336 
THR HB   H N N 337 
THR HG1  H N N 338 
THR HG21 H N N 339 
THR HG22 H N N 340 
THR HG23 H N N 341 
THR HXT  H N N 342 
TRP N    N N N 343 
TRP CA   C N S 344 
TRP C    C N N 345 
TRP O    O N N 346 
TRP CB   C N N 347 
TRP CG   C Y N 348 
TRP CD1  C Y N 349 
TRP CD2  C Y N 350 
TRP NE1  N Y N 351 
TRP CE2  C Y N 352 
TRP CE3  C Y N 353 
TRP CZ2  C Y N 354 
TRP CZ3  C Y N 355 
TRP CH2  C Y N 356 
TRP OXT  O N N 357 
TRP H    H N N 358 
TRP H2   H N N 359 
TRP HA   H N N 360 
TRP HB2  H N N 361 
TRP HB3  H N N 362 
TRP HD1  H N N 363 
TRP HE1  H N N 364 
TRP HE3  H N N 365 
TRP HZ2  H N N 366 
TRP HZ3  H N N 367 
TRP HH2  H N N 368 
TRP HXT  H N N 369 
TRS C    C N N 370 
TRS C1   C N N 371 
TRS C2   C N N 372 
TRS C3   C N N 373 
TRS N    N N N 374 
TRS O1   O N N 375 
TRS O2   O N N 376 
TRS O3   O N N 377 
TRS H11  H N N 378 
TRS H12  H N N 379 
TRS H21  H N N 380 
TRS H22  H N N 381 
TRS H31  H N N 382 
TRS H32  H N N 383 
TRS HN1  H N N 384 
TRS HN2  H N N 385 
TRS HN3  H N N 386 
TRS HO1  H N N 387 
TRS HO2  H N N 388 
TRS HO3  H N N 389 
TYR N    N N N 390 
TYR CA   C N S 391 
TYR C    C N N 392 
TYR O    O N N 393 
TYR CB   C N N 394 
TYR CG   C Y N 395 
TYR CD1  C Y N 396 
TYR CD2  C Y N 397 
TYR CE1  C Y N 398 
TYR CE2  C Y N 399 
TYR CZ   C Y N 400 
TYR OH   O N N 401 
TYR OXT  O N N 402 
TYR H    H N N 403 
TYR H2   H N N 404 
TYR HA   H N N 405 
TYR HB2  H N N 406 
TYR HB3  H N N 407 
TYR HD1  H N N 408 
TYR HD2  H N N 409 
TYR HE1  H N N 410 
TYR HE2  H N N 411 
TYR HH   H N N 412 
TYR HXT  H N N 413 
VAL N    N N N 414 
VAL CA   C N S 415 
VAL C    C N N 416 
VAL O    O N N 417 
VAL CB   C N N 418 
VAL CG1  C N N 419 
VAL CG2  C N N 420 
VAL OXT  O N N 421 
VAL H    H N N 422 
VAL H2   H N N 423 
VAL HA   H N N 424 
VAL HB   H N N 425 
VAL HG11 H N N 426 
VAL HG12 H N N 427 
VAL HG13 H N N 428 
VAL HG21 H N N 429 
VAL HG22 H N N 430 
VAL HG23 H N N 431 
VAL HXT  H N N 432 
# 
loop_
_chem_comp_bond.comp_id 
_chem_comp_bond.atom_id_1 
_chem_comp_bond.atom_id_2 
_chem_comp_bond.value_order 
_chem_comp_bond.pdbx_aromatic_flag 
_chem_comp_bond.pdbx_stereo_config 
_chem_comp_bond.pdbx_ordinal 
ALA N   CA   sing N N 1   
ALA N   H    sing N N 2   
ALA N   H2   sing N N 3   
ALA CA  C    sing N N 4   
ALA CA  CB   sing N N 5   
ALA CA  HA   sing N N 6   
ALA C   O    doub N N 7   
ALA C   OXT  sing N N 8   
ALA CB  HB1  sing N N 9   
ALA CB  HB2  sing N N 10  
ALA CB  HB3  sing N N 11  
ALA OXT HXT  sing N N 12  
ARG N   CA   sing N N 13  
ARG N   H    sing N N 14  
ARG N   H2   sing N N 15  
ARG CA  C    sing N N 16  
ARG CA  CB   sing N N 17  
ARG CA  HA   sing N N 18  
ARG C   O    doub N N 19  
ARG C   OXT  sing N N 20  
ARG CB  CG   sing N N 21  
ARG CB  HB2  sing N N 22  
ARG CB  HB3  sing N N 23  
ARG CG  CD   sing N N 24  
ARG CG  HG2  sing N N 25  
ARG CG  HG3  sing N N 26  
ARG CD  NE   sing N N 27  
ARG CD  HD2  sing N N 28  
ARG CD  HD3  sing N N 29  
ARG NE  CZ   sing N N 30  
ARG NE  HE   sing N N 31  
ARG CZ  NH1  sing N N 32  
ARG CZ  NH2  doub N N 33  
ARG NH1 HH11 sing N N 34  
ARG NH1 HH12 sing N N 35  
ARG NH2 HH21 sing N N 36  
ARG NH2 HH22 sing N N 37  
ARG OXT HXT  sing N N 38  
ASN N   CA   sing N N 39  
ASN N   H    sing N N 40  
ASN N   H2   sing N N 41  
ASN CA  C    sing N N 42  
ASN CA  CB   sing N N 43  
ASN CA  HA   sing N N 44  
ASN C   O    doub N N 45  
ASN C   OXT  sing N N 46  
ASN CB  CG   sing N N 47  
ASN CB  HB2  sing N N 48  
ASN CB  HB3  sing N N 49  
ASN CG  OD1  doub N N 50  
ASN CG  ND2  sing N N 51  
ASN ND2 HD21 sing N N 52  
ASN ND2 HD22 sing N N 53  
ASN OXT HXT  sing N N 54  
ASP N   CA   sing N N 55  
ASP N   H    sing N N 56  
ASP N   H2   sing N N 57  
ASP CA  C    sing N N 58  
ASP CA  CB   sing N N 59  
ASP CA  HA   sing N N 60  
ASP C   O    doub N N 61  
ASP C   OXT  sing N N 62  
ASP CB  CG   sing N N 63  
ASP CB  HB2  sing N N 64  
ASP CB  HB3  sing N N 65  
ASP CG  OD1  doub N N 66  
ASP CG  OD2  sing N N 67  
ASP OD2 HD2  sing N N 68  
ASP OXT HXT  sing N N 69  
CYS N   CA   sing N N 70  
CYS N   H    sing N N 71  
CYS N   H2   sing N N 72  
CYS CA  C    sing N N 73  
CYS CA  CB   sing N N 74  
CYS CA  HA   sing N N 75  
CYS C   O    doub N N 76  
CYS C   OXT  sing N N 77  
CYS CB  SG   sing N N 78  
CYS CB  HB2  sing N N 79  
CYS CB  HB3  sing N N 80  
CYS SG  HG   sing N N 81  
CYS OXT HXT  sing N N 82  
GLN N   CA   sing N N 83  
GLN N   H    sing N N 84  
GLN N   H2   sing N N 85  
GLN CA  C    sing N N 86  
GLN CA  CB   sing N N 87  
GLN CA  HA   sing N N 88  
GLN C   O    doub N N 89  
GLN C   OXT  sing N N 90  
GLN CB  CG   sing N N 91  
GLN CB  HB2  sing N N 92  
GLN CB  HB3  sing N N 93  
GLN CG  CD   sing N N 94  
GLN CG  HG2  sing N N 95  
GLN CG  HG3  sing N N 96  
GLN CD  OE1  doub N N 97  
GLN CD  NE2  sing N N 98  
GLN NE2 HE21 sing N N 99  
GLN NE2 HE22 sing N N 100 
GLN OXT HXT  sing N N 101 
GLU N   CA   sing N N 102 
GLU N   H    sing N N 103 
GLU N   H2   sing N N 104 
GLU CA  C    sing N N 105 
GLU CA  CB   sing N N 106 
GLU CA  HA   sing N N 107 
GLU C   O    doub N N 108 
GLU C   OXT  sing N N 109 
GLU CB  CG   sing N N 110 
GLU CB  HB2  sing N N 111 
GLU CB  HB3  sing N N 112 
GLU CG  CD   sing N N 113 
GLU CG  HG2  sing N N 114 
GLU CG  HG3  sing N N 115 
GLU CD  OE1  doub N N 116 
GLU CD  OE2  sing N N 117 
GLU OE2 HE2  sing N N 118 
GLU OXT HXT  sing N N 119 
GLY N   CA   sing N N 120 
GLY N   H    sing N N 121 
GLY N   H2   sing N N 122 
GLY CA  C    sing N N 123 
GLY CA  HA2  sing N N 124 
GLY CA  HA3  sing N N 125 
GLY C   O    doub N N 126 
GLY C   OXT  sing N N 127 
GLY OXT HXT  sing N N 128 
HIS N   CA   sing N N 129 
HIS N   H    sing N N 130 
HIS N   H2   sing N N 131 
HIS CA  C    sing N N 132 
HIS CA  CB   sing N N 133 
HIS CA  HA   sing N N 134 
HIS C   O    doub N N 135 
HIS C   OXT  sing N N 136 
HIS CB  CG   sing N N 137 
HIS CB  HB2  sing N N 138 
HIS CB  HB3  sing N N 139 
HIS CG  ND1  sing Y N 140 
HIS CG  CD2  doub Y N 141 
HIS ND1 CE1  doub Y N 142 
HIS ND1 HD1  sing N N 143 
HIS CD2 NE2  sing Y N 144 
HIS CD2 HD2  sing N N 145 
HIS CE1 NE2  sing Y N 146 
HIS CE1 HE1  sing N N 147 
HIS NE2 HE2  sing N N 148 
HIS OXT HXT  sing N N 149 
HOH O   H1   sing N N 150 
HOH O   H2   sing N N 151 
ILE N   CA   sing N N 152 
ILE N   H    sing N N 153 
ILE N   H2   sing N N 154 
ILE CA  C    sing N N 155 
ILE CA  CB   sing N N 156 
ILE CA  HA   sing N N 157 
ILE C   O    doub N N 158 
ILE C   OXT  sing N N 159 
ILE CB  CG1  sing N N 160 
ILE CB  CG2  sing N N 161 
ILE CB  HB   sing N N 162 
ILE CG1 CD1  sing N N 163 
ILE CG1 HG12 sing N N 164 
ILE CG1 HG13 sing N N 165 
ILE CG2 HG21 sing N N 166 
ILE CG2 HG22 sing N N 167 
ILE CG2 HG23 sing N N 168 
ILE CD1 HD11 sing N N 169 
ILE CD1 HD12 sing N N 170 
ILE CD1 HD13 sing N N 171 
ILE OXT HXT  sing N N 172 
LEU N   CA   sing N N 173 
LEU N   H    sing N N 174 
LEU N   H2   sing N N 175 
LEU CA  C    sing N N 176 
LEU CA  CB   sing N N 177 
LEU CA  HA   sing N N 178 
LEU C   O    doub N N 179 
LEU C   OXT  sing N N 180 
LEU CB  CG   sing N N 181 
LEU CB  HB2  sing N N 182 
LEU CB  HB3  sing N N 183 
LEU CG  CD1  sing N N 184 
LEU CG  CD2  sing N N 185 
LEU CG  HG   sing N N 186 
LEU CD1 HD11 sing N N 187 
LEU CD1 HD12 sing N N 188 
LEU CD1 HD13 sing N N 189 
LEU CD2 HD21 sing N N 190 
LEU CD2 HD22 sing N N 191 
LEU CD2 HD23 sing N N 192 
LEU OXT HXT  sing N N 193 
LYS N   CA   sing N N 194 
LYS N   H    sing N N 195 
LYS N   H2   sing N N 196 
LYS CA  C    sing N N 197 
LYS CA  CB   sing N N 198 
LYS CA  HA   sing N N 199 
LYS C   O    doub N N 200 
LYS C   OXT  sing N N 201 
LYS CB  CG   sing N N 202 
LYS CB  HB2  sing N N 203 
LYS CB  HB3  sing N N 204 
LYS CG  CD   sing N N 205 
LYS CG  HG2  sing N N 206 
LYS CG  HG3  sing N N 207 
LYS CD  CE   sing N N 208 
LYS CD  HD2  sing N N 209 
LYS CD  HD3  sing N N 210 
LYS CE  NZ   sing N N 211 
LYS CE  HE2  sing N N 212 
LYS CE  HE3  sing N N 213 
LYS NZ  HZ1  sing N N 214 
LYS NZ  HZ2  sing N N 215 
LYS NZ  HZ3  sing N N 216 
LYS OXT HXT  sing N N 217 
MET N   CA   sing N N 218 
MET N   H    sing N N 219 
MET N   H2   sing N N 220 
MET CA  C    sing N N 221 
MET CA  CB   sing N N 222 
MET CA  HA   sing N N 223 
MET C   O    doub N N 224 
MET C   OXT  sing N N 225 
MET CB  CG   sing N N 226 
MET CB  HB2  sing N N 227 
MET CB  HB3  sing N N 228 
MET CG  SD   sing N N 229 
MET CG  HG2  sing N N 230 
MET CG  HG3  sing N N 231 
MET SD  CE   sing N N 232 
MET CE  HE1  sing N N 233 
MET CE  HE2  sing N N 234 
MET CE  HE3  sing N N 235 
MET OXT HXT  sing N N 236 
MPD C1  C2   sing N N 237 
MPD C1  H11  sing N N 238 
MPD C1  H12  sing N N 239 
MPD C1  H13  sing N N 240 
MPD C2  O2   sing N N 241 
MPD C2  CM   sing N N 242 
MPD C2  C3   sing N N 243 
MPD O2  HO2  sing N N 244 
MPD CM  HM1  sing N N 245 
MPD CM  HM2  sing N N 246 
MPD CM  HM3  sing N N 247 
MPD C3  C4   sing N N 248 
MPD C3  H31  sing N N 249 
MPD C3  H32  sing N N 250 
MPD C4  O4   sing N N 251 
MPD C4  C5   sing N N 252 
MPD C4  H4   sing N N 253 
MPD O4  HO4  sing N N 254 
MPD C5  H51  sing N N 255 
MPD C5  H52  sing N N 256 
MPD C5  H53  sing N N 257 
PHE N   CA   sing N N 258 
PHE N   H    sing N N 259 
PHE N   H2   sing N N 260 
PHE CA  C    sing N N 261 
PHE CA  CB   sing N N 262 
PHE CA  HA   sing N N 263 
PHE C   O    doub N N 264 
PHE C   OXT  sing N N 265 
PHE CB  CG   sing N N 266 
PHE CB  HB2  sing N N 267 
PHE CB  HB3  sing N N 268 
PHE CG  CD1  doub Y N 269 
PHE CG  CD2  sing Y N 270 
PHE CD1 CE1  sing Y N 271 
PHE CD1 HD1  sing N N 272 
PHE CD2 CE2  doub Y N 273 
PHE CD2 HD2  sing N N 274 
PHE CE1 CZ   doub Y N 275 
PHE CE1 HE1  sing N N 276 
PHE CE2 CZ   sing Y N 277 
PHE CE2 HE2  sing N N 278 
PHE CZ  HZ   sing N N 279 
PHE OXT HXT  sing N N 280 
PRO N   CA   sing N N 281 
PRO N   CD   sing N N 282 
PRO N   H    sing N N 283 
PRO CA  C    sing N N 284 
PRO CA  CB   sing N N 285 
PRO CA  HA   sing N N 286 
PRO C   O    doub N N 287 
PRO C   OXT  sing N N 288 
PRO CB  CG   sing N N 289 
PRO CB  HB2  sing N N 290 
PRO CB  HB3  sing N N 291 
PRO CG  CD   sing N N 292 
PRO CG  HG2  sing N N 293 
PRO CG  HG3  sing N N 294 
PRO CD  HD2  sing N N 295 
PRO CD  HD3  sing N N 296 
PRO OXT HXT  sing N N 297 
SER N   CA   sing N N 298 
SER N   H    sing N N 299 
SER N   H2   sing N N 300 
SER CA  C    sing N N 301 
SER CA  CB   sing N N 302 
SER CA  HA   sing N N 303 
SER C   O    doub N N 304 
SER C   OXT  sing N N 305 
SER CB  OG   sing N N 306 
SER CB  HB2  sing N N 307 
SER CB  HB3  sing N N 308 
SER OG  HG   sing N N 309 
SER OXT HXT  sing N N 310 
THR N   CA   sing N N 311 
THR N   H    sing N N 312 
THR N   H2   sing N N 313 
THR CA  C    sing N N 314 
THR CA  CB   sing N N 315 
THR CA  HA   sing N N 316 
THR C   O    doub N N 317 
THR C   OXT  sing N N 318 
THR CB  OG1  sing N N 319 
THR CB  CG2  sing N N 320 
THR CB  HB   sing N N 321 
THR OG1 HG1  sing N N 322 
THR CG2 HG21 sing N N 323 
THR CG2 HG22 sing N N 324 
THR CG2 HG23 sing N N 325 
THR OXT HXT  sing N N 326 
TRP N   CA   sing N N 327 
TRP N   H    sing N N 328 
TRP N   H2   sing N N 329 
TRP CA  C    sing N N 330 
TRP CA  CB   sing N N 331 
TRP CA  HA   sing N N 332 
TRP C   O    doub N N 333 
TRP C   OXT  sing N N 334 
TRP CB  CG   sing N N 335 
TRP CB  HB2  sing N N 336 
TRP CB  HB3  sing N N 337 
TRP CG  CD1  doub Y N 338 
TRP CG  CD2  sing Y N 339 
TRP CD1 NE1  sing Y N 340 
TRP CD1 HD1  sing N N 341 
TRP CD2 CE2  doub Y N 342 
TRP CD2 CE3  sing Y N 343 
TRP NE1 CE2  sing Y N 344 
TRP NE1 HE1  sing N N 345 
TRP CE2 CZ2  sing Y N 346 
TRP CE3 CZ3  doub Y N 347 
TRP CE3 HE3  sing N N 348 
TRP CZ2 CH2  doub Y N 349 
TRP CZ2 HZ2  sing N N 350 
TRP CZ3 CH2  sing Y N 351 
TRP CZ3 HZ3  sing N N 352 
TRP CH2 HH2  sing N N 353 
TRP OXT HXT  sing N N 354 
TRS C   C1   sing N N 355 
TRS C   C2   sing N N 356 
TRS C   C3   sing N N 357 
TRS C   N    sing N N 358 
TRS C1  O1   sing N N 359 
TRS C1  H11  sing N N 360 
TRS C1  H12  sing N N 361 
TRS C2  O2   sing N N 362 
TRS C2  H21  sing N N 363 
TRS C2  H22  sing N N 364 
TRS C3  O3   sing N N 365 
TRS C3  H31  sing N N 366 
TRS C3  H32  sing N N 367 
TRS N   HN1  sing N N 368 
TRS N   HN2  sing N N 369 
TRS N   HN3  sing N N 370 
TRS O1  HO1  sing N N 371 
TRS O2  HO2  sing N N 372 
TRS O3  HO3  sing N N 373 
TYR N   CA   sing N N 374 
TYR N   H    sing N N 375 
TYR N   H2   sing N N 376 
TYR CA  C    sing N N 377 
TYR CA  CB   sing N N 378 
TYR CA  HA   sing N N 379 
TYR C   O    doub N N 380 
TYR C   OXT  sing N N 381 
TYR CB  CG   sing N N 382 
TYR CB  HB2  sing N N 383 
TYR CB  HB3  sing N N 384 
TYR CG  CD1  doub Y N 385 
TYR CG  CD2  sing Y N 386 
TYR CD1 CE1  sing Y N 387 
TYR CD1 HD1  sing N N 388 
TYR CD2 CE2  doub Y N 389 
TYR CD2 HD2  sing N N 390 
TYR CE1 CZ   doub Y N 391 
TYR CE1 HE1  sing N N 392 
TYR CE2 CZ   sing Y N 393 
TYR CE2 HE2  sing N N 394 
TYR CZ  OH   sing N N 395 
TYR OH  HH   sing N N 396 
TYR OXT HXT  sing N N 397 
VAL N   CA   sing N N 398 
VAL N   H    sing N N 399 
VAL N   H2   sing N N 400 
VAL CA  C    sing N N 401 
VAL CA  CB   sing N N 402 
VAL CA  HA   sing N N 403 
VAL C   O    doub N N 404 
VAL C   OXT  sing N N 405 
VAL CB  CG1  sing N N 406 
VAL CB  CG2  sing N N 407 
VAL CB  HB   sing N N 408 
VAL CG1 HG11 sing N N 409 
VAL CG1 HG12 sing N N 410 
VAL CG1 HG13 sing N N 411 
VAL CG2 HG21 sing N N 412 
VAL CG2 HG22 sing N N 413 
VAL CG2 HG23 sing N N 414 
VAL OXT HXT  sing N N 415 
# 
_atom_sites.entry_id                    1IK7 
_atom_sites.fract_transf_matrix[1][1]   -0.00163467 
_atom_sites.fract_transf_matrix[1][2]   0.00736386 
_atom_sites.fract_transf_matrix[1][3]   0.01210633 
_atom_sites.fract_transf_matrix[2][1]   -0.00276499 
_atom_sites.fract_transf_matrix[2][2]   -0.00878641 
_atom_sites.fract_transf_matrix[2][3]   0.00497112 
_atom_sites.fract_transf_matrix[3][1]   0.00927958 
_atom_sites.fract_transf_matrix[3][2]   -0.00164513 
_atom_sites.fract_transf_matrix[3][3]   0.00225366 
_atom_sites.fract_transf_vector[1]      0.116616 
_atom_sites.fract_transf_vector[2]      0.441383 
_atom_sites.fract_transf_vector[3]      0.194993 
# 
loop_
_atom_type.symbol 
C 
N 
O 
S 
# 
loop_
_atom_site.group_PDB 
_atom_site.id 
_atom_site.type_symbol 
_atom_site.label_atom_id 
_atom_site.label_alt_id 
_atom_site.label_comp_id 
_atom_site.label_asym_id 
_atom_site.label_entity_id 
_atom_site.label_seq_id 
_atom_site.pdbx_PDB_ins_code 
_atom_site.Cartn_x 
_atom_site.Cartn_y 
_atom_site.Cartn_z 
_atom_site.occupancy 
_atom_site.B_iso_or_equiv 
_atom_site.pdbx_formal_charge 
_atom_site.auth_seq_id 
_atom_site.auth_comp_id 
_atom_site.auth_asym_id 
_atom_site.auth_atom_id 
_atom_site.pdbx_PDB_model_num 
ATOM   1   N N   . ARG A 1 57  ? 20.457  -6.924  -23.531 1.00 123.89 ? 78  ARG A N   1 
ATOM   2   C CA  . ARG A 1 57  ? 20.727  -8.085  -22.632 1.00 123.95 ? 78  ARG A CA  1 
ATOM   3   C C   . ARG A 1 57  ? 20.354  -7.784  -21.178 1.00 123.55 ? 78  ARG A C   1 
ATOM   4   O O   . ARG A 1 57  ? 20.030  -8.695  -20.412 1.00 123.61 ? 78  ARG A O   1 
ATOM   5   C CB  . ARG A 1 57  ? 22.202  -8.497  -22.716 1.00 124.37 ? 78  ARG A CB  1 
ATOM   6   C CG  . ARG A 1 57  ? 23.184  -7.392  -22.352 1.00 124.76 ? 78  ARG A CG  1 
ATOM   7   C CD  . ARG A 1 57  ? 24.609  -7.924  -22.267 1.00 125.06 ? 78  ARG A CD  1 
ATOM   8   N NE  . ARG A 1 57  ? 25.572  -6.877  -21.929 1.00 125.36 ? 78  ARG A NE  1 
ATOM   9   C CZ  . ARG A 1 57  ? 25.634  -6.254  -20.753 1.00 125.36 ? 78  ARG A CZ  1 
ATOM   10  N NH1 . ARG A 1 57  ? 24.785  -6.563  -19.780 1.00 125.36 ? 78  ARG A NH1 1 
ATOM   11  N NH2 . ARG A 1 57  ? 26.556  -5.323  -20.546 1.00 125.33 ? 78  ARG A NH2 1 
ATOM   12  N N   . GLY A 1 58  ? 20.404  -6.503  -20.812 1.00 122.75 ? 79  GLY A N   1 
ATOM   13  C CA  . GLY A 1 58  ? 20.072  -6.086  -19.459 1.00 121.34 ? 79  GLY A CA  1 
ATOM   14  C C   . GLY A 1 58  ? 18.583  -6.113  -19.163 1.00 120.25 ? 79  GLY A C   1 
ATOM   15  O O   . GLY A 1 58  ? 18.159  -5.802  -18.047 1.00 120.19 ? 79  GLY A O   1 
ATOM   16  N N   . ARG A 1 59  ? 17.791  -6.483  -20.168 1.00 119.05 ? 80  ARG A N   1 
ATOM   17  C CA  . ARG A 1 59  ? 16.338  -6.571  -20.047 1.00 117.62 ? 80  ARG A CA  1 
ATOM   18  C C   . ARG A 1 59  ? 15.943  -7.644  -19.030 1.00 115.79 ? 80  ARG A C   1 
ATOM   19  O O   . ARG A 1 59  ? 14.873  -7.573  -18.424 1.00 115.64 ? 80  ARG A O   1 
ATOM   20  C CB  . ARG A 1 59  ? 15.723  -6.898  -21.413 1.00 118.71 ? 80  ARG A CB  1 
ATOM   21  C CG  . ARG A 1 59  ? 14.208  -7.025  -21.416 1.00 119.81 ? 80  ARG A CG  1 
ATOM   22  C CD  . ARG A 1 59  ? 13.696  -7.504  -22.767 1.00 120.91 ? 80  ARG A CD  1 
ATOM   23  N NE  . ARG A 1 59  ? 12.241  -7.642  -22.783 1.00 121.89 ? 80  ARG A NE  1 
ATOM   24  C CZ  . ARG A 1 59  ? 11.395  -6.674  -23.126 1.00 122.47 ? 80  ARG A CZ  1 
ATOM   25  N NH1 . ARG A 1 59  ? 11.850  -5.480  -23.489 1.00 122.66 ? 80  ARG A NH1 1 
ATOM   26  N NH2 . ARG A 1 59  ? 10.087  -6.896  -23.098 1.00 122.63 ? 80  ARG A NH2 1 
ATOM   27  N N   . SER A 1 60  ? 16.821  -8.627  -18.848 1.00 113.50 ? 81  SER A N   1 
ATOM   28  C CA  . SER A 1 60  ? 16.591  -9.726  -17.914 1.00 111.10 ? 81  SER A CA  1 
ATOM   29  C C   . SER A 1 60  ? 16.507  -9.251  -16.462 1.00 108.85 ? 81  SER A C   1 
ATOM   30  O O   . SER A 1 60  ? 15.519  -9.513  -15.775 1.00 108.76 ? 81  SER A O   1 
ATOM   31  C CB  . SER A 1 60  ? 17.690  -10.785 -18.062 1.00 111.46 ? 81  SER A CB  1 
ATOM   32  O OG  . SER A 1 60  ? 18.980  -10.213 -17.911 1.00 111.89 ? 81  SER A OG  1 
ATOM   33  N N   . ALA A 1 61  ? 17.541  -8.547  -16.010 1.00 105.83 ? 82  ALA A N   1 
ATOM   34  C CA  . ALA A 1 61  ? 17.596  -8.031  -14.644 1.00 102.67 ? 82  ALA A CA  1 
ATOM   35  C C   . ALA A 1 61  ? 16.552  -6.936  -14.397 1.00 100.15 ? 82  ALA A C   1 
ATOM   36  O O   . ALA A 1 61  ? 16.167  -6.683  -13.252 1.00 99.58  ? 82  ALA A O   1 
ATOM   37  C CB  . ALA A 1 61  ? 18.998  -7.511  -14.334 1.00 102.79 ? 82  ALA A CB  1 
ATOM   38  N N   . SER A 1 62  ? 16.108  -6.289  -15.474 1.00 96.66  ? 83  SER A N   1 
ATOM   39  C CA  . SER A 1 62  ? 15.107  -5.230  -15.383 1.00 93.08  ? 83  SER A CA  1 
ATOM   40  C C   . SER A 1 62  ? 13.714  -5.838  -15.246 1.00 90.56  ? 83  SER A C   1 
ATOM   41  O O   . SER A 1 62  ? 12.910  -5.379  -14.436 1.00 90.01  ? 83  SER A O   1 
ATOM   42  C CB  . SER A 1 62  ? 15.167  -4.326  -16.617 1.00 93.25  ? 83  SER A CB  1 
ATOM   43  O OG  . SER A 1 62  ? 14.275  -3.230  -16.499 1.00 92.57  ? 83  SER A OG  1 
ATOM   44  N N   . ASN A 1 63  ? 13.436  -6.864  -16.049 1.00 87.44  ? 84  ASN A N   1 
ATOM   45  C CA  . ASN A 1 63  ? 12.145  -7.546  -16.011 1.00 84.11  ? 84  ASN A CA  1 
ATOM   46  C C   . ASN A 1 63  ? 12.005  -8.384  -14.745 1.00 80.75  ? 84  ASN A C   1 
ATOM   47  O O   . ASN A 1 63  ? 10.894  -8.636  -14.276 1.00 80.29  ? 84  ASN A O   1 
ATOM   48  C CB  . ASN A 1 63  ? 11.948  -8.419  -17.256 1.00 85.43  ? 84  ASN A CB  1 
ATOM   49  C CG  . ASN A 1 63  ? 11.404  -7.634  -18.440 1.00 86.57  ? 84  ASN A CG  1 
ATOM   50  O OD1 . ASN A 1 63  ? 10.361  -7.979  -19.000 1.00 86.95  ? 84  ASN A OD1 1 
ATOM   51  N ND2 . ASN A 1 63  ? 12.103  -6.567  -18.818 1.00 87.37  ? 84  ASN A ND2 1 
ATOM   52  N N   . GLU A 1 64  ? 13.140  -8.816  -14.202 1.00 76.71  ? 85  GLU A N   1 
ATOM   53  C CA  . GLU A 1 64  ? 13.156  -9.603  -12.976 1.00 73.09  ? 85  GLU A CA  1 
ATOM   54  C C   . GLU A 1 64  ? 12.733  -8.673  -11.842 1.00 69.30  ? 85  GLU A C   1 
ATOM   55  O O   . GLU A 1 64  ? 11.813  -8.978  -11.084 1.00 68.42  ? 85  GLU A O   1 
ATOM   56  C CB  . GLU A 1 64  ? 14.564  -10.145 -12.718 1.00 75.11  ? 85  GLU A CB  1 
ATOM   57  C CG  . GLU A 1 64  ? 14.701  -11.022 -11.472 1.00 78.57  ? 85  GLU A CG  1 
ATOM   58  C CD  . GLU A 1 64  ? 13.939  -12.346 -11.562 1.00 80.83  ? 85  GLU A CD  1 
ATOM   59  O OE1 . GLU A 1 64  ? 13.469  -12.716 -12.665 1.00 82.02  ? 85  GLU A OE1 1 
ATOM   60  O OE2 . GLU A 1 64  ? 13.820  -13.026 -10.517 1.00 81.42  ? 85  GLU A OE2 1 
ATOM   61  N N   . PHE A 1 65  ? 13.388  -7.516  -11.776 1.00 64.38  ? 86  PHE A N   1 
ATOM   62  C CA  . PHE A 1 65  ? 13.103  -6.504  -10.768 1.00 59.55  ? 86  PHE A CA  1 
ATOM   63  C C   . PHE A 1 65  ? 11.650  -6.045  -10.858 1.00 57.79  ? 86  PHE A C   1 
ATOM   64  O O   . PHE A 1 65  ? 10.973  -5.923  -9.843  1.00 56.71  ? 86  PHE A O   1 
ATOM   65  C CB  . PHE A 1 65  ? 14.033  -5.297  -10.948 1.00 55.59  ? 86  PHE A CB  1 
ATOM   66  C CG  . PHE A 1 65  ? 13.695  -4.132  -10.060 1.00 51.12  ? 86  PHE A CG  1 
ATOM   67  C CD1 . PHE A 1 65  ? 14.267  -4.017  -8.799  1.00 49.74  ? 86  PHE A CD1 1 
ATOM   68  C CD2 . PHE A 1 65  ? 12.771  -3.178  -10.463 1.00 49.03  ? 86  PHE A CD2 1 
ATOM   69  C CE1 . PHE A 1 65  ? 13.919  -2.972  -7.955  1.00 48.14  ? 86  PHE A CE1 1 
ATOM   70  C CE2 . PHE A 1 65  ? 12.417  -2.131  -9.623  1.00 48.36  ? 86  PHE A CE2 1 
ATOM   71  C CZ  . PHE A 1 65  ? 12.993  -2.030  -8.368  1.00 47.39  ? 86  PHE A CZ  1 
ATOM   72  N N   . LEU A 1 66  ? 11.187  -5.794  -12.078 1.00 56.82  ? 87  LEU A N   1 
ATOM   73  C CA  . LEU A 1 66  ? 9.826   -5.332  -12.320 1.00 56.43  ? 87  LEU A CA  1 
ATOM   74  C C   . LEU A 1 66  ? 8.771   -6.371  -11.945 1.00 56.21  ? 87  LEU A C   1 
ATOM   75  O O   . LEU A 1 66  ? 7.653   -6.019  -11.556 1.00 55.52  ? 87  LEU A O   1 
ATOM   76  C CB  . LEU A 1 66  ? 9.666   -4.925  -13.783 1.00 57.75  ? 87  LEU A CB  1 
ATOM   77  C CG  . LEU A 1 66  ? 9.115   -3.526  -14.070 1.00 59.79  ? 87  LEU A CG  1 
ATOM   78  C CD1 . LEU A 1 66  ? 9.980   -2.459  -13.413 1.00 59.98  ? 87  LEU A CD1 1 
ATOM   79  C CD2 . LEU A 1 66  ? 9.062   -3.309  -15.571 1.00 61.25  ? 87  LEU A CD2 1 
ATOM   80  N N   . ASN A 1 67  ? 9.126   -7.646  -12.056 1.00 55.21  ? 88  ASN A N   1 
ATOM   81  C CA  . ASN A 1 67  ? 8.196   -8.707  -11.712 1.00 55.34  ? 88  ASN A CA  1 
ATOM   82  C C   . ASN A 1 67  ? 8.065   -8.821  -10.196 1.00 52.80  ? 88  ASN A C   1 
ATOM   83  O O   . ASN A 1 67  ? 6.958   -8.932  -9.670  1.00 52.39  ? 88  ASN A O   1 
ATOM   84  C CB  . ASN A 1 67  ? 8.636   -10.036 -12.323 1.00 59.47  ? 88  ASN A CB  1 
ATOM   85  C CG  . ASN A 1 67  ? 7.562   -10.646 -13.206 1.00 64.18  ? 88  ASN A CG  1 
ATOM   86  O OD1 . ASN A 1 67  ? 6.817   -11.538 -12.778 1.00 66.23  ? 88  ASN A OD1 1 
ATOM   87  N ND2 . ASN A 1 67  ? 7.456   -10.148 -14.440 1.00 65.38  ? 88  ASN A ND2 1 
ATOM   88  N N   . ILE A 1 68  ? 9.199   -8.778  -9.503  1.00 49.04  ? 89  ILE A N   1 
ATOM   89  C CA  . ILE A 1 68  ? 9.222   -8.847  -8.051  1.00 46.80  ? 89  ILE A CA  1 
ATOM   90  C C   . ILE A 1 68  ? 8.502   -7.616  -7.484  1.00 44.75  ? 89  ILE A C   1 
ATOM   91  O O   . ILE A 1 68  ? 7.643   -7.738  -6.606  1.00 43.72  ? 89  ILE A O   1 
ATOM   92  C CB  . ILE A 1 68  ? 10.673  -8.870  -7.509  1.00 48.50  ? 89  ILE A CB  1 
ATOM   93  C CG1 . ILE A 1 68  ? 11.449  -10.056 -8.093  1.00 50.34  ? 89  ILE A CG1 1 
ATOM   94  C CG2 . ILE A 1 68  ? 10.677  -8.916  -5.984  1.00 47.59  ? 89  ILE A CG2 1 
ATOM   95  C CD1 . ILE A 1 68  ? 10.832  -11.408 -7.802  1.00 52.92  ? 89  ILE A CD1 1 
ATOM   96  N N   . TRP A 1 69  ? 8.819   -6.444  -8.031  1.00 41.13  ? 90  TRP A N   1 
ATOM   97  C CA  . TRP A 1 69  ? 8.217   -5.193  -7.584  1.00 39.56  ? 90  TRP A CA  1 
ATOM   98  C C   . TRP A 1 69  ? 6.696   -5.218  -7.707  1.00 40.16  ? 90  TRP A C   1 
ATOM   99  O O   . TRP A 1 69  ? 5.997   -4.760  -6.800  1.00 39.59  ? 90  TRP A O   1 
ATOM   100 C CB  . TRP A 1 69  ? 8.784   -4.005  -8.369  1.00 35.75  ? 90  TRP A CB  1 
ATOM   101 C CG  . TRP A 1 69  ? 8.387   -2.653  -7.807  1.00 35.13  ? 90  TRP A CG  1 
ATOM   102 C CD1 . TRP A 1 69  ? 9.079   -1.912  -6.890  1.00 33.58  ? 90  TRP A CD1 1 
ATOM   103 C CD2 . TRP A 1 69  ? 7.203   -1.903  -8.113  1.00 33.08  ? 90  TRP A CD2 1 
ATOM   104 N NE1 . TRP A 1 69  ? 8.401   -0.754  -6.606  1.00 33.49  ? 90  TRP A NE1 1 
ATOM   105 C CE2 . TRP A 1 69  ? 7.244   -0.724  -7.338  1.00 32.53  ? 90  TRP A CE2 1 
ATOM   106 C CE3 . TRP A 1 69  ? 6.108   -2.117  -8.963  1.00 34.40  ? 90  TRP A CE3 1 
ATOM   107 C CZ2 . TRP A 1 69  ? 6.234   0.241   -7.382  1.00 33.44  ? 90  TRP A CZ2 1 
ATOM   108 C CZ3 . TRP A 1 69  ? 5.099   -1.155  -9.010  1.00 33.91  ? 90  TRP A CZ3 1 
ATOM   109 C CH2 . TRP A 1 69  ? 5.171   0.009   -8.220  1.00 33.46  ? 90  TRP A CH2 1 
ATOM   110 N N   . GLY A 1 70  ? 6.200   -5.740  -8.833  1.00 40.02  ? 91  GLY A N   1 
ATOM   111 C CA  . GLY A 1 70  ? 4.769   -5.828  -9.076  1.00 38.47  ? 91  GLY A CA  1 
ATOM   112 C C   . GLY A 1 70  ? 4.053   -6.645  -8.010  1.00 39.28  ? 91  GLY A C   1 
ATOM   113 O O   . GLY A 1 70  ? 2.984   -6.255  -7.543  1.00 40.52  ? 91  GLY A O   1 
ATOM   114 N N   . GLY A 1 71  ? 4.641   -7.775  -7.629  1.00 37.47  ? 92  GLY A N   1 
ATOM   115 C CA  . GLY A 1 71  ? 4.049   -8.607  -6.600  1.00 38.03  ? 92  GLY A CA  1 
ATOM   116 C C   . GLY A 1 71  ? 4.005   -7.890  -5.253  1.00 39.10  ? 92  GLY A C   1 
ATOM   117 O O   . GLY A 1 71  ? 2.999   -7.960  -4.538  1.00 38.79  ? 92  GLY A O   1 
ATOM   118 N N   . GLN A 1 72  ? 5.089   -7.194  -4.910  1.00 36.87  ? 93  GLN A N   1 
ATOM   119 C CA  . GLN A 1 72  ? 5.161   -6.465  -3.650  1.00 37.03  ? 93  GLN A CA  1 
ATOM   120 C C   . GLN A 1 72  ? 4.175   -5.301  -3.635  1.00 36.69  ? 93  GLN A C   1 
ATOM   121 O O   . GLN A 1 72  ? 3.514   -5.063  -2.625  1.00 35.35  ? 93  GLN A O   1 
ATOM   122 C CB  . GLN A 1 72  ? 6.591   -6.008  -3.366  1.00 35.39  ? 93  GLN A CB  1 
ATOM   123 C CG  . GLN A 1 72  ? 7.552   -7.188  -3.229  1.00 38.14  ? 93  GLN A CG  1 
ATOM   124 C CD  . GLN A 1 72  ? 8.981   -6.773  -2.884  1.00 40.26  ? 93  GLN A CD  1 
ATOM   125 O OE1 . GLN A 1 72  ? 9.326   -5.598  -2.931  1.00 41.60  ? 93  GLN A OE1 1 
ATOM   126 N NE2 . GLN A 1 72  ? 9.811   -7.748  -2.533  1.00 40.50  ? 93  GLN A NE2 1 
ATOM   127 N N   . TYR A 1 73  ? 4.029   -4.633  -4.777  1.00 37.53  ? 94  TYR A N   1 
ATOM   128 C CA  . TYR A 1 73  ? 3.093   -3.519  -4.908  1.00 38.61  ? 94  TYR A CA  1 
ATOM   129 C C   . TYR A 1 73  ? 1.662   -4.045  -4.729  1.00 40.13  ? 94  TYR A C   1 
ATOM   130 O O   . TYR A 1 73  ? 0.879   -3.454  -3.990  1.00 40.52  ? 94  TYR A O   1 
ATOM   131 C CB  . TYR A 1 73  ? 3.240   -2.845  -6.280  1.00 38.90  ? 94  TYR A CB  1 
ATOM   132 C CG  . TYR A 1 73  ? 2.139   -1.855  -6.619  1.00 38.90  ? 94  TYR A CG  1 
ATOM   133 C CD1 . TYR A 1 73  ? 2.162   -0.556  -6.117  1.00 39.37  ? 94  TYR A CD1 1 
ATOM   134 C CD2 . TYR A 1 73  ? 1.063   -2.227  -7.430  1.00 41.42  ? 94  TYR A CD2 1 
ATOM   135 C CE1 . TYR A 1 73  ? 1.141   0.350   -6.408  1.00 40.84  ? 94  TYR A CE1 1 
ATOM   136 C CE2 . TYR A 1 73  ? 0.034   -1.328  -7.730  1.00 41.80  ? 94  TYR A CE2 1 
ATOM   137 C CZ  . TYR A 1 73  ? 0.082   -0.044  -7.215  1.00 44.02  ? 94  TYR A CZ  1 
ATOM   138 O OH  . TYR A 1 73  ? -0.934  0.847   -7.508  1.00 48.75  ? 94  TYR A OH  1 
ATOM   139 N N   . ASN A 1 74  ? 1.335   -5.147  -5.410  1.00 39.62  ? 95  ASN A N   1 
ATOM   140 C CA  . ASN A 1 74  ? 0.007   -5.759  -5.309  1.00 40.78  ? 95  ASN A CA  1 
ATOM   141 C C   . ASN A 1 74  ? -0.284  -6.188  -3.862  1.00 39.23  ? 95  ASN A C   1 
ATOM   142 O O   . ASN A 1 74  ? -1.385  -5.993  -3.363  1.00 39.18  ? 95  ASN A O   1 
ATOM   143 C CB  . ASN A 1 74  ? -0.124  -6.976  -6.241  1.00 41.46  ? 95  ASN A CB  1 
ATOM   144 C CG  . ASN A 1 74  ? -0.230  -6.594  -7.718  1.00 46.44  ? 95  ASN A CG  1 
ATOM   145 O OD1 . ASN A 1 74  ? -0.576  -5.460  -8.067  1.00 48.77  ? 95  ASN A OD1 1 
ATOM   146 N ND2 . ASN A 1 74  ? 0.065   -7.552  -8.597  1.00 47.69  ? 95  ASN A ND2 1 
ATOM   147 N N   . HIS A 1 75  ? 0.710   -6.772  -3.203  1.00 37.42  ? 96  HIS A N   1 
ATOM   148 C CA  . HIS A 1 75  ? 0.567   -7.209  -1.818  1.00 37.46  ? 96  HIS A CA  1 
ATOM   149 C C   . HIS A 1 75  ? 0.197   -6.020  -0.911  1.00 37.30  ? 96  HIS A C   1 
ATOM   150 O O   . HIS A 1 75  ? -0.710  -6.114  -0.087  1.00 37.24  ? 96  HIS A O   1 
ATOM   151 C CB  . HIS A 1 75  ? 1.878   -7.851  -1.349  1.00 36.21  ? 96  HIS A CB  1 
ATOM   152 C CG  . HIS A 1 75  ? 1.843   -8.369  0.057   1.00 38.70  ? 96  HIS A CG  1 
ATOM   153 N ND1 . HIS A 1 75  ? 2.987   -8.566  0.801   1.00 38.17  ? 96  HIS A ND1 1 
ATOM   154 C CD2 . HIS A 1 75  ? 0.810   -8.758  0.844   1.00 37.86  ? 96  HIS A CD2 1 
ATOM   155 C CE1 . HIS A 1 75  ? 2.663   -9.058  1.983   1.00 38.54  ? 96  HIS A CE1 1 
ATOM   156 N NE2 . HIS A 1 75  ? 1.348   -9.185  2.034   1.00 38.72  ? 96  HIS A NE2 1 
ATOM   157 N N   . THR A 1 76  ? 0.846   -4.885  -1.142  1.00 36.93  ? 97  THR A N   1 
ATOM   158 C CA  . THR A 1 76  ? 0.629   -3.682  -0.355  1.00 36.67  ? 97  THR A CA  1 
ATOM   159 C C   . THR A 1 76  ? -0.723  -3.043  -0.629  1.00 37.82  ? 97  THR A C   1 
ATOM   160 O O   . THR A 1 76  ? -1.412  -2.616  0.296   1.00 36.43  ? 97  THR A O   1 
ATOM   161 C CB  . THR A 1 76  ? 1.766   -2.658  -0.603  1.00 35.38  ? 97  THR A CB  1 
ATOM   162 O OG1 . THR A 1 76  ? 3.024   -3.289  -0.330  1.00 35.44  ? 97  THR A OG1 1 
ATOM   163 C CG2 . THR A 1 76  ? 1.615   -1.450  0.309   1.00 32.99  ? 97  THR A CG2 1 
ATOM   164 N N   . VAL A 1 77  ? -1.083  -2.952  -1.903  1.00 39.12  ? 98  VAL A N   1 
ATOM   165 C CA  . VAL A 1 77  ? -2.356  -2.373  -2.291  1.00 42.04  ? 98  VAL A CA  1 
ATOM   166 C C   . VAL A 1 77  ? -3.516  -3.234  -1.774  1.00 42.92  ? 98  VAL A C   1 
ATOM   167 O O   . VAL A 1 77  ? -4.498  -2.696  -1.266  1.00 42.68  ? 98  VAL A O   1 
ATOM   168 C CB  . VAL A 1 77  ? -2.428  -2.174  -3.817  1.00 43.45  ? 98  VAL A CB  1 
ATOM   169 C CG1 . VAL A 1 77  ? -3.844  -1.789  -4.249  1.00 44.24  ? 98  VAL A CG1 1 
ATOM   170 C CG2 . VAL A 1 77  ? -1.449  -1.083  -4.227  1.00 43.32  ? 98  VAL A CG2 1 
ATOM   171 N N   . GLN A 1 78  ? -3.379  -4.560  -1.858  1.00 42.72  ? 99  GLN A N   1 
ATOM   172 C CA  . GLN A 1 78  ? -4.415  -5.472  -1.359  1.00 44.08  ? 99  GLN A CA  1 
ATOM   173 C C   . GLN A 1 78  ? -4.602  -5.287  0.155   1.00 43.96  ? 99  GLN A C   1 
ATOM   174 O O   . GLN A 1 78  ? -5.728  -5.320  0.658   1.00 42.53  ? 99  GLN A O   1 
ATOM   175 C CB  . GLN A 1 78  ? -4.063  -6.933  -1.664  1.00 46.08  ? 99  GLN A CB  1 
ATOM   176 C CG  . GLN A 1 78  ? -4.215  -7.320  -3.133  1.00 52.15  ? 99  GLN A CG  1 
ATOM   177 C CD  . GLN A 1 78  ? -3.722  -8.734  -3.435  1.00 56.11  ? 99  GLN A CD  1 
ATOM   178 O OE1 . GLN A 1 78  ? -3.394  -9.507  -2.525  1.00 59.40  ? 99  GLN A OE1 1 
ATOM   179 N NE2 . GLN A 1 78  ? -3.665  -9.075  -4.719  1.00 58.20  ? 99  GLN A NE2 1 
ATOM   180 N N   . THR A 1 79  ? -3.496  -5.066  0.867   1.00 42.35  ? 100 THR A N   1 
ATOM   181 C CA  . THR A 1 79  ? -3.543  -4.857  2.309   1.00 41.27  ? 100 THR A CA  1 
ATOM   182 C C   . THR A 1 79  ? -4.298  -3.566  2.607   1.00 42.97  ? 100 THR A C   1 
ATOM   183 O O   . THR A 1 79  ? -5.121  -3.518  3.524   1.00 42.80  ? 100 THR A O   1 
ATOM   184 C CB  . THR A 1 79  ? -2.132  -4.798  2.910   1.00 39.04  ? 100 THR A CB  1 
ATOM   185 O OG1 . THR A 1 79  ? -1.474  -6.045  2.669   1.00 36.10  ? 100 THR A OG1 1 
ATOM   186 C CG2 . THR A 1 79  ? -2.187  -4.542  4.414   1.00 35.00  ? 100 THR A CG2 1 
ATOM   187 N N   . LEU A 1 80  ? -4.040  -2.536  1.806   1.00 43.40  ? 101 LEU A N   1 
ATOM   188 C CA  . LEU A 1 80  ? -4.715  -1.253  1.962   1.00 45.17  ? 101 LEU A CA  1 
ATOM   189 C C   . LEU A 1 80  ? -6.226  -1.421  1.815   1.00 44.37  ? 101 LEU A C   1 
ATOM   190 O O   . LEU A 1 80  ? -6.992  -0.899  2.623   1.00 43.75  ? 101 LEU A O   1 
ATOM   191 C CB  . LEU A 1 80  ? -4.221  -0.243  0.922   1.00 45.37  ? 101 LEU A CB  1 
ATOM   192 C CG  . LEU A 1 80  ? -3.226  0.812   1.401   1.00 49.99  ? 101 LEU A CG  1 
ATOM   193 C CD1 . LEU A 1 80  ? -2.739  1.638   0.214   1.00 50.96  ? 101 LEU A CD1 1 
ATOM   194 C CD2 . LEU A 1 80  ? -3.873  1.706   2.446   1.00 50.40  ? 101 LEU A CD2 1 
ATOM   195 N N   . PHE A 1 81  ? -6.645  -2.135  0.773   1.00 44.07  ? 102 PHE A N   1 
ATOM   196 C CA  . PHE A 1 81  ? -8.065  -2.363  0.528   1.00 46.32  ? 102 PHE A CA  1 
ATOM   197 C C   . PHE A 1 81  ? -8.694  -3.177  1.658   1.00 45.15  ? 102 PHE A C   1 
ATOM   198 O O   . PHE A 1 81  ? -9.814  -2.893  2.081   1.00 44.89  ? 102 PHE A O   1 
ATOM   199 C CB  . PHE A 1 81  ? -8.289  -3.041  -0.831  1.00 49.50  ? 102 PHE A CB  1 
ATOM   200 C CG  . PHE A 1 81  ? -8.075  -2.126  -2.017  1.00 55.10  ? 102 PHE A CG  1 
ATOM   201 C CD1 . PHE A 1 81  ? -7.724  -0.788  -1.839  1.00 56.76  ? 102 PHE A CD1 1 
ATOM   202 C CD2 . PHE A 1 81  ? -8.224  -2.606  -3.317  1.00 58.57  ? 102 PHE A CD2 1 
ATOM   203 C CE1 . PHE A 1 81  ? -7.528  0.058   -2.934  1.00 58.73  ? 102 PHE A CE1 1 
ATOM   204 C CE2 . PHE A 1 81  ? -8.031  -1.768  -4.421  1.00 59.54  ? 102 PHE A CE2 1 
ATOM   205 C CZ  . PHE A 1 81  ? -7.681  -0.433  -4.225  1.00 59.07  ? 102 PHE A CZ  1 
ATOM   206 N N   . ALA A 1 82  ? -7.955  -4.162  2.161   1.00 43.05  ? 103 ALA A N   1 
ATOM   207 C CA  . ALA A 1 82  ? -8.431  -4.990  3.261   1.00 42.85  ? 103 ALA A CA  1 
ATOM   208 C C   . ALA A 1 82  ? -8.642  -4.117  4.497   1.00 42.96  ? 103 ALA A C   1 
ATOM   209 O O   . ALA A 1 82  ? -9.582  -4.335  5.257   1.00 42.29  ? 103 ALA A O   1 
ATOM   210 C CB  . ALA A 1 82  ? -7.439  -6.118  3.559   1.00 39.38  ? 103 ALA A CB  1 
ATOM   211 N N   . LEU A 1 83  ? -7.777  -3.120  4.681   1.00 43.13  ? 104 LEU A N   1 
ATOM   212 C CA  . LEU A 1 83  ? -7.895  -2.209  5.816   1.00 43.89  ? 104 LEU A CA  1 
ATOM   213 C C   . LEU A 1 83  ? -9.124  -1.303  5.671   1.00 44.70  ? 104 LEU A C   1 
ATOM   214 O O   . LEU A 1 83  ? -9.810  -1.023  6.655   1.00 44.32  ? 104 LEU A O   1 
ATOM   215 C CB  . LEU A 1 83  ? -6.616  -1.378  5.987   1.00 42.28  ? 104 LEU A CB  1 
ATOM   216 C CG  . LEU A 1 83  ? -5.440  -2.155  6.597   1.00 44.04  ? 104 LEU A CG  1 
ATOM   217 C CD1 . LEU A 1 83  ? -4.135  -1.351  6.517   1.00 41.52  ? 104 LEU A CD1 1 
ATOM   218 C CD2 . LEU A 1 83  ? -5.766  -2.510  8.045   1.00 42.52  ? 104 LEU A CD2 1 
ATOM   219 N N   . PHE A 1 84  ? -9.393  -0.847  4.449   1.00 44.60  ? 105 PHE A N   1 
ATOM   220 C CA  . PHE A 1 84  ? -10.551 -0.002  4.183   1.00 46.60  ? 105 PHE A CA  1 
ATOM   221 C C   . PHE A 1 84  ? -11.837 -0.778  4.499   1.00 46.38  ? 105 PHE A C   1 
ATOM   222 O O   . PHE A 1 84  ? -12.759 -0.234  5.110   1.00 46.09  ? 105 PHE A O   1 
ATOM   223 C CB  . PHE A 1 84  ? -10.568 0.468   2.723   1.00 49.53  ? 105 PHE A CB  1 
ATOM   224 C CG  . PHE A 1 84  ? -9.560  1.548   2.411   1.00 53.81  ? 105 PHE A CG  1 
ATOM   225 C CD1 . PHE A 1 84  ? -9.158  2.457   3.388   1.00 55.01  ? 105 PHE A CD1 1 
ATOM   226 C CD2 . PHE A 1 84  ? -9.033  1.673   1.126   1.00 56.03  ? 105 PHE A CD2 1 
ATOM   227 C CE1 . PHE A 1 84  ? -8.247  3.473   3.093   1.00 56.70  ? 105 PHE A CE1 1 
ATOM   228 C CE2 . PHE A 1 84  ? -8.119  2.687   0.818   1.00 56.45  ? 105 PHE A CE2 1 
ATOM   229 C CZ  . PHE A 1 84  ? -7.728  3.588   1.804   1.00 56.91  ? 105 PHE A CZ  1 
ATOM   230 N N   . LYS A 1 85  ? -11.884 -2.046  4.091   1.00 45.04  ? 106 LYS A N   1 
ATOM   231 C CA  . LYS A 1 85  ? -13.040 -2.899  4.354   1.00 46.06  ? 106 LYS A CA  1 
ATOM   232 C C   . LYS A 1 85  ? -13.222 -3.102  5.862   1.00 45.74  ? 106 LYS A C   1 
ATOM   233 O O   . LYS A 1 85  ? -14.337 -3.041  6.374   1.00 44.26  ? 106 LYS A O   1 
ATOM   234 C CB  . LYS A 1 85  ? -12.876 -4.260  3.681   1.00 46.90  ? 106 LYS A CB  1 
ATOM   235 C CG  . LYS A 1 85  ? -13.011 -4.256  2.167   1.00 50.02  ? 106 LYS A CG  1 
ATOM   236 C CD  . LYS A 1 85  ? -12.880 -5.688  1.650   1.00 53.67  ? 106 LYS A CD  1 
ATOM   237 C CE  . LYS A 1 85  ? -13.070 -5.781  0.151   1.00 55.82  ? 106 LYS A CE  1 
ATOM   238 N NZ  . LYS A 1 85  ? -12.939 -7.198  -0.304  1.00 58.56  ? 106 LYS A NZ  1 
ATOM   239 N N   . LYS A 1 86  ? -12.118 -3.344  6.563   1.00 44.92  ? 107 LYS A N   1 
ATOM   240 C CA  . LYS A 1 86  ? -12.139 -3.539  8.006   1.00 45.25  ? 107 LYS A CA  1 
ATOM   241 C C   . LYS A 1 86  ? -12.708 -2.291  8.701   1.00 45.31  ? 107 LYS A C   1 
ATOM   242 O O   . LYS A 1 86  ? -13.415 -2.401  9.702   1.00 43.21  ? 107 LYS A O   1 
ATOM   243 C CB  . LYS A 1 86  ? -10.722 -3.847  8.504   1.00 45.72  ? 107 LYS A CB  1 
ATOM   244 C CG  . LYS A 1 86  ? -10.556 -3.975  10.014  0.50 46.94  ? 107 LYS A CG  1 
ATOM   245 C CD  . LYS A 1 86  ? -9.090  -4.236  10.382  0.50 48.36  ? 107 LYS A CD  1 
ATOM   246 C CE  . LYS A 1 86  ? -8.891  -4.352  11.890  0.50 49.48  ? 107 LYS A CE  1 
ATOM   247 N NZ  . LYS A 1 86  ? -7.468  -4.560  12.280  0.50 49.95  ? 107 LYS A NZ  1 
ATOM   248 N N   . LEU A 1 87  ? -12.407 -1.113  8.153   1.00 44.97  ? 108 LEU A N   1 
ATOM   249 C CA  . LEU A 1 87  ? -12.899 0.143   8.714   1.00 45.74  ? 108 LEU A CA  1 
ATOM   250 C C   . LEU A 1 87  ? -14.397 0.314   8.434   1.00 45.09  ? 108 LEU A C   1 
ATOM   251 O O   . LEU A 1 87  ? -15.144 0.738   9.313   1.00 44.41  ? 108 LEU A O   1 
ATOM   252 C CB  . LEU A 1 87  ? -12.112 1.343   8.169   1.00 46.35  ? 108 LEU A CB  1 
ATOM   253 C CG  . LEU A 1 87  ? -12.458 2.723   8.751   1.00 48.71  ? 108 LEU A CG  1 
ATOM   254 C CD1 . LEU A 1 87  ? -12.305 2.712   10.267  1.00 47.54  ? 108 LEU A CD1 1 
ATOM   255 C CD2 . LEU A 1 87  ? -11.565 3.804   8.132   1.00 49.67  ? 108 LEU A CD2 1 
ATOM   256 N N   . LYS A 1 88  ? -14.832 -0.022  7.221   1.00 44.09  ? 109 LYS A N   1 
ATOM   257 C CA  . LYS A 1 88  ? -16.243 0.090   6.878   1.00 46.71  ? 109 LYS A CA  1 
ATOM   258 C C   . LYS A 1 88  ? -17.086 -0.895  7.690   1.00 46.27  ? 109 LYS A C   1 
ATOM   259 O O   . LYS A 1 88  ? -18.192 -0.559  8.117   1.00 46.01  ? 109 LYS A O   1 
ATOM   260 C CB  . LYS A 1 88  ? -16.476 -0.108  5.376   1.00 47.25  ? 109 LYS A CB  1 
ATOM   261 C CG  . LYS A 1 88  ? -15.835 0.979   4.519   1.00 51.99  ? 109 LYS A CG  1 
ATOM   262 C CD  . LYS A 1 88  ? -16.630 1.257   3.247   1.00 55.07  ? 109 LYS A CD  1 
ATOM   263 C CE  . LYS A 1 88  ? -16.663 0.061   2.318   1.00 57.46  ? 109 LYS A CE  1 
ATOM   264 N NZ  . LYS A 1 88  ? -17.607 0.287   1.185   1.00 60.09  ? 109 LYS A NZ  1 
ATOM   265 N N   . LEU A 1 89  ? -16.547 -2.091  7.927   1.00 45.32  ? 110 LEU A N   1 
ATOM   266 C CA  . LEU A 1 89  ? -17.235 -3.112  8.706   1.00 45.31  ? 110 LEU A CA  1 
ATOM   267 C C   . LEU A 1 89  ? -17.397 -2.640  10.144  1.00 45.12  ? 110 LEU A C   1 
ATOM   268 O O   . LEU A 1 89  ? -18.457 -2.803  10.740  1.00 44.33  ? 110 LEU A O   1 
ATOM   269 C CB  . LEU A 1 89  ? -16.469 -4.434  8.680   1.00 45.74  ? 110 LEU A CB  1 
ATOM   270 C CG  . LEU A 1 89  ? -17.001 -5.517  9.623   1.00 46.04  ? 110 LEU A CG  1 
ATOM   271 C CD1 . LEU A 1 89  ? -18.491 -5.731  9.374   1.00 46.08  ? 110 LEU A CD1 1 
ATOM   272 C CD2 . LEU A 1 89  ? -16.225 -6.809  9.418   1.00 45.86  ? 110 LEU A CD2 1 
ATOM   273 N N   . HIS A 1 90  ? -16.336 -2.067  10.697  1.00 44.35  ? 111 HIS A N   1 
ATOM   274 C CA  . HIS A 1 90  ? -16.368 -1.549  12.056  1.00 46.30  ? 111 HIS A CA  1 
ATOM   275 C C   . HIS A 1 90  ? -17.426 -0.439  12.203  1.00 46.88  ? 111 HIS A C   1 
ATOM   276 O O   . HIS A 1 90  ? -18.159 -0.407  13.193  1.00 46.95  ? 111 HIS A O   1 
ATOM   277 C CB  . HIS A 1 90  ? -14.990 -1.018  12.448  1.00 45.96  ? 111 HIS A CB  1 
ATOM   278 C CG  . HIS A 1 90  ? -14.966 -0.291  13.756  1.00 46.44  ? 111 HIS A CG  1 
ATOM   279 N ND1 . HIS A 1 90  ? -14.844 -0.940  14.965  1.00 47.22  ? 111 HIS A ND1 1 
ATOM   280 C CD2 . HIS A 1 90  ? -15.027 1.031   14.041  1.00 47.05  ? 111 HIS A CD2 1 
ATOM   281 C CE1 . HIS A 1 90  ? -14.829 -0.049  15.941  1.00 47.90  ? 111 HIS A CE1 1 
ATOM   282 N NE2 . HIS A 1 90  ? -14.938 1.155   15.408  1.00 48.69  ? 111 HIS A NE2 1 
ATOM   283 N N   . ASN A 1 91  ? -17.486 0.471   11.231  1.00 46.76  ? 112 ASN A N   1 
ATOM   284 C CA  . ASN A 1 91  ? -18.455 1.563   11.269  1.00 48.22  ? 112 ASN A CA  1 
ATOM   285 C C   . ASN A 1 91  ? -19.889 1.036   11.113  1.00 47.27  ? 112 ASN A C   1 
ATOM   286 O O   . ASN A 1 91  ? -20.803 1.523   11.775  1.00 46.56  ? 112 ASN A O   1 
ATOM   287 C CB  . ASN A 1 91  ? -18.148 2.617   10.197  1.00 49.82  ? 112 ASN A CB  1 
ATOM   288 C CG  . ASN A 1 91  ? -16.848 3.378   10.471  1.00 54.72  ? 112 ASN A CG  1 
ATOM   289 O OD1 . ASN A 1 91  ? -16.406 3.500   11.620  1.00 56.27  ? 112 ASN A OD1 1 
ATOM   290 N ND2 . ASN A 1 91  ? -16.237 3.904   9.406   1.00 55.33  ? 112 ASN A ND2 1 
ATOM   291 N N   . ALA A 1 92  ? -20.075 0.033   10.258  1.00 45.10  ? 113 ALA A N   1 
ATOM   292 C CA  . ALA A 1 92  ? -21.393 -0.556  10.060  1.00 45.95  ? 113 ALA A CA  1 
ATOM   293 C C   . ALA A 1 92  ? -21.877 -1.277  11.335  1.00 47.08  ? 113 ALA A C   1 
ATOM   294 O O   . ALA A 1 92  ? -23.028 -1.109  11.744  1.00 47.07  ? 113 ALA A O   1 
ATOM   295 C CB  . ALA A 1 92  ? -21.382 -1.508  8.877   1.00 44.24  ? 113 ALA A CB  1 
ATOM   296 N N   . MET A 1 93  ? -20.988 -2.033  11.981  1.00 45.96  ? 114 MET A N   1 
ATOM   297 C CA  . MET A 1 93  ? -21.337 -2.749  13.207  1.00 46.26  ? 114 MET A CA  1 
ATOM   298 C C   . MET A 1 93  ? -21.662 -1.788  14.352  1.00 46.71  ? 114 MET A C   1 
ATOM   299 O O   . MET A 1 93  ? -22.531 -2.071  15.175  1.00 45.74  ? 114 MET A O   1 
ATOM   300 C CB  . MET A 1 93  ? -20.210 -3.697  13.640  1.00 45.91  ? 114 MET A CB  1 
ATOM   301 C CG  . MET A 1 93  ? -20.031 -4.934  12.757  1.00 47.56  ? 114 MET A CG  1 
ATOM   302 S SD  . MET A 1 93  ? -21.528 -5.953  12.610  1.00 49.45  ? 114 MET A SD  1 
ATOM   303 C CE  . MET A 1 93  ? -21.831 -6.309  14.368  1.00 47.54  ? 114 MET A CE  1 
ATOM   304 N N   . ARG A 1 94  ? -20.951 -0.665  14.402  1.00 46.69  ? 115 ARG A N   1 
ATOM   305 C CA  . ARG A 1 94  ? -21.149 0.347   15.438  1.00 47.94  ? 115 ARG A CA  1 
ATOM   306 C C   . ARG A 1 94  ? -22.549 0.950   15.271  1.00 47.86  ? 115 ARG A C   1 
ATOM   307 O O   . ARG A 1 94  ? -23.286 1.124   16.237  1.00 47.43  ? 115 ARG A O   1 
ATOM   308 C CB  . ARG A 1 94  ? -20.087 1.443   15.294  1.00 49.54  ? 115 ARG A CB  1 
ATOM   309 C CG  . ARG A 1 94  ? -20.121 2.539   16.345  0.50 52.86  ? 115 ARG A CG  1 
ATOM   310 C CD  . ARG A 1 94  ? -19.542 2.074   17.673  0.50 56.40  ? 115 ARG A CD  1 
ATOM   311 N NE  . ARG A 1 94  ? -19.419 3.178   18.625  0.50 58.94  ? 115 ARG A NE  1 
ATOM   312 C CZ  . ARG A 1 94  ? -18.782 3.099   19.790  0.50 60.49  ? 115 ARG A CZ  1 
ATOM   313 N NH1 . ARG A 1 94  ? -18.203 1.963   20.161  0.50 61.52  ? 115 ARG A NH1 1 
ATOM   314 N NH2 . ARG A 1 94  ? -18.721 4.158   20.586  0.50 61.23  ? 115 ARG A NH2 1 
ATOM   315 N N   . LEU A 1 95  ? -22.902 1.221   14.020  1.00 46.96  ? 116 LEU A N   1 
ATOM   316 C CA  . LEU A 1 95  ? -24.185 1.789   13.640  1.00 47.34  ? 116 LEU A CA  1 
ATOM   317 C C   . LEU A 1 95  ? -25.325 0.832   14.007  1.00 47.02  ? 116 LEU A C   1 
ATOM   318 O O   . LEU A 1 95  ? -26.316 1.229   14.628  1.00 46.52  ? 116 LEU A O   1 
ATOM   319 C CB  . LEU A 1 95  ? -24.163 2.072   12.132  1.00 47.89  ? 116 LEU A CB  1 
ATOM   320 C CG  . LEU A 1 95  ? -25.294 2.788   11.387  1.00 50.68  ? 116 LEU A CG  1 
ATOM   321 C CD1 . LEU A 1 95  ? -26.458 1.839   11.131  1.00 50.83  ? 116 LEU A CD1 1 
ATOM   322 C CD2 . LEU A 1 95  ? -25.724 4.039   12.149  1.00 51.48  ? 116 LEU A CD2 1 
ATOM   323 N N   . ILE A 1 96  ? -25.157 -0.437  13.653  1.00 45.90  ? 117 ILE A N   1 
ATOM   324 C CA  . ILE A 1 96  ? -26.154 -1.453  13.938  1.00 45.28  ? 117 ILE A CA  1 
ATOM   325 C C   . ILE A 1 96  ? -26.387 -1.660  15.429  1.00 46.11  ? 117 ILE A C   1 
ATOM   326 O O   . ILE A 1 96  ? -27.531 -1.826  15.862  1.00 45.44  ? 117 ILE A O   1 
ATOM   327 C CB  . ILE A 1 96  ? -25.794 -2.758  13.234  1.00 45.85  ? 117 ILE A CB  1 
ATOM   328 C CG1 . ILE A 1 96  ? -26.048 -2.579  11.741  1.00 46.28  ? 117 ILE A CG1 1 
ATOM   329 C CG2 . ILE A 1 96  ? -26.577 -3.942  13.805  1.00 44.78  ? 117 ILE A CG2 1 
ATOM   330 C CD1 . ILE A 1 96  ? -25.678 -3.774  10.933  1.00 52.42  ? 117 ILE A CD1 1 
ATOM   331 N N   . LYS A 1 97  ? -25.318 -1.608  16.216  1.00 45.54  ? 118 LYS A N   1 
ATOM   332 C CA  . LYS A 1 97  ? -25.444 -1.772  17.657  1.00 47.71  ? 118 LYS A CA  1 
ATOM   333 C C   . LYS A 1 97  ? -26.121 -0.559  18.298  1.00 47.86  ? 118 LYS A C   1 
ATOM   334 O O   . LYS A 1 97  ? -26.851 -0.701  19.278  1.00 47.07  ? 118 LYS A O   1 
ATOM   335 C CB  . LYS A 1 97  ? -24.085 -2.048  18.298  1.00 49.67  ? 118 LYS A CB  1 
ATOM   336 C CG  . LYS A 1 97  ? -23.531 -3.411  17.920  1.00 54.10  ? 118 LYS A CG  1 
ATOM   337 C CD  . LYS A 1 97  ? -22.207 -3.707  18.596  1.00 56.64  ? 118 LYS A CD  1 
ATOM   338 C CE  . LYS A 1 97  ? -21.800 -5.149  18.319  1.00 59.08  ? 118 LYS A CE  1 
ATOM   339 N NZ  . LYS A 1 97  ? -20.550 -5.531  19.029  1.00 61.32  ? 118 LYS A NZ  1 
ATOM   340 N N   . ASP A 1 98  ? -25.874 0.628   17.746  1.00 47.64  ? 119 ASP A N   1 
ATOM   341 C CA  . ASP A 1 98  ? -26.499 1.844   18.255  1.00 47.53  ? 119 ASP A CA  1 
ATOM   342 C C   . ASP A 1 98  ? -28.007 1.790   17.986  1.00 46.32  ? 119 ASP A C   1 
ATOM   343 O O   . ASP A 1 98  ? -28.803 2.141   18.856  1.00 44.99  ? 119 ASP A O   1 
ATOM   344 C CB  . ASP A 1 98  ? -25.908 3.095   17.595  1.00 49.78  ? 119 ASP A CB  1 
ATOM   345 C CG  . ASP A 1 98  ? -24.533 3.470   18.143  1.00 53.12  ? 119 ASP A CG  1 
ATOM   346 O OD1 . ASP A 1 98  ? -24.137 2.975   19.224  1.00 55.20  ? 119 ASP A OD1 1 
ATOM   347 O OD2 . ASP A 1 98  ? -23.847 4.287   17.490  1.00 56.23  ? 119 ASP A OD2 1 
ATOM   348 N N   . TYR A 1 99  ? -28.385 1.335   16.789  1.00 44.06  ? 120 TYR A N   1 
ATOM   349 C CA  . TYR A 1 99  ? -29.794 1.224   16.406  1.00 44.08  ? 120 TYR A CA  1 
ATOM   350 C C   . TYR A 1 99  ? -30.552 0.163   17.208  1.00 44.70  ? 120 TYR A C   1 
ATOM   351 O O   . TYR A 1 99  ? -31.691 0.394   17.623  1.00 44.28  ? 120 TYR A O   1 
ATOM   352 C CB  . TYR A 1 99  ? -29.940 0.973   14.900  1.00 41.02  ? 120 TYR A CB  1 
ATOM   353 C CG  . TYR A 1 99  ? -29.650 2.198   14.052  1.00 41.51  ? 120 TYR A CG  1 
ATOM   354 C CD1 . TYR A 1 99  ? -29.806 2.163   12.669  1.00 40.75  ? 120 TYR A CD1 1 
ATOM   355 C CD2 . TYR A 1 99  ? -29.203 3.390   14.634  1.00 41.42  ? 120 TYR A CD2 1 
ATOM   356 C CE1 . TYR A 1 99  ? -29.525 3.274   11.884  1.00 41.54  ? 120 TYR A CE1 1 
ATOM   357 C CE2 . TYR A 1 99  ? -28.916 4.511   13.855  1.00 41.92  ? 120 TYR A CE2 1 
ATOM   358 C CZ  . TYR A 1 99  ? -29.079 4.441   12.481  1.00 41.40  ? 120 TYR A CZ  1 
ATOM   359 O OH  . TYR A 1 99  ? -28.782 5.526   11.699  1.00 42.34  ? 120 TYR A OH  1 
ATOM   360 N N   . VAL A 1 100 ? -29.921 -0.991  17.413  1.00 44.82  ? 121 VAL A N   1 
ATOM   361 C CA  . VAL A 1 100 ? -30.516 -2.073  18.194  1.00 45.57  ? 121 VAL A CA  1 
ATOM   362 C C   . VAL A 1 100 ? -30.762 -1.525  19.599  1.00 45.90  ? 121 VAL A C   1 
ATOM   363 O O   . VAL A 1 100 ? -31.851 -1.668  20.152  1.00 44.69  ? 121 VAL A O   1 
ATOM   364 C CB  . VAL A 1 100 ? -29.568 -3.310  18.288  1.00 46.01  ? 121 VAL A CB  1 
ATOM   365 C CG1 . VAL A 1 100 ? -30.013 -4.254  19.402  1.00 45.13  ? 121 VAL A CG1 1 
ATOM   366 C CG2 . VAL A 1 100 ? -29.546 -4.058  16.969  1.00 46.38  ? 121 VAL A CG2 1 
ATOM   367 N N   . SER A 1 101 ? -29.750 -0.858  20.145  1.00 46.30  ? 122 SER A N   1 
ATOM   368 C CA  . SER A 1 101 ? -29.834 -0.276  21.479  1.00 48.17  ? 122 SER A CA  1 
ATOM   369 C C   . SER A 1 101 ? -30.990 0.723   21.572  1.00 48.19  ? 122 SER A C   1 
ATOM   370 O O   . SER A 1 101 ? -31.734 0.728   22.549  1.00 48.42  ? 122 SER A O   1 
ATOM   371 C CB  . SER A 1 101 ? -28.512 0.402   21.839  1.00 48.73  ? 122 SER A CB  1 
ATOM   372 O OG  . SER A 1 101 ? -28.588 1.026   23.108  1.00 53.56  ? 122 SER A OG  1 
ATOM   373 N N   . GLU A 1 102 ? -31.144 1.541   20.538  1.00 48.16  ? 123 GLU A N   1 
ATOM   374 C CA  . GLU A 1 102 ? -32.211 2.531   20.477  1.00 50.04  ? 123 GLU A CA  1 
ATOM   375 C C   . GLU A 1 102 ? -33.591 1.850   20.467  1.00 49.37  ? 123 GLU A C   1 
ATOM   376 O O   . GLU A 1 102 ? -34.507 2.280   21.172  1.00 48.05  ? 123 GLU A O   1 
ATOM   377 C CB  . GLU A 1 102 ? -32.039 3.400   19.228  1.00 52.47  ? 123 GLU A CB  1 
ATOM   378 C CG  . GLU A 1 102 ? -33.039 4.537   19.097  1.00 57.90  ? 123 GLU A CG  1 
ATOM   379 C CD  . GLU A 1 102 ? -32.805 5.382   17.851  1.00 62.25  ? 123 GLU A CD  1 
ATOM   380 O OE1 . GLU A 1 102 ? -31.632 5.727   17.563  1.00 63.18  ? 123 GLU A OE1 1 
ATOM   381 O OE2 . GLU A 1 102 ? -33.799 5.705   17.159  1.00 65.07  ? 123 GLU A OE2 1 
ATOM   382 N N   . ASP A 1 103 ? -33.729 0.781   19.686  1.00 47.96  ? 124 ASP A N   1 
ATOM   383 C CA  . ASP A 1 103 ? -34.987 0.051   19.616  1.00 48.25  ? 124 ASP A CA  1 
ATOM   384 C C   . ASP A 1 103 ? -35.375 -0.557  20.958  1.00 49.16  ? 124 ASP A C   1 
ATOM   385 O O   . ASP A 1 103 ? -36.526 -0.460  21.376  1.00 47.92  ? 124 ASP A O   1 
ATOM   386 C CB  . ASP A 1 103 ? -34.916 -1.071  18.577  1.00 47.04  ? 124 ASP A CB  1 
ATOM   387 C CG  . ASP A 1 103 ? -34.984 -0.557  17.155  1.00 48.74  ? 124 ASP A CG  1 
ATOM   388 O OD1 . ASP A 1 103 ? -34.704 -1.348  16.239  1.00 47.03  ? 124 ASP A OD1 1 
ATOM   389 O OD2 . ASP A 1 103 ? -35.319 0.630   16.947  1.00 50.37  ? 124 ASP A OD2 1 
ATOM   390 N N   . LEU A 1 104 ? -34.407 -1.185  21.621  1.00 49.78  ? 125 LEU A N   1 
ATOM   391 C CA  . LEU A 1 104 ? -34.641 -1.838  22.900  1.00 51.61  ? 125 LEU A CA  1 
ATOM   392 C C   . LEU A 1 104 ? -34.928 -0.886  24.043  1.00 51.79  ? 125 LEU A C   1 
ATOM   393 O O   . LEU A 1 104 ? -35.626 -1.242  24.989  1.00 51.19  ? 125 LEU A O   1 
ATOM   394 C CB  . LEU A 1 104 ? -33.464 -2.749  23.257  1.00 52.18  ? 125 LEU A CB  1 
ATOM   395 C CG  . LEU A 1 104 ? -33.218 -3.899  22.276  1.00 53.82  ? 125 LEU A CG  1 
ATOM   396 C CD1 . LEU A 1 104 ? -32.026 -4.730  22.735  1.00 54.16  ? 125 LEU A CD1 1 
ATOM   397 C CD2 . LEU A 1 104 ? -34.464 -4.760  22.165  1.00 53.93  ? 125 LEU A CD2 1 
ATOM   398 N N   . HIS A 1 105 ? -34.418 0.335   23.944  1.00 53.87  ? 126 HIS A N   1 
ATOM   399 C CA  . HIS A 1 105 ? -34.626 1.311   24.999  1.00 56.82  ? 126 HIS A CA  1 
ATOM   400 C C   . HIS A 1 105 ? -36.077 1.716   25.266  1.00 56.52  ? 126 HIS A C   1 
ATOM   401 O O   . HIS A 1 105 ? -36.392 2.197   26.355  1.00 56.77  ? 126 HIS A O   1 
ATOM   402 C CB  . HIS A 1 105 ? -33.732 2.533   24.794  1.00 60.27  ? 126 HIS A CB  1 
ATOM   403 C CG  . HIS A 1 105 ? -32.374 2.380   25.408  1.00 66.51  ? 126 HIS A CG  1 
ATOM   404 N ND1 . HIS A 1 105 ? -31.528 1.335   25.095  1.00 67.59  ? 126 HIS A ND1 1 
ATOM   405 C CD2 . HIS A 1 105 ? -31.737 3.108   26.356  1.00 67.90  ? 126 HIS A CD2 1 
ATOM   406 C CE1 . HIS A 1 105 ? -30.432 1.424   25.826  1.00 69.25  ? 126 HIS A CE1 1 
ATOM   407 N NE2 . HIS A 1 105 ? -30.533 2.492   26.600  1.00 69.80  ? 126 HIS A NE2 1 
ATOM   408 N N   . LYS A 1 106 ? -36.974 1.493   24.311  1.00 54.71  ? 127 LYS A N   1 
ATOM   409 C CA  . LYS A 1 106 ? -38.363 1.856   24.563  1.00 54.75  ? 127 LYS A CA  1 
ATOM   410 C C   . LYS A 1 106 ? -39.144 0.773   25.317  1.00 53.80  ? 127 LYS A C   1 
ATOM   411 O O   . LYS A 1 106 ? -40.310 0.962   25.662  1.00 53.91  ? 127 LYS A O   1 
ATOM   412 C CB  . LYS A 1 106 ? -39.074 2.295   23.284  1.00 53.39  ? 127 LYS A CB  1 
ATOM   413 C CG  . LYS A 1 106 ? -39.225 1.256   22.215  1.00 51.72  ? 127 LYS A CG  1 
ATOM   414 C CD  . LYS A 1 106 ? -39.577 1.954   20.902  1.00 49.94  ? 127 LYS A CD  1 
ATOM   415 C CE  . LYS A 1 106 ? -39.879 0.944   19.817  1.00 49.51  ? 127 LYS A CE  1 
ATOM   416 N NZ  . LYS A 1 106 ? -38.703 0.079   19.538  1.00 48.81  ? 127 LYS A NZ  1 
ATOM   417 N N   . TYR A 1 107 ? -38.476 -0.339  25.600  1.00 52.31  ? 128 TYR A N   1 
ATOM   418 C CA  . TYR A 1 107 ? -39.082 -1.440  26.331  1.00 53.61  ? 128 TYR A CA  1 
ATOM   419 C C   . TYR A 1 107 ? -38.472 -1.521  27.735  1.00 56.35  ? 128 TYR A C   1 
ATOM   420 O O   . TYR A 1 107 ? -38.727 -2.465  28.482  1.00 56.36  ? 128 TYR A O   1 
ATOM   421 C CB  . TYR A 1 107 ? -38.848 -2.754  25.590  1.00 50.99  ? 128 TYR A CB  1 
ATOM   422 C CG  . TYR A 1 107 ? -39.354 -2.750  24.168  1.00 49.03  ? 128 TYR A CG  1 
ATOM   423 C CD1 . TYR A 1 107 ? -38.466 -2.634  23.093  1.00 46.19  ? 128 TYR A CD1 1 
ATOM   424 C CD2 . TYR A 1 107 ? -40.716 -2.863  23.892  1.00 46.61  ? 128 TYR A CD2 1 
ATOM   425 C CE1 . TYR A 1 107 ? -38.923 -2.633  21.786  1.00 44.56  ? 128 TYR A CE1 1 
ATOM   426 C CE2 . TYR A 1 107 ? -41.184 -2.864  22.586  1.00 45.78  ? 128 TYR A CE2 1 
ATOM   427 C CZ  . TYR A 1 107 ? -40.280 -2.749  21.537  1.00 44.44  ? 128 TYR A CZ  1 
ATOM   428 O OH  . TYR A 1 107 ? -40.736 -2.751  20.245  1.00 43.04  ? 128 TYR A OH  1 
ATOM   429 N N   . ILE A 1 108 ? -37.675 -0.518  28.082  1.00 58.88  ? 129 ILE A N   1 
ATOM   430 C CA  . ILE A 1 108 ? -37.010 -0.457  29.379  1.00 63.07  ? 129 ILE A CA  1 
ATOM   431 C C   . ILE A 1 108 ? -37.689 0.541   30.314  1.00 64.54  ? 129 ILE A C   1 
ATOM   432 O O   . ILE A 1 108 ? -37.851 0.193   31.506  1.00 66.65  ? 129 ILE A O   1 
ATOM   433 C CB  . ILE A 1 108 ? -35.503 -0.098  29.211  1.00 64.26  ? 129 ILE A CB  1 
ATOM   434 C CG1 . ILE A 1 108 ? -34.773 -1.243  28.504  1.00 65.28  ? 129 ILE A CG1 1 
ATOM   435 C CG2 . ILE A 1 108 ? -34.854 0.213   30.552  1.00 65.74  ? 129 ILE A CG2 1 
ATOM   436 C CD1 . ILE A 1 108 ? -35.030 -2.616  29.111  1.00 65.94  ? 129 ILE A CD1 1 
ATOM   437 O OXT . ILE A 1 108 ? -38.058 1.645   29.851  1.00 65.29  ? 129 ILE A OXT 1 
ATOM   438 N N   . SER B 1 60  ? -12.230 2.983   25.669  1.00 104.24 ? 81  SER B N   1 
ATOM   439 C CA  . SER B 1 60  ? -13.293 2.442   24.770  1.00 104.22 ? 81  SER B CA  1 
ATOM   440 C C   . SER B 1 60  ? -12.718 1.428   23.781  1.00 103.88 ? 81  SER B C   1 
ATOM   441 O O   . SER B 1 60  ? -11.568 1.550   23.349  1.00 103.89 ? 81  SER B O   1 
ATOM   442 C CB  . SER B 1 60  ? -13.975 3.583   24.006  1.00 104.23 ? 81  SER B CB  1 
ATOM   443 O OG  . SER B 1 60  ? -15.004 3.098   23.159  1.00 104.05 ? 81  SER B OG  1 
ATOM   444 N N   . ALA B 1 61  ? -13.527 0.428   23.431  1.00 103.07 ? 82  ALA B N   1 
ATOM   445 C CA  . ALA B 1 61  ? -13.121 -0.610  22.486  1.00 102.09 ? 82  ALA B CA  1 
ATOM   446 C C   . ALA B 1 61  ? -13.075 -0.072  21.054  1.00 101.10 ? 82  ALA B C   1 
ATOM   447 O O   . ALA B 1 61  ? -12.418 -0.650  20.186  1.00 100.85 ? 82  ALA B O   1 
ATOM   448 C CB  . ALA B 1 61  ? -14.068 -1.805  22.576  1.00 102.40 ? 82  ALA B CB  1 
ATOM   449 N N   . SER B 1 62  ? -13.787 1.028   20.816  1.00 99.78  ? 83  SER B N   1 
ATOM   450 C CA  . SER B 1 62  ? -13.827 1.665   19.504  1.00 98.15  ? 83  SER B CA  1 
ATOM   451 C C   . SER B 1 62  ? -12.539 2.452   19.270  1.00 96.76  ? 83  SER B C   1 
ATOM   452 O O   . SER B 1 62  ? -11.981 2.429   18.172  1.00 96.80  ? 83  SER B O   1 
ATOM   453 C CB  . SER B 1 62  ? -15.039 2.597   19.395  1.00 98.58  ? 83  SER B CB  1 
ATOM   454 O OG  . SER B 1 62  ? -15.145 3.160   18.098  1.00 98.67  ? 83  SER B OG  1 
ATOM   455 N N   . ASN B 1 63  ? -12.077 3.154   20.302  1.00 94.84  ? 84  ASN B N   1 
ATOM   456 C CA  . ASN B 1 63  ? -10.845 3.930   20.205  1.00 92.87  ? 84  ASN B CA  1 
ATOM   457 C C   . ASN B 1 63  ? -9.640  2.994   20.156  1.00 90.56  ? 84  ASN B C   1 
ATOM   458 O O   . ASN B 1 63  ? -8.610  3.325   19.567  1.00 90.36  ? 84  ASN B O   1 
ATOM   459 C CB  . ASN B 1 63  ? -10.722 4.912   21.374  1.00 94.00  ? 84  ASN B CB  1 
ATOM   460 C CG  . ASN B 1 63  ? -11.602 6.141   21.199  1.00 94.99  ? 84  ASN B CG  1 
ATOM   461 O OD1 . ASN B 1 63  ? -12.400 6.225   20.262  1.00 95.45  ? 84  ASN B OD1 1 
ATOM   462 N ND2 . ASN B 1 63  ? -11.454 7.107   22.100  1.00 95.38  ? 84  ASN B ND2 1 
ATOM   463 N N   . GLU B 1 64  ? -9.783  1.827   20.780  1.00 87.47  ? 85  GLU B N   1 
ATOM   464 C CA  . GLU B 1 64  ? -8.737  0.812   20.796  1.00 84.38  ? 85  GLU B CA  1 
ATOM   465 C C   . GLU B 1 64  ? -8.572  0.292   19.368  1.00 81.24  ? 85  GLU B C   1 
ATOM   466 O O   . GLU B 1 64  ? -7.457  0.064   18.901  1.00 80.57  ? 85  GLU B O   1 
ATOM   467 C CB  . GLU B 1 64  ? -9.137  -0.338  21.728  1.00 85.91  ? 85  GLU B CB  1 
ATOM   468 C CG  . GLU B 1 64  ? -8.186  -1.539  21.732  1.00 88.62  ? 85  GLU B CG  1 
ATOM   469 C CD  . GLU B 1 64  ? -6.885  -1.279  22.480  1.00 90.13  ? 85  GLU B CD  1 
ATOM   470 O OE1 . GLU B 1 64  ? -6.088  -0.423  22.033  1.00 91.25  ? 85  GLU B OE1 1 
ATOM   471 O OE2 . GLU B 1 64  ? -6.657  -1.944  23.514  1.00 91.02  ? 85  GLU B OE2 1 
ATOM   472 N N   . PHE B 1 65  ? -9.703  0.128   18.683  1.00 77.26  ? 86  PHE B N   1 
ATOM   473 C CA  . PHE B 1 65  ? -9.727  -0.347  17.308  1.00 73.44  ? 86  PHE B CA  1 
ATOM   474 C C   . PHE B 1 65  ? -9.072  0.670   16.382  1.00 72.60  ? 86  PHE B C   1 
ATOM   475 O O   . PHE B 1 65  ? -8.199  0.321   15.591  1.00 71.61  ? 86  PHE B O   1 
ATOM   476 C CB  . PHE B 1 65  ? -11.172 -0.594  16.858  1.00 70.51  ? 86  PHE B CB  1 
ATOM   477 C CG  . PHE B 1 65  ? -11.301 -1.017  15.419  1.00 66.48  ? 86  PHE B CG  1 
ATOM   478 C CD1 . PHE B 1 65  ? -11.280 -2.362  15.073  1.00 65.53  ? 86  PHE B CD1 1 
ATOM   479 C CD2 . PHE B 1 65  ? -11.425 -0.071  14.409  1.00 65.13  ? 86  PHE B CD2 1 
ATOM   480 C CE1 . PHE B 1 65  ? -11.381 -2.757  13.743  1.00 64.72  ? 86  PHE B CE1 1 
ATOM   481 C CE2 . PHE B 1 65  ? -11.525 -0.456  13.079  1.00 64.41  ? 86  PHE B CE2 1 
ATOM   482 C CZ  . PHE B 1 65  ? -11.502 -1.802  12.744  1.00 63.73  ? 86  PHE B CZ  1 
ATOM   483 N N   . LEU B 1 66  ? -9.499  1.927   16.494  1.00 71.76  ? 87  LEU B N   1 
ATOM   484 C CA  . LEU B 1 66  ? -8.981  3.006   15.659  1.00 71.09  ? 87  LEU B CA  1 
ATOM   485 C C   . LEU B 1 66  ? -7.491  3.281   15.816  1.00 70.38  ? 87  LEU B C   1 
ATOM   486 O O   . LEU B 1 66  ? -6.858  3.787   14.892  1.00 69.89  ? 87  LEU B O   1 
ATOM   487 C CB  . LEU B 1 66  ? -9.781  4.291   15.882  1.00 71.16  ? 87  LEU B CB  1 
ATOM   488 C CG  . LEU B 1 66  ? -11.241 4.250   15.424  1.00 72.63  ? 87  LEU B CG  1 
ATOM   489 C CD1 . LEU B 1 66  ? -11.891 5.603   15.654  1.00 72.89  ? 87  LEU B CD1 1 
ATOM   490 C CD2 . LEU B 1 66  ? -11.324 3.867   13.954  1.00 72.44  ? 87  LEU B CD2 1 
ATOM   491 N N   . ASN B 1 67  ? -6.939  2.974   16.986  1.00 69.72  ? 88  ASN B N   1 
ATOM   492 C CA  . ASN B 1 67  ? -5.514  3.188   17.224  1.00 69.13  ? 88  ASN B CA  1 
ATOM   493 C C   . ASN B 1 67  ? -4.715  2.080   16.557  1.00 66.74  ? 88  ASN B C   1 
ATOM   494 O O   . ASN B 1 67  ? -3.682  2.337   15.943  1.00 66.80  ? 88  ASN B O   1 
ATOM   495 C CB  . ASN B 1 67  ? -5.205  3.243   18.725  1.00 71.35  ? 88  ASN B CB  1 
ATOM   496 C CG  . ASN B 1 67  ? -5.645  4.550   19.363  1.00 73.62  ? 88  ASN B CG  1 
ATOM   497 O OD1 . ASN B 1 67  ? -5.693  5.591   18.703  1.00 75.33  ? 88  ASN B OD1 1 
ATOM   498 N ND2 . ASN B 1 67  ? -5.974  4.502   20.652  1.00 74.68  ? 88  ASN B ND2 1 
ATOM   499 N N   . ILE B 1 68  ? -5.207  0.851   16.686  1.00 63.99  ? 89  ILE B N   1 
ATOM   500 C CA  . ILE B 1 68  ? -4.568  -0.313  16.086  1.00 60.99  ? 89  ILE B CA  1 
ATOM   501 C C   . ILE B 1 68  ? -4.694  -0.222  14.563  1.00 59.09  ? 89  ILE B C   1 
ATOM   502 O O   . ILE B 1 68  ? -3.751  -0.542  13.836  1.00 59.28  ? 89  ILE B O   1 
ATOM   503 C CB  . ILE B 1 68  ? -5.228  -1.625  16.564  1.00 61.79  ? 89  ILE B CB  1 
ATOM   504 C CG1 . ILE B 1 68  ? -5.107  -1.757  18.086  1.00 63.34  ? 89  ILE B CG1 1 
ATOM   505 C CG2 . ILE B 1 68  ? -4.613  -2.828  15.858  1.00 60.83  ? 89  ILE B CG2 1 
ATOM   506 C CD1 . ILE B 1 68  ? -3.683  -1.637  18.618  1.00 66.39  ? 89  ILE B CD1 1 
ATOM   507 N N   . TRP B 1 69  ? -5.849  0.246   14.096  1.00 54.84  ? 90  TRP B N   1 
ATOM   508 C CA  . TRP B 1 69  ? -6.112  0.379   12.671  1.00 51.62  ? 90  TRP B CA  1 
ATOM   509 C C   . TRP B 1 69  ? -5.233  1.459   12.047  1.00 51.68  ? 90  TRP B C   1 
ATOM   510 O O   . TRP B 1 69  ? -4.644  1.245   10.986  1.00 49.53  ? 90  TRP B O   1 
ATOM   511 C CB  . TRP B 1 69  ? -7.589  0.701   12.420  1.00 48.18  ? 90  TRP B CB  1 
ATOM   512 C CG  . TRP B 1 69  ? -7.965  0.687   10.967  1.00 44.62  ? 90  TRP B CG  1 
ATOM   513 C CD1 . TRP B 1 69  ? -8.452  -0.376  10.258  1.00 42.43  ? 90  TRP B CD1 1 
ATOM   514 C CD2 . TRP B 1 69  ? -7.844  1.769   10.036  1.00 42.27  ? 90  TRP B CD2 1 
ATOM   515 N NE1 . TRP B 1 69  ? -8.636  -0.024  8.944   1.00 42.46  ? 90  TRP B NE1 1 
ATOM   516 C CE2 . TRP B 1 69  ? -8.271  1.288   8.779   1.00 41.58  ? 90  TRP B CE2 1 
ATOM   517 C CE3 . TRP B 1 69  ? -7.415  3.100   10.144  1.00 43.00  ? 90  TRP B CE3 1 
ATOM   518 C CZ2 . TRP B 1 69  ? -8.277  2.087   7.631   1.00 40.92  ? 90  TRP B CZ2 1 
ATOM   519 C CZ3 . TRP B 1 69  ? -7.422  3.899   8.996   1.00 41.96  ? 90  TRP B CZ3 1 
ATOM   520 C CH2 . TRP B 1 69  ? -7.851  3.386   7.757   1.00 41.45  ? 90  TRP B CH2 1 
ATOM   521 N N   . GLY B 1 70  ? -5.164  2.614   12.707  1.00 50.85  ? 91  GLY B N   1 
ATOM   522 C CA  . GLY B 1 70  ? -4.368  3.726   12.220  1.00 50.48  ? 91  GLY B CA  1 
ATOM   523 C C   . GLY B 1 70  ? -2.897  3.377   12.072  1.00 51.24  ? 91  GLY B C   1 
ATOM   524 O O   . GLY B 1 70  ? -2.234  3.851   11.151  1.00 51.78  ? 91  GLY B O   1 
ATOM   525 N N   . GLY B 1 71  ? -2.387  2.562   12.990  1.00 50.54  ? 92  GLY B N   1 
ATOM   526 C CA  . GLY B 1 71  ? -0.998  2.150   12.929  1.00 50.50  ? 92  GLY B CA  1 
ATOM   527 C C   . GLY B 1 71  ? -0.759  1.234   11.737  1.00 50.49  ? 92  GLY B C   1 
ATOM   528 O O   . GLY B 1 71  ? 0.240   1.385   11.027  1.00 50.96  ? 92  GLY B O   1 
ATOM   529 N N   . GLN B 1 72  ? -1.670  0.284   11.526  1.00 48.44  ? 93  GLN B N   1 
ATOM   530 C CA  . GLN B 1 72  ? -1.573  -0.655  10.416  1.00 47.71  ? 93  GLN B CA  1 
ATOM   531 C C   . GLN B 1 72  ? -1.665  0.096   9.085   1.00 47.05  ? 93  GLN B C   1 
ATOM   532 O O   . GLN B 1 72  ? -0.934  -0.204  8.141   1.00 45.25  ? 93  GLN B O   1 
ATOM   533 C CB  . GLN B 1 72  ? -2.674  -1.718  10.512  1.00 48.48  ? 93  GLN B CB  1 
ATOM   534 C CG  . GLN B 1 72  ? -2.516  -2.684  11.695  1.00 51.11  ? 93  GLN B CG  1 
ATOM   535 C CD  . GLN B 1 72  ? -3.673  -3.677  11.820  1.00 53.76  ? 93  GLN B CD  1 
ATOM   536 O OE1 . GLN B 1 72  ? -4.805  -3.379  11.444  1.00 55.52  ? 93  GLN B OE1 1 
ATOM   537 N NE2 . GLN B 1 72  ? -3.387  -4.860  12.354  1.00 53.95  ? 93  GLN B NE2 1 
ATOM   538 N N   . TYR B 1 73  ? -2.536  1.103   9.044   1.00 46.21  ? 94  TYR B N   1 
ATOM   539 C CA  . TYR B 1 73  ? -2.734  1.927   7.860   1.00 45.81  ? 94  TYR B CA  1 
ATOM   540 C C   . TYR B 1 73  ? -1.489  2.763   7.557   1.00 46.17  ? 94  TYR B C   1 
ATOM   541 O O   . TYR B 1 73  ? -1.058  2.832   6.407   1.00 45.77  ? 94  TYR B O   1 
ATOM   542 C CB  . TYR B 1 73  ? -3.953  2.842   8.039   1.00 45.22  ? 94  TYR B CB  1 
ATOM   543 C CG  . TYR B 1 73  ? -4.130  3.862   6.931   1.00 45.00  ? 94  TYR B CG  1 
ATOM   544 C CD1 . TYR B 1 73  ? -4.696  3.503   5.710   1.00 44.81  ? 94  TYR B CD1 1 
ATOM   545 C CD2 . TYR B 1 73  ? -3.706  5.179   7.097   1.00 45.35  ? 94  TYR B CD2 1 
ATOM   546 C CE1 . TYR B 1 73  ? -4.833  4.428   4.678   1.00 45.46  ? 94  TYR B CE1 1 
ATOM   547 C CE2 . TYR B 1 73  ? -3.838  6.113   6.073   1.00 46.89  ? 94  TYR B CE2 1 
ATOM   548 C CZ  . TYR B 1 73  ? -4.399  5.728   4.868   1.00 47.02  ? 94  TYR B CZ  1 
ATOM   549 O OH  . TYR B 1 73  ? -4.500  6.641   3.843   1.00 49.25  ? 94  TYR B OH  1 
ATOM   550 N N   . ASN B 1 74  ? -0.933  3.412   8.580   1.00 46.15  ? 95  ASN B N   1 
ATOM   551 C CA  . ASN B 1 74  ? 0.263   4.235   8.404   1.00 47.18  ? 95  ASN B CA  1 
ATOM   552 C C   . ASN B 1 74  ? 1.455   3.394   7.920   1.00 45.32  ? 95  ASN B C   1 
ATOM   553 O O   . ASN B 1 74  ? 2.169   3.805   7.014   1.00 44.54  ? 95  ASN B O   1 
ATOM   554 C CB  . ASN B 1 74  ? 0.628   4.985   9.695   1.00 49.44  ? 95  ASN B CB  1 
ATOM   555 C CG  . ASN B 1 74  ? -0.368  6.092   10.037  1.00 53.72  ? 95  ASN B CG  1 
ATOM   556 O OD1 . ASN B 1 74  ? -0.957  6.723   9.150   1.00 55.87  ? 95  ASN B OD1 1 
ATOM   557 N ND2 . ASN B 1 74  ? -0.558  6.335   11.333  1.00 54.21  ? 95  ASN B ND2 1 
ATOM   558 N N   . HIS B 1 75  ? 1.646   2.217   8.509   1.00 43.46  ? 96  HIS B N   1 
ATOM   559 C CA  . HIS B 1 75  ? 2.735   1.341   8.105   1.00 44.31  ? 96  HIS B CA  1 
ATOM   560 C C   . HIS B 1 75  ? 2.570   0.844   6.668   1.00 43.71  ? 96  HIS B C   1 
ATOM   561 O O   . HIS B 1 75  ? 3.556   0.704   5.946   1.00 43.74  ? 96  HIS B O   1 
ATOM   562 C CB  . HIS B 1 75  ? 2.873   0.159   9.066   1.00 43.87  ? 96  HIS B CB  1 
ATOM   563 C CG  . HIS B 1 75  ? 3.661   0.482   10.298  0.50 46.70  ? 96  HIS B CG  1 
ATOM   564 N ND1 . HIS B 1 75  ? 3.127   0.417   11.568  0.50 46.58  ? 96  HIS B ND1 1 
ATOM   565 C CD2 . HIS B 1 75  ? 4.941   0.898   10.451  0.50 45.52  ? 96  HIS B CD2 1 
ATOM   566 C CE1 . HIS B 1 75  ? 4.042   0.780   12.448  0.50 45.72  ? 96  HIS B CE1 1 
ATOM   567 N NE2 . HIS B 1 75  ? 5.152   1.076   11.797  0.50 45.31  ? 96  HIS B NE2 1 
ATOM   568 N N   . THR B 1 76  ? 1.324   0.609   6.259   1.00 41.99  ? 97  THR B N   1 
ATOM   569 C CA  . THR B 1 76  ? 1.018   0.141   4.913   1.00 41.02  ? 97  THR B CA  1 
ATOM   570 C C   . THR B 1 76  ? 1.270   1.245   3.879   1.00 40.83  ? 97  THR B C   1 
ATOM   571 O O   . THR B 1 76  ? 1.815   0.986   2.802   1.00 39.53  ? 97  THR B O   1 
ATOM   572 C CB  . THR B 1 76  ? -0.447  -0.368  4.816   1.00 40.04  ? 97  THR B CB  1 
ATOM   573 O OG1 . THR B 1 76  ? -0.641  -1.422  5.764   1.00 40.38  ? 97  THR B OG1 1 
ATOM   574 C CG2 . THR B 1 76  ? -0.735  -0.914  3.425   1.00 39.86  ? 97  THR B CG2 1 
ATOM   575 N N   . VAL B 1 77  ? 0.882   2.471   4.214   1.00 41.21  ? 98  VAL B N   1 
ATOM   576 C CA  . VAL B 1 77  ? 1.084   3.613   3.322   1.00 42.31  ? 98  VAL B CA  1 
ATOM   577 C C   . VAL B 1 77  ? 2.580   3.938   3.195   1.00 42.82  ? 98  VAL B C   1 
ATOM   578 O O   . VAL B 1 77  ? 3.049   4.308   2.115   1.00 41.74  ? 98  VAL B O   1 
ATOM   579 C CB  . VAL B 1 77  ? 0.306   4.855   3.813   1.00 43.46  ? 98  VAL B CB  1 
ATOM   580 C CG1 . VAL B 1 77  ? 0.605   6.066   2.933   1.00 43.88  ? 98  VAL B CG1 1 
ATOM   581 C CG2 . VAL B 1 77  ? -1.191  4.570   3.792   1.00 44.26  ? 98  VAL B CG2 1 
ATOM   582 N N   . GLN B 1 78  ? 3.324   3.763   4.289   1.00 43.10  ? 99  GLN B N   1 
ATOM   583 C CA  . GLN B 1 78  ? 4.763   4.016   4.296   1.00 44.49  ? 99  GLN B CA  1 
ATOM   584 C C   . GLN B 1 78  ? 5.469   2.995   3.412   1.00 43.71  ? 99  GLN B C   1 
ATOM   585 O O   . GLN B 1 78  ? 6.410   3.333   2.688   1.00 42.54  ? 99  GLN B O   1 
ATOM   586 C CB  . GLN B 1 78  ? 5.326   3.964   5.720   1.00 47.18  ? 99  GLN B CB  1 
ATOM   587 C CG  . GLN B 1 78  ? 4.946   5.188   6.550   1.00 54.62  ? 99  GLN B CG  1 
ATOM   588 C CD  . GLN B 1 78  ? 5.470   5.142   7.979   1.00 59.34  ? 99  GLN B CD  1 
ATOM   589 O OE1 . GLN B 1 78  ? 5.850   4.080   8.491   1.00 62.31  ? 99  GLN B OE1 1 
ATOM   590 N NE2 . GLN B 1 78  ? 5.491   6.305   8.634   1.00 62.33  ? 99  GLN B NE2 1 
ATOM   591 N N   . THR B 1 79  ? 4.996   1.750   3.471   1.00 41.59  ? 100 THR B N   1 
ATOM   592 C CA  . THR B 1 79  ? 5.552   0.675   2.664   1.00 40.38  ? 100 THR B CA  1 
ATOM   593 C C   . THR B 1 79  ? 5.311   0.999   1.186   1.00 40.21  ? 100 THR B C   1 
ATOM   594 O O   . THR B 1 79  ? 6.209   0.852   0.362   1.00 39.50  ? 100 THR B O   1 
ATOM   595 C CB  . THR B 1 79  ? 4.909   -0.677  3.021   1.00 39.38  ? 100 THR B CB  1 
ATOM   596 O OG1 . THR B 1 79  ? 5.218   -0.998  4.385   1.00 39.35  ? 100 THR B OG1 1 
ATOM   597 C CG2 . THR B 1 79  ? 5.419   -1.792  2.095   1.00 35.77  ? 100 THR B CG2 1 
ATOM   598 N N   . LEU B 1 80  ? 4.121   1.503   0.880   1.00 39.88  ? 101 LEU B N   1 
ATOM   599 C CA  . LEU B 1 80  ? 3.766   1.863   -0.483  1.00 41.01  ? 101 LEU B CA  1 
ATOM   600 C C   . LEU B 1 80  ? 4.679   2.978   -1.015  1.00 41.25  ? 101 LEU B C   1 
ATOM   601 O O   . LEU B 1 80  ? 5.158   2.904   -2.147  1.00 40.58  ? 101 LEU B O   1 
ATOM   602 C CB  . LEU B 1 80  ? 2.303   2.299   -0.553  1.00 40.90  ? 101 LEU B CB  1 
ATOM   603 C CG  . LEU B 1 80  ? 1.780   2.614   -1.953  1.00 42.73  ? 101 LEU B CG  1 
ATOM   604 C CD1 . LEU B 1 80  ? 1.798   1.354   -2.806  1.00 43.31  ? 101 LEU B CD1 1 
ATOM   605 C CD2 . LEU B 1 80  ? 0.374   3.182   -1.868  1.00 44.85  ? 101 LEU B CD2 1 
ATOM   606 N N   . PHE B 1 81  ? 4.921   3.999   -0.197  1.00 41.95  ? 102 PHE B N   1 
ATOM   607 C CA  . PHE B 1 81  ? 5.782   5.104   -0.599  1.00 44.04  ? 102 PHE B CA  1 
ATOM   608 C C   . PHE B 1 81  ? 7.222   4.623   -0.804  1.00 43.66  ? 102 PHE B C   1 
ATOM   609 O O   . PHE B 1 81  ? 7.897   5.050   -1.747  1.00 44.31  ? 102 PHE B O   1 
ATOM   610 C CB  . PHE B 1 81  ? 5.723   6.250   0.418   1.00 48.10  ? 102 PHE B CB  1 
ATOM   611 C CG  . PHE B 1 81  ? 4.433   7.040   0.376   1.00 53.28  ? 102 PHE B CG  1 
ATOM   612 C CD1 . PHE B 1 81  ? 3.487   6.814   -0.623  1.00 55.76  ? 102 PHE B CD1 1 
ATOM   613 C CD2 . PHE B 1 81  ? 4.165   8.007   1.341   1.00 56.57  ? 102 PHE B CD2 1 
ATOM   614 C CE1 . PHE B 1 81  ? 2.292   7.536   -0.665  1.00 57.02  ? 102 PHE B CE1 1 
ATOM   615 C CE2 . PHE B 1 81  ? 2.971   8.737   1.311   1.00 58.43  ? 102 PHE B CE2 1 
ATOM   616 C CZ  . PHE B 1 81  ? 2.034   8.499   0.303   1.00 58.66  ? 102 PHE B CZ  1 
ATOM   617 N N   . ALA B 1 82  ? 7.684   3.721   0.059   1.00 39.98  ? 103 ALA B N   1 
ATOM   618 C CA  . ALA B 1 82  ? 9.025   3.182   -0.077  1.00 38.66  ? 103 ALA B CA  1 
ATOM   619 C C   . ALA B 1 82  ? 9.129   2.390   -1.391  1.00 38.37  ? 103 ALA B C   1 
ATOM   620 O O   . ALA B 1 82  ? 10.176  2.370   -2.030  1.00 37.61  ? 103 ALA B O   1 
ATOM   621 C CB  . ALA B 1 82  ? 9.376   2.301   1.116   1.00 36.74  ? 103 ALA B CB  1 
ATOM   622 N N   . LEU B 1 83  ? 8.040   1.737   -1.791  1.00 37.73  ? 104 LEU B N   1 
ATOM   623 C CA  . LEU B 1 83  ? 8.044   0.983   -3.040  1.00 37.86  ? 104 LEU B CA  1 
ATOM   624 C C   . LEU B 1 83  ? 8.105   1.927   -4.250  1.00 38.21  ? 104 LEU B C   1 
ATOM   625 O O   . LEU B 1 83  ? 8.782   1.626   -5.231  1.00 37.25  ? 104 LEU B O   1 
ATOM   626 C CB  . LEU B 1 83  ? 6.831   0.050   -3.130  1.00 36.43  ? 104 LEU B CB  1 
ATOM   627 C CG  . LEU B 1 83  ? 6.946   -1.229  -2.287  1.00 37.36  ? 104 LEU B CG  1 
ATOM   628 C CD1 . LEU B 1 83  ? 5.594   -1.969  -2.221  1.00 34.56  ? 104 LEU B CD1 1 
ATOM   629 C CD2 . LEU B 1 83  ? 8.037   -2.137  -2.865  1.00 34.03  ? 104 LEU B CD2 1 
ATOM   630 N N   . PHE B 1 84  ? 7.412   3.064   -4.172  1.00 38.26  ? 105 PHE B N   1 
ATOM   631 C CA  . PHE B 1 84  ? 7.428   4.040   -5.261  1.00 40.34  ? 105 PHE B CA  1 
ATOM   632 C C   . PHE B 1 84  ? 8.847   4.590   -5.426  1.00 40.88  ? 105 PHE B C   1 
ATOM   633 O O   . PHE B 1 84  ? 9.323   4.741   -6.551  1.00 40.22  ? 105 PHE B O   1 
ATOM   634 C CB  . PHE B 1 84  ? 6.447   5.197   -5.004  1.00 41.78  ? 105 PHE B CB  1 
ATOM   635 C CG  . PHE B 1 84  ? 5.000   4.833   -5.208  1.00 45.48  ? 105 PHE B CG  1 
ATOM   636 C CD1 . PHE B 1 84  ? 4.629   3.877   -6.151  1.00 46.33  ? 105 PHE B CD1 1 
ATOM   637 C CD2 . PHE B 1 84  ? 4.003   5.452   -4.455  1.00 47.82  ? 105 PHE B CD2 1 
ATOM   638 C CE1 . PHE B 1 84  ? 3.284   3.543   -6.344  1.00 47.35  ? 105 PHE B CE1 1 
ATOM   639 C CE2 . PHE B 1 84  ? 2.655   5.125   -4.640  1.00 47.65  ? 105 PHE B CE2 1 
ATOM   640 C CZ  . PHE B 1 84  ? 2.299   4.166   -5.588  1.00 47.55  ? 105 PHE B CZ  1 
ATOM   641 N N   . LYS B 1 85  ? 9.509   4.888   -4.306  1.00 39.37  ? 106 LYS B N   1 
ATOM   642 C CA  . LYS B 1 85  ? 10.880  5.386   -4.342  1.00 41.19  ? 106 LYS B CA  1 
ATOM   643 C C   . LYS B 1 85  ? 11.802  4.370   -5.017  1.00 41.06  ? 106 LYS B C   1 
ATOM   644 O O   . LYS B 1 85  ? 12.644  4.734   -5.833  1.00 40.00  ? 106 LYS B O   1 
ATOM   645 C CB  . LYS B 1 85  ? 11.409  5.657   -2.938  1.00 42.22  ? 106 LYS B CB  1 
ATOM   646 C CG  . LYS B 1 85  ? 10.860  6.894   -2.257  1.00 46.40  ? 106 LYS B CG  1 
ATOM   647 C CD  . LYS B 1 85  ? 11.673  7.156   -0.994  1.00 50.38  ? 106 LYS B CD  1 
ATOM   648 C CE  . LYS B 1 85  ? 11.218  8.401   -0.269  1.00 54.46  ? 106 LYS B CE  1 
ATOM   649 N NZ  . LYS B 1 85  ? 12.029  8.619   0.969   1.00 58.06  ? 106 LYS B NZ  1 
ATOM   650 N N   . LYS B 1 86  ? 11.623  3.097   -4.679  1.00 41.05  ? 107 LYS B N   1 
ATOM   651 C CA  . LYS B 1 86  ? 12.434  2.029   -5.242  1.00 41.49  ? 107 LYS B CA  1 
ATOM   652 C C   . LYS B 1 86  ? 12.248  1.928   -6.767  1.00 41.02  ? 107 LYS B C   1 
ATOM   653 O O   . LYS B 1 86  ? 13.206  1.665   -7.500  1.00 37.55  ? 107 LYS B O   1 
ATOM   654 C CB  . LYS B 1 86  ? 12.105  0.706   -4.547  1.00 44.26  ? 107 LYS B CB  1 
ATOM   655 C CG  . LYS B 1 86  ? 13.037  -0.435  -4.891  1.00 50.90  ? 107 LYS B CG  1 
ATOM   656 C CD  . LYS B 1 86  ? 12.741  -1.693  -4.061  1.00 56.56  ? 107 LYS B CD  1 
ATOM   657 C CE  . LYS B 1 86  ? 13.731  -2.812  -4.412  1.00 58.83  ? 107 LYS B CE  1 
ATOM   658 N NZ  . LYS B 1 86  ? 13.364  -4.142  -3.829  1.00 62.11  ? 107 LYS B NZ  1 
ATOM   659 N N   . LEU B 1 87  ? 11.018  2.150   -7.235  1.00 39.90  ? 108 LEU B N   1 
ATOM   660 C CA  . LEU B 1 87  ? 10.728  2.114   -8.668  1.00 39.66  ? 108 LEU B CA  1 
ATOM   661 C C   . LEU B 1 87  ? 11.352  3.333   -9.367  1.00 38.84  ? 108 LEU B C   1 
ATOM   662 O O   . LEU B 1 87  ? 11.914  3.204   -10.455 1.00 37.59  ? 108 LEU B O   1 
ATOM   663 C CB  . LEU B 1 87  ? 9.217   2.080   -8.931  1.00 38.98  ? 108 LEU B CB  1 
ATOM   664 C CG  . LEU B 1 87  ? 8.779   2.059   -10.404 1.00 41.15  ? 108 LEU B CG  1 
ATOM   665 C CD1 . LEU B 1 87  ? 9.322   0.823   -11.107 1.00 38.05  ? 108 LEU B CD1 1 
ATOM   666 C CD2 . LEU B 1 87  ? 7.252   2.085   -10.499 1.00 43.38  ? 108 LEU B CD2 1 
ATOM   667 N N   . LYS B 1 88  ? 11.256  4.505   -8.740  1.00 38.22  ? 109 LYS B N   1 
ATOM   668 C CA  . LYS B 1 88  ? 11.822  5.728   -9.312  1.00 40.10  ? 109 LYS B CA  1 
ATOM   669 C C   . LYS B 1 88  ? 13.351  5.637   -9.410  1.00 40.60  ? 109 LYS B C   1 
ATOM   670 O O   . LYS B 1 88  ? 13.934  6.054   -10.417 1.00 40.24  ? 109 LYS B O   1 
ATOM   671 C CB  . LYS B 1 88  ? 11.407  6.962   -8.504  1.00 39.91  ? 109 LYS B CB  1 
ATOM   672 C CG  . LYS B 1 88  ? 9.905   7.265   -8.559  1.00 46.33  ? 109 LYS B CG  1 
ATOM   673 C CD  . LYS B 1 88  ? 9.540   8.534   -7.786  1.00 47.99  ? 109 LYS B CD  1 
ATOM   674 C CE  . LYS B 1 88  ? 10.013  9.771   -8.545  1.00 54.54  ? 109 LYS B CE  1 
ATOM   675 N NZ  . LYS B 1 88  ? 9.801   11.055  -7.809  1.00 57.78  ? 109 LYS B NZ  1 
ATOM   676 N N   . LEU B 1 89  ? 13.987  5.067   -8.382  1.00 38.67  ? 110 LEU B N   1 
ATOM   677 C CA  . LEU B 1 89  ? 15.434  4.900   -8.379  1.00 38.81  ? 110 LEU B CA  1 
ATOM   678 C C   . LEU B 1 89  ? 15.840  3.942   -9.498  1.00 39.41  ? 110 LEU B C   1 
ATOM   679 O O   . LEU B 1 89  ? 16.816  4.184   -10.205 1.00 38.70  ? 110 LEU B O   1 
ATOM   680 C CB  . LEU B 1 89  ? 15.936  4.382   -7.026  1.00 38.62  ? 110 LEU B CB  1 
ATOM   681 C CG  . LEU B 1 89  ? 17.427  4.013   -6.995  1.00 38.85  ? 110 LEU B CG  1 
ATOM   682 C CD1 . LEU B 1 89  ? 18.260  5.212   -7.446  1.00 38.51  ? 110 LEU B CD1 1 
ATOM   683 C CD2 . LEU B 1 89  ? 17.847  3.552   -5.600  1.00 37.87  ? 110 LEU B CD2 1 
ATOM   684 N N   . HIS B 1 90  ? 15.087  2.857   -9.649  1.00 38.87  ? 111 HIS B N   1 
ATOM   685 C CA  . HIS B 1 90  ? 15.350  1.881   -10.698 1.00 40.43  ? 111 HIS B CA  1 
ATOM   686 C C   . HIS B 1 90  ? 15.251  2.539   -12.086 1.00 41.11  ? 111 HIS B C   1 
ATOM   687 O O   . HIS B 1 90  ? 16.111  2.330   -12.938 1.00 41.62  ? 111 HIS B O   1 
ATOM   688 C CB  . HIS B 1 90  ? 14.357  0.720   -10.610 1.00 39.69  ? 111 HIS B CB  1 
ATOM   689 C CG  . HIS B 1 90  ? 14.530  -0.306  -11.685 1.00 40.04  ? 111 HIS B CG  1 
ATOM   690 N ND1 . HIS B 1 90  ? 15.462  -1.319  -11.605 1.00 41.97  ? 111 HIS B ND1 1 
ATOM   691 C CD2 . HIS B 1 90  ? 13.881  -0.483  -12.861 1.00 40.80  ? 111 HIS B CD2 1 
ATOM   692 C CE1 . HIS B 1 90  ? 15.379  -2.077  -12.685 1.00 40.71  ? 111 HIS B CE1 1 
ATOM   693 N NE2 . HIS B 1 90  ? 14.427  -1.591  -13.462 1.00 41.29  ? 111 HIS B NE2 1 
ATOM   694 N N   . ASN B 1 91  ? 14.196  3.319   -12.307 1.00 40.82  ? 112 ASN B N   1 
ATOM   695 C CA  . ASN B 1 91  ? 14.003  3.998   -13.583 1.00 40.88  ? 112 ASN B CA  1 
ATOM   696 C C   . ASN B 1 91  ? 15.121  5.026   -13.846 1.00 39.56  ? 112 ASN B C   1 
ATOM   697 O O   . ASN B 1 91  ? 15.639  5.112   -14.959 1.00 38.86  ? 112 ASN B O   1 
ATOM   698 C CB  . ASN B 1 91  ? 12.621  4.668   -13.643 1.00 41.20  ? 112 ASN B CB  1 
ATOM   699 C CG  . ASN B 1 91  ? 11.469  3.656   -13.721 1.00 45.11  ? 112 ASN B CG  1 
ATOM   700 O OD1 . ASN B 1 91  ? 11.668  2.481   -14.046 1.00 46.96  ? 112 ASN B OD1 1 
ATOM   701 N ND2 . ASN B 1 91  ? 10.258  4.119   -13.432 1.00 45.59  ? 112 ASN B ND2 1 
ATOM   702 N N   . ALA B 1 92  ? 15.504  5.773   -12.813 1.00 36.94  ? 113 ALA B N   1 
ATOM   703 C CA  . ALA B 1 92  ? 16.562  6.766   -12.943 1.00 37.14  ? 113 ALA B CA  1 
ATOM   704 C C   . ALA B 1 92  ? 17.921  6.126   -13.265 1.00 38.61  ? 113 ALA B C   1 
ATOM   705 O O   . ALA B 1 92  ? 18.652  6.625   -14.120 1.00 38.85  ? 113 ALA B O   1 
ATOM   706 C CB  . ALA B 1 92  ? 16.658  7.620   -11.689 1.00 33.14  ? 113 ALA B CB  1 
ATOM   707 N N   . MET B 1 93  ? 18.241  5.007   -12.611 1.00 38.16  ? 114 MET B N   1 
ATOM   708 C CA  . MET B 1 93  ? 19.517  4.331   -12.849 1.00 38.98  ? 114 MET B CA  1 
ATOM   709 C C   . MET B 1 93  ? 19.591  3.717   -14.238 1.00 40.02  ? 114 MET B C   1 
ATOM   710 O O   . MET B 1 93  ? 20.649  3.690   -14.858 1.00 40.51  ? 114 MET B O   1 
ATOM   711 C CB  . MET B 1 93  ? 19.785  3.250   -11.795 1.00 38.50  ? 114 MET B CB  1 
ATOM   712 C CG  . MET B 1 93  ? 20.188  3.791   -10.425 1.00 38.45  ? 114 MET B CG  1 
ATOM   713 S SD  . MET B 1 93  ? 21.659  4.850   -10.477 1.00 43.78  ? 114 MET B SD  1 
ATOM   714 C CE  . MET B 1 93  ? 22.854  3.741   -11.234 1.00 39.92  ? 114 MET B CE  1 
ATOM   715 N N   . ARG B 1 94  ? 18.465  3.199   -14.712 1.00 40.76  ? 115 ARG B N   1 
ATOM   716 C CA  . ARG B 1 94  ? 18.399  2.583   -16.026 1.00 42.23  ? 115 ARG B CA  1 
ATOM   717 C C   . ARG B 1 94  ? 18.597  3.651   -17.119 1.00 41.88  ? 115 ARG B C   1 
ATOM   718 O O   . ARG B 1 94  ? 19.282  3.419   -18.117 1.00 40.06  ? 115 ARG B O   1 
ATOM   719 C CB  . ARG B 1 94  ? 17.054  1.871   -16.177 1.00 43.98  ? 115 ARG B CB  1 
ATOM   720 C CG  . ARG B 1 94  ? 16.880  1.067   -17.449 1.00 49.13  ? 115 ARG B CG  1 
ATOM   721 C CD  . ARG B 1 94  ? 16.039  1.826   -18.471 0.50 51.86  ? 115 ARG B CD  1 
ATOM   722 N NE  . ARG B 1 94  ? 14.761  2.278   -17.915 0.50 54.07  ? 115 ARG B NE  1 
ATOM   723 C CZ  . ARG B 1 94  ? 13.739  1.481   -17.610 0.50 54.88  ? 115 ARG B CZ  1 
ATOM   724 N NH1 . ARG B 1 94  ? 13.825  0.170   -17.808 0.50 55.56  ? 115 ARG B NH1 1 
ATOM   725 N NH2 . ARG B 1 94  ? 12.631  1.998   -17.092 0.50 54.69  ? 115 ARG B NH2 1 
ATOM   726 N N   . LEU B 1 95  ? 18.037  4.831   -16.875 1.00 40.49  ? 116 LEU B N   1 
ATOM   727 C CA  . LEU B 1 95  ? 18.117  5.963   -17.785 1.00 41.45  ? 116 LEU B CA  1 
ATOM   728 C C   . LEU B 1 95  ? 19.570  6.434   -17.861 1.00 41.77  ? 116 LEU B C   1 
ATOM   729 O O   . LEU B 1 95  ? 20.128  6.608   -18.950 1.00 39.52  ? 116 LEU B O   1 
ATOM   730 C CB  . LEU B 1 95  ? 17.203  7.079   -17.266 1.00 42.88  ? 116 LEU B CB  1 
ATOM   731 C CG  . LEU B 1 95  ? 16.889  8.350   -18.060 1.00 46.00  ? 116 LEU B CG  1 
ATOM   732 C CD1 . LEU B 1 95  ? 18.002  9.382   -17.921 1.00 46.33  ? 116 LEU B CD1 1 
ATOM   733 C CD2 . LEU B 1 95  ? 16.607  8.002   -19.513 1.00 48.51  ? 116 LEU B CD2 1 
ATOM   734 N N   . ILE B 1 96  ? 20.186  6.595   -16.695 1.00 40.56  ? 117 ILE B N   1 
ATOM   735 C CA  . ILE B 1 96  ? 21.569  7.033   -16.618 1.00 41.23  ? 117 ILE B CA  1 
ATOM   736 C C   . ILE B 1 96  ? 22.540  6.053   -17.276 1.00 41.77  ? 117 ILE B C   1 
ATOM   737 O O   . ILE B 1 96  ? 23.447  6.472   -17.996 1.00 40.79  ? 117 ILE B O   1 
ATOM   738 C CB  . ILE B 1 96  ? 21.952  7.344   -15.170 1.00 41.29  ? 117 ILE B CB  1 
ATOM   739 C CG1 . ILE B 1 96  ? 21.308  8.670   -14.779 1.00 42.68  ? 117 ILE B CG1 1 
ATOM   740 C CG2 . ILE B 1 96  ? 23.466  7.382   -14.984 1.00 42.09  ? 117 ILE B CG2 1 
ATOM   741 C CD1 . ILE B 1 96  ? 21.481  9.029   -13.338 1.00 46.87  ? 117 ILE B CD1 1 
ATOM   742 N N   . LYS B 1 97  ? 22.328  4.758   -17.070 1.00 41.89  ? 118 LYS B N   1 
ATOM   743 C CA  . LYS B 1 97  ? 23.200  3.758   -17.673 1.00 43.91  ? 118 LYS B CA  1 
ATOM   744 C C   . LYS B 1 97  ? 23.073  3.741   -19.191 1.00 43.97  ? 118 LYS B C   1 
ATOM   745 O O   . LYS B 1 97  ? 24.055  3.499   -19.891 1.00 44.08  ? 118 LYS B O   1 
ATOM   746 C CB  . LYS B 1 97  ? 22.951  2.368   -17.077 1.00 45.24  ? 118 LYS B CB  1 
ATOM   747 C CG  . LYS B 1 97  ? 23.514  2.231   -15.662 1.00 49.57  ? 118 LYS B CG  1 
ATOM   748 C CD  . LYS B 1 97  ? 23.376  0.818   -15.113 1.00 53.15  ? 118 LYS B CD  1 
ATOM   749 C CE  . LYS B 1 97  ? 24.049  0.704   -13.745 1.00 56.02  ? 118 LYS B CE  1 
ATOM   750 N NZ  . LYS B 1 97  ? 24.054  -0.691  -13.199 1.00 57.57  ? 118 LYS B NZ  1 
ATOM   751 N N   . ASP B 1 98  ? 21.866  4.003   -19.692 1.00 42.85  ? 119 ASP B N   1 
ATOM   752 C CA  . ASP B 1 98  ? 21.626  4.049   -21.128 1.00 42.26  ? 119 ASP B CA  1 
ATOM   753 C C   . ASP B 1 98  ? 22.331  5.271   -21.734 1.00 41.67  ? 119 ASP B C   1 
ATOM   754 O O   . ASP B 1 98  ? 22.932  5.170   -22.799 1.00 41.32  ? 119 ASP B O   1 
ATOM   755 C CB  . ASP B 1 98  ? 20.124  4.123   -21.442 1.00 44.19  ? 119 ASP B CB  1 
ATOM   756 C CG  . ASP B 1 98  ? 19.412  2.785   -21.288 0.50 45.07  ? 119 ASP B CG  1 
ATOM   757 O OD1 . ASP B 1 98  ? 20.067  1.722   -21.352 0.50 46.92  ? 119 ASP B OD1 1 
ATOM   758 O OD2 . ASP B 1 98  ? 18.177  2.800   -21.115 0.50 45.72  ? 119 ASP B OD2 1 
ATOM   759 N N   . TYR B 1 99  ? 22.249  6.414   -21.054 1.00 39.78  ? 120 TYR B N   1 
ATOM   760 C CA  . TYR B 1 99  ? 22.881  7.644   -21.526 1.00 40.16  ? 120 TYR B CA  1 
ATOM   761 C C   . TYR B 1 99  ? 24.403  7.544   -21.507 1.00 42.05  ? 120 TYR B C   1 
ATOM   762 O O   . TYR B 1 99  ? 25.058  7.997   -22.438 1.00 42.46  ? 120 TYR B O   1 
ATOM   763 C CB  . TYR B 1 99  ? 22.418  8.856   -20.715 1.00 36.85  ? 120 TYR B CB  1 
ATOM   764 C CG  . TYR B 1 99  ? 21.016  9.319   -21.048 1.00 37.50  ? 120 TYR B CG  1 
ATOM   765 C CD1 . TYR B 1 99  ? 20.515  10.509  -20.527 1.00 38.03  ? 120 TYR B CD1 1 
ATOM   766 C CD2 . TYR B 1 99  ? 20.181  8.560   -21.869 1.00 38.00  ? 120 TYR B CD2 1 
ATOM   767 C CE1 . TYR B 1 99  ? 19.226  10.929  -20.807 1.00 37.91  ? 120 TYR B CE1 1 
ATOM   768 C CE2 . TYR B 1 99  ? 18.883  8.972   -22.157 1.00 38.47  ? 120 TYR B CE2 1 
ATOM   769 C CZ  . TYR B 1 99  ? 18.413  10.158  -21.619 1.00 39.45  ? 120 TYR B CZ  1 
ATOM   770 O OH  . TYR B 1 99  ? 17.127  10.571  -21.871 1.00 39.97  ? 120 TYR B OH  1 
ATOM   771 N N   . VAL B 1 100 ? 24.955  6.942   -20.452 1.00 43.48  ? 121 VAL B N   1 
ATOM   772 C CA  . VAL B 1 100 ? 26.400  6.757   -20.327 1.00 44.30  ? 121 VAL B CA  1 
ATOM   773 C C   . VAL B 1 100 ? 26.875  5.877   -21.492 1.00 45.88  ? 121 VAL B C   1 
ATOM   774 O O   . VAL B 1 100 ? 27.891  6.159   -22.126 1.00 44.58  ? 121 VAL B O   1 
ATOM   775 C CB  . VAL B 1 100 ? 26.764  6.080   -18.977 1.00 43.42  ? 121 VAL B CB  1 
ATOM   776 C CG1 . VAL B 1 100 ? 28.194  5.532   -19.006 1.00 43.81  ? 121 VAL B CG1 1 
ATOM   777 C CG2 . VAL B 1 100 ? 26.623  7.078   -17.838 1.00 43.75  ? 121 VAL B CG2 1 
ATOM   778 N N   . SER B 1 101 ? 26.103  4.835   -21.776 1.00 46.53  ? 122 SER B N   1 
ATOM   779 C CA  . SER B 1 101 ? 26.408  3.904   -22.855 1.00 49.39  ? 122 SER B CA  1 
ATOM   780 C C   . SER B 1 101 ? 26.371  4.620   -24.212 1.00 50.09  ? 122 SER B C   1 
ATOM   781 O O   . SER B 1 101 ? 27.229  4.394   -25.064 1.00 49.77  ? 122 SER B O   1 
ATOM   782 C CB  . SER B 1 101 ? 25.415  2.738   -22.828 1.00 49.80  ? 122 SER B CB  1 
ATOM   783 O OG  . SER B 1 101 ? 25.658  1.834   -23.889 1.00 54.86  ? 122 SER B OG  1 
ATOM   784 N N   . GLU B 1 102 ? 25.387  5.498   -24.391 1.00 50.37  ? 123 GLU B N   1 
ATOM   785 C CA  . GLU B 1 102 ? 25.245  6.272   -25.619 1.00 52.06  ? 123 GLU B CA  1 
ATOM   786 C C   . GLU B 1 102 ? 26.467  7.186   -25.804 1.00 51.86  ? 123 GLU B C   1 
ATOM   787 O O   . GLU B 1 102 ? 26.967  7.342   -26.917 1.00 52.50  ? 123 GLU B O   1 
ATOM   788 C CB  . GLU B 1 102 ? 23.960  7.110   -25.560 1.00 54.00  ? 123 GLU B CB  1 
ATOM   789 C CG  . GLU B 1 102 ? 23.633  7.903   -26.821 1.00 57.32  ? 123 GLU B CG  1 
ATOM   790 C CD  . GLU B 1 102 ? 22.282  8.614   -26.739 1.00 61.54  ? 123 GLU B CD  1 
ATOM   791 O OE1 . GLU B 1 102 ? 21.310  8.020   -26.215 1.00 63.17  ? 123 GLU B OE1 1 
ATOM   792 O OE2 . GLU B 1 102 ? 22.187  9.771   -27.206 1.00 63.46  ? 123 GLU B OE2 1 
ATOM   793 N N   . ASP B 1 103 ? 26.945  7.779   -24.709 1.00 50.87  ? 124 ASP B N   1 
ATOM   794 C CA  . ASP B 1 103 ? 28.110  8.660   -24.757 1.00 50.92  ? 124 ASP B CA  1 
ATOM   795 C C   . ASP B 1 103 ? 29.384  7.917   -25.160 1.00 51.63  ? 124 ASP B C   1 
ATOM   796 O O   . ASP B 1 103 ? 30.132  8.384   -26.020 1.00 50.26  ? 124 ASP B O   1 
ATOM   797 C CB  . ASP B 1 103 ? 28.349  9.334   -23.401 1.00 48.62  ? 124 ASP B CB  1 
ATOM   798 C CG  . ASP B 1 103 ? 27.405  10.495  -23.136 1.00 49.41  ? 124 ASP B CG  1 
ATOM   799 O OD1 . ASP B 1 103 ? 27.331  10.929  -21.971 1.00 48.06  ? 124 ASP B OD1 1 
ATOM   800 O OD2 . ASP B 1 103 ? 26.754  10.990  -24.075 1.00 49.46  ? 124 ASP B OD2 1 
ATOM   801 N N   . LEU B 1 104 ? 29.620  6.769   -24.529 1.00 51.90  ? 125 LEU B N   1 
ATOM   802 C CA  . LEU B 1 104 ? 30.810  5.964   -24.784 1.00 53.99  ? 125 LEU B CA  1 
ATOM   803 C C   . LEU B 1 104 ? 30.836  5.273   -26.141 1.00 55.33  ? 125 LEU B C   1 
ATOM   804 O O   . LEU B 1 104 ? 31.902  4.888   -26.623 1.00 55.60  ? 125 LEU B O   1 
ATOM   805 C CB  . LEU B 1 104 ? 31.012  4.939   -23.664 1.00 53.57  ? 125 LEU B CB  1 
ATOM   806 C CG  . LEU B 1 104 ? 31.239  5.529   -22.267 1.00 54.45  ? 125 LEU B CG  1 
ATOM   807 C CD1 . LEU B 1 104 ? 31.468  4.410   -21.258 1.00 55.39  ? 125 LEU B CD1 1 
ATOM   808 C CD2 . LEU B 1 104 ? 32.423  6.486   -22.288 1.00 54.10  ? 125 LEU B CD2 1 
ATOM   809 N N   . HIS B 1 105 ? 29.670  5.150   -26.766 1.00 56.84  ? 126 HIS B N   1 
ATOM   810 C CA  . HIS B 1 105 ? 29.555  4.513   -28.072 1.00 58.89  ? 126 HIS B CA  1 
ATOM   811 C C   . HIS B 1 105 ? 30.405  5.211   -29.139 1.00 59.57  ? 126 HIS B C   1 
ATOM   812 O O   . HIS B 1 105 ? 30.928  4.562   -30.048 1.00 61.01  ? 126 HIS B O   1 
ATOM   813 C CB  . HIS B 1 105 ? 28.086  4.486   -28.519 1.00 60.08  ? 126 HIS B CB  1 
ATOM   814 C CG  . HIS B 1 105 ? 27.884  3.970   -29.911 0.50 61.27  ? 126 HIS B CG  1 
ATOM   815 N ND1 . HIS B 1 105 ? 27.923  2.626   -30.220 0.50 61.88  ? 126 HIS B ND1 1 
ATOM   816 C CD2 . HIS B 1 105 ? 27.657  4.618   -31.078 0.50 61.66  ? 126 HIS B CD2 1 
ATOM   817 C CE1 . HIS B 1 105 ? 27.729  2.470   -31.518 0.50 62.13  ? 126 HIS B CE1 1 
ATOM   818 N NE2 . HIS B 1 105 ? 27.565  3.663   -32.061 0.50 62.19  ? 126 HIS B NE2 1 
ATOM   819 N N   . LYS B 1 106 ? 30.565  6.525   -29.021 1.00 58.20  ? 127 LYS B N   1 
ATOM   820 C CA  . LYS B 1 106 ? 31.345  7.256   -30.006 1.00 57.55  ? 127 LYS B CA  1 
ATOM   821 C C   . LYS B 1 106 ? 32.865  7.152   -29.854 1.00 57.45  ? 127 LYS B C   1 
ATOM   822 O O   . LYS B 1 106 ? 33.611  7.713   -30.654 1.00 57.17  ? 127 LYS B O   1 
ATOM   823 C CB  . LYS B 1 106 ? 30.889  8.714   -30.081 1.00 56.34  ? 127 LYS B CB  1 
ATOM   824 C CG  . LYS B 1 106 ? 31.069  9.530   -28.835 1.00 52.91  ? 127 LYS B CG  1 
ATOM   825 C CD  . LYS B 1 106 ? 30.354  10.871  -29.001 1.00 51.17  ? 127 LYS B CD  1 
ATOM   826 C CE  . LYS B 1 106 ? 30.625  11.792  -27.830 1.00 48.82  ? 127 LYS B CE  1 
ATOM   827 N NZ  . LYS B 1 106 ? 30.168  11.195  -26.554 1.00 48.12  ? 127 LYS B NZ  1 
ATOM   828 N N   . TYR B 1 107 ? 33.320  6.404   -28.856 1.00 57.00  ? 128 TYR B N   1 
ATOM   829 C CA  . TYR B 1 107 ? 34.749  6.232   -28.627 1.00 57.54  ? 128 TYR B CA  1 
ATOM   830 C C   . TYR B 1 107 ? 35.225  4.832   -28.992 1.00 60.16  ? 128 TYR B C   1 
ATOM   831 O O   . TYR B 1 107 ? 36.263  4.377   -28.510 1.00 60.77  ? 128 TYR B O   1 
ATOM   832 C CB  . TYR B 1 107 ? 35.096  6.534   -27.174 1.00 54.36  ? 128 TYR B CB  1 
ATOM   833 C CG  . TYR B 1 107 ? 34.770  7.943   -26.764 1.00 51.88  ? 128 TYR B CG  1 
ATOM   834 C CD1 . TYR B 1 107 ? 33.610  8.226   -26.044 1.00 49.91  ? 128 TYR B CD1 1 
ATOM   835 C CD2 . TYR B 1 107 ? 35.614  9.001   -27.102 1.00 50.40  ? 128 TYR B CD2 1 
ATOM   836 C CE1 . TYR B 1 107 ? 33.296  9.519   -25.674 1.00 48.08  ? 128 TYR B CE1 1 
ATOM   837 C CE2 . TYR B 1 107 ? 35.309  10.303  -26.734 1.00 48.44  ? 128 TYR B CE2 1 
ATOM   838 C CZ  . TYR B 1 107 ? 34.148  10.553  -26.020 1.00 47.67  ? 128 TYR B CZ  1 
ATOM   839 O OH  . TYR B 1 107 ? 33.836  11.831  -25.647 1.00 45.77  ? 128 TYR B OH  1 
ATOM   840 N N   . ILE B 1 108 ? 34.452  4.143   -29.826 1.00 63.34  ? 129 ILE B N   1 
ATOM   841 C CA  . ILE B 1 108 ? 34.802  2.796   -30.269 1.00 66.70  ? 129 ILE B CA  1 
ATOM   842 C C   . ILE B 1 108 ? 34.802  2.707   -31.798 1.00 67.77  ? 129 ILE B C   1 
ATOM   843 O O   . ILE B 1 108 ? 35.279  1.674   -32.315 1.00 69.06  ? 129 ILE B O   1 
ATOM   844 C CB  . ILE B 1 108 ? 33.829  1.720   -29.709 1.00 68.24  ? 129 ILE B CB  1 
ATOM   845 C CG1 . ILE B 1 108 ? 32.433  1.892   -30.322 1.00 69.21  ? 129 ILE B CG1 1 
ATOM   846 C CG2 . ILE B 1 108 ? 33.790  1.781   -28.178 1.00 68.50  ? 129 ILE B CG2 1 
ATOM   847 C CD1 . ILE B 1 108 ? 31.450  0.799   -29.946 1.00 70.71  ? 129 ILE B CD1 1 
ATOM   848 O OXT . ILE B 1 108 ? 34.316  3.655   -32.463 1.00 68.37  ? 129 ILE B OXT 1 
HETATM 849 C C   . TRS C 2 .   ? -14.724 -5.756  15.539  1.00 96.73  ? 203 TRS A C   1 
HETATM 850 C C1  . TRS C 2 .   ? -15.828 -5.941  14.518  1.00 96.84  ? 203 TRS A C1  1 
HETATM 851 C C2  . TRS C 2 .   ? -14.032 -4.421  15.195  1.00 96.59  ? 203 TRS A C2  1 
HETATM 852 C C3  . TRS C 2 .   ? -13.622 -6.872  15.507  1.00 96.54  ? 203 TRS A C3  1 
HETATM 853 N N   . TRS C 2 .   ? -15.445 -5.882  16.798  1.00 96.79  ? 203 TRS A N   1 
HETATM 854 O O1  . TRS C 2 .   ? -15.262 -5.837  13.236  1.00 96.42  ? 203 TRS A O1  1 
HETATM 855 O O2  . TRS C 2 .   ? -15.011 -3.387  15.215  1.00 96.24  ? 203 TRS A O2  1 
HETATM 856 O O3  . TRS C 2 .   ? -12.758 -6.645  14.356  1.00 96.09  ? 203 TRS A O3  1 
HETATM 857 C C   . TRS D 2 .   ? -35.059 2.372   13.729  1.00 90.99  ? 204 TRS A C   1 
HETATM 858 C C1  . TRS D 2 .   ? -35.979 3.308   14.490  1.00 91.65  ? 204 TRS A C1  1 
HETATM 859 C C2  . TRS D 2 .   ? -33.621 2.888   13.931  1.00 90.41  ? 204 TRS A C2  1 
HETATM 860 C C3  . TRS D 2 .   ? -35.326 2.354   12.190  1.00 91.41  ? 204 TRS A C3  1 
HETATM 861 N N   . TRS D 2 .   ? -35.417 1.074   14.272  1.00 90.80  ? 204 TRS A N   1 
HETATM 862 O O1  . TRS D 2 .   ? -35.732 4.618   14.040  1.00 92.39  ? 204 TRS A O1  1 
HETATM 863 O O2  . TRS D 2 .   ? -33.335 2.913   15.329  1.00 89.66  ? 204 TRS A O2  1 
HETATM 864 O O3  . TRS D 2 .   ? -36.654 1.791   11.972  1.00 92.22  ? 204 TRS A O3  1 
HETATM 865 C C1  . MPD E 3 .   ? -39.856 -4.611  32.196  1.00 94.99  ? 205 MPD A C1  1 
HETATM 866 C C2  . MPD E 3 .   ? -39.385 -3.703  33.320  1.00 95.04  ? 205 MPD A C2  1 
HETATM 867 O O2  . MPD E 3 .   ? -38.200 -3.056  32.661  1.00 95.37  ? 205 MPD A O2  1 
HETATM 868 C CM  . MPD E 3 .   ? -40.066 -2.439  33.783  1.00 95.21  ? 205 MPD A CM  1 
HETATM 869 C C3  . MPD E 3 .   ? -38.924 -4.554  34.540  1.00 95.22  ? 205 MPD A C3  1 
HETATM 870 C C4  . MPD E 3 .   ? -38.250 -5.801  34.200  1.00 95.54  ? 205 MPD A C4  1 
HETATM 871 O O4  . MPD E 3 .   ? -37.122 -5.370  33.442  1.00 95.67  ? 205 MPD A O4  1 
HETATM 872 C C5  . MPD E 3 .   ? -37.844 -6.571  35.482  1.00 95.27  ? 205 MPD A C5  1 
HETATM 873 C C   . TRS F 2 .   ? 17.983  -0.736  -8.208  1.00 93.22  ? 201 TRS B C   1 
HETATM 874 C C1  . TRS F 2 .   ? 18.420  -1.231  -9.573  1.00 93.86  ? 201 TRS B C1  1 
HETATM 875 C C2  . TRS F 2 .   ? 18.291  -1.866  -7.200  1.00 93.37  ? 201 TRS B C2  1 
HETATM 876 C C3  . TRS F 2 .   ? 16.449  -0.450  -8.114  1.00 92.95  ? 201 TRS B C3  1 
HETATM 877 N N   . TRS F 2 .   ? 18.698  0.524   -8.097  1.00 92.94  ? 201 TRS B N   1 
HETATM 878 O O1  . TRS F 2 .   ? 17.781  -2.463  -9.806  1.00 94.88  ? 201 TRS B O1  1 
HETATM 879 O O2  . TRS F 2 .   ? 19.685  -2.162  -7.248  1.00 93.30  ? 201 TRS B O2  1 
HETATM 880 O O3  . TRS F 2 .   ? 16.187  0.272   -6.875  1.00 92.12  ? 201 TRS B O3  1 
HETATM 881 C C   . TRS G 2 .   ? 24.017  12.881  -24.124 1.00 76.71  ? 202 TRS B C   1 
HETATM 882 C C1  . TRS G 2 .   ? 23.650  11.589  -23.422 1.00 75.99  ? 202 TRS B C1  1 
HETATM 883 C C2  . TRS G 2 .   ? 22.768  13.800  -24.082 1.00 75.88  ? 202 TRS B C2  1 
HETATM 884 C C3  . TRS G 2 .   ? 24.400  12.685  -25.631 1.00 77.86  ? 202 TRS B C3  1 
HETATM 885 N N   . TRS G 2 .   ? 25.211  13.286  -23.408 1.00 76.13  ? 202 TRS B N   1 
HETATM 886 O O1  . TRS G 2 .   ? 22.498  11.083  -24.037 1.00 76.34  ? 202 TRS B O1  1 
HETATM 887 O O2  . TRS G 2 .   ? 22.383  14.014  -22.725 1.00 74.79  ? 202 TRS B O2  1 
HETATM 888 O O3  . TRS G 2 .   ? 23.210  12.296  -26.377 1.00 79.53  ? 202 TRS B O3  1 
HETATM 889 O O   . HOH H 4 .   ? -40.429 2.423   28.168  1.00 61.46  ? 1   HOH A O   1 
HETATM 890 O O   . HOH H 4 .   ? 1.470   -10.240 -4.490  1.00 40.95  ? 4   HOH A O   1 
HETATM 891 O O   . HOH H 4 .   ? 7.177   -10.204 -5.493  1.00 42.30  ? 5   HOH A O   1 
HETATM 892 O O   . HOH H 4 .   ? -13.553 -4.821  11.179  1.00 74.28  ? 6   HOH A O   1 
HETATM 893 O O   . HOH H 4 .   ? -37.454 2.212   17.741  1.00 57.61  ? 12  HOH A O   1 
HETATM 894 O O   . HOH H 4 .   ? -11.124 -6.565  11.987  1.00 69.47  ? 13  HOH A O   1 
HETATM 895 O O   . HOH H 4 .   ? -27.724 7.663   12.637  1.00 63.25  ? 15  HOH A O   1 
HETATM 896 O O   . HOH H 4 .   ? -19.676 1.505   6.871   1.00 56.18  ? 17  HOH A O   1 
HETATM 897 O O   . HOH H 4 .   ? -17.564 3.971   6.719   1.00 65.72  ? 18  HOH A O   1 
HETATM 898 O O   . HOH H 4 .   ? -0.654  -7.808  4.480   1.00 55.58  ? 19  HOH A O   1 
HETATM 899 O O   . HOH I 4 .   ? 21.254  -0.991  -12.601 1.00 71.23  ? 2   HOH B O   1 
HETATM 900 O O   . HOH I 4 .   ? 8.341   5.297   3.511   1.00 71.02  ? 3   HOH B O   1 
HETATM 901 O O   . HOH I 4 .   ? 11.167  -4.698  -5.105  1.00 67.64  ? 7   HOH B O   1 
HETATM 902 O O   . HOH I 4 .   ? 15.322  8.943   -23.309 1.00 55.85  ? 8   HOH B O   1 
HETATM 903 O O   . HOH I 4 .   ? 20.029  0.676   -18.674 1.00 66.30  ? 9   HOH B O   1 
HETATM 904 O O   . HOH I 4 .   ? 12.788  8.141   -11.932 1.00 48.99  ? 10  HOH B O   1 
HETATM 905 O O   . HOH I 4 .   ? 16.771  -1.046  -4.200  1.00 79.19  ? 11  HOH B O   1 
HETATM 906 O O   . HOH I 4 .   ? 27.510  12.262  -26.538 1.00 55.30  ? 14  HOH B O   1 
HETATM 907 O O   . HOH I 4 .   ? 9.985   6.919   -12.809 1.00 61.70  ? 16  HOH B O   1 
# 
